data_4RFE
#
_entry.id   4RFE
#
_cell.length_a   79.418
_cell.length_b   79.585
_cell.length_c   82.042
_cell.angle_alpha   78.79
_cell.angle_beta   82.89
_cell.angle_gamma   65.17
#
_symmetry.space_group_name_H-M   'P 1'
#
loop_
_entity.id
_entity.type
_entity.pdbx_description
1 polymer 'Fab heavy chain of ADCC-potent anti-HIV-1 antibody JR4'
2 polymer 'Fab light chain of ADCC-potent  anti-HIV-1 antibody JR4'
3 non-polymer 'SULFATE ION'
4 non-polymer 'CHLORIDE ION'
5 non-polymer GLYCEROL
6 water water
#
loop_
_entity_poly.entity_id
_entity_poly.type
_entity_poly.pdbx_seq_one_letter_code
_entity_poly.pdbx_strand_id
1 'polypeptide(L)'
;HSEVQLVESGPGLVKPLETLSLTCAVPGGSIRRNYWSWIRQPPGKGLEWIGHSYGSGGSTNYNPSLESRVTLSVDTSKNL
FSLKLTSVTAADTAVYYCARTVWYYTSGTHYFDHWGQGVLVTVSSASTKGPSVFPLAPSSRSTSESTAALGCLVKDYFPE
PVTVSWNSGSLTSGVHTFPAVLQSSGLYSLSSVVTVPSSSLGTQTYVCNVNHKPSNTKVDKRVEIKTCGGGSK
;
H,A,C,E
2 'polypeptide(L)'
;QSVLTQPPSVSAAPGQKVTISCSGSSSNIGRSYVSWYQQVPGAAPKLLIYDTNKRPSGVSDRFSGSKSGSSASLAITGLQ
TGDEADYYCGAWDGSLNVHIFGSGTKLTVLGQPKASPLVTLFPPSSEELQANKATLVCLISDFYPGVVKVAWKADGNSVN
TGVETTTPSKQSNNKYAASSYLSLTSDQWKSHKSYSCQVTHEGSTVEKTVAPTECS
;
L,B,D,F
#
loop_
_chem_comp.id
_chem_comp.type
_chem_comp.name
_chem_comp.formula
CL non-polymer 'CHLORIDE ION' 'Cl -1'
GOL non-polymer GLYCEROL 'C3 H8 O3'
SO4 non-polymer 'SULFATE ION' 'O4 S -2'
#
# COMPACT_ATOMS: atom_id res chain seq x y z
N GLN A 5 -23.95 2.17 -46.26
CA GLN A 5 -25.11 1.43 -45.71
C GLN A 5 -24.66 0.06 -45.17
N LEU A 6 -24.99 -0.23 -43.91
CA LEU A 6 -24.66 -1.53 -43.33
C LEU A 6 -25.85 -2.01 -42.57
N VAL A 7 -26.23 -3.27 -42.81
CA VAL A 7 -27.43 -3.86 -42.23
C VAL A 7 -27.13 -5.15 -41.49
N GLU A 8 -27.36 -5.13 -40.19
CA GLU A 8 -27.23 -6.34 -39.39
C GLU A 8 -28.51 -7.14 -39.45
N SER A 9 -28.36 -8.46 -39.32
CA SER A 9 -29.45 -9.37 -39.23
C SER A 9 -29.07 -10.46 -38.22
N GLY A 10 -29.99 -10.70 -37.30
CA GLY A 10 -29.80 -11.65 -36.23
C GLY A 10 -31.08 -12.43 -35.94
N PRO A 11 -30.98 -13.43 -35.05
CA PRO A 11 -32.12 -14.28 -34.73
C PRO A 11 -33.07 -13.74 -33.68
N GLY A 12 -32.72 -12.65 -33.02
CA GLY A 12 -33.55 -12.09 -31.95
C GLY A 12 -33.42 -12.83 -30.63
N LEU A 13 -33.64 -14.13 -30.66
CA LEU A 13 -33.56 -14.98 -29.46
C LEU A 13 -32.65 -16.18 -29.73
N VAL A 14 -31.87 -16.53 -28.70
CA VAL A 14 -30.99 -17.70 -28.75
C VAL A 14 -31.02 -18.32 -27.37
N LYS A 15 -30.98 -19.64 -27.29
CA LYS A 15 -31.03 -20.30 -25.97
C LYS A 15 -29.64 -20.40 -25.36
N PRO A 16 -29.54 -20.42 -24.02
CA PRO A 16 -28.22 -20.53 -23.44
C PRO A 16 -27.44 -21.72 -24.00
N LEU A 17 -26.12 -21.54 -24.12
CA LEU A 17 -25.16 -22.54 -24.67
C LEU A 17 -25.32 -22.86 -26.17
N GLU A 18 -26.28 -22.22 -26.86
CA GLU A 18 -26.31 -22.33 -28.31
C GLU A 18 -25.32 -21.36 -28.95
N THR A 19 -25.25 -21.41 -30.26
CA THR A 19 -24.38 -20.54 -31.04
C THR A 19 -25.19 -19.45 -31.62
N LEU A 20 -24.70 -18.22 -31.45
CA LEU A 20 -25.30 -17.08 -32.07
C LEU A 20 -24.62 -16.82 -33.38
N SER A 21 -25.42 -16.63 -34.44
CA SER A 21 -24.96 -16.33 -35.78
C SER A 21 -25.58 -15.02 -36.17
N LEU A 22 -24.72 -14.06 -36.47
CA LEU A 22 -25.18 -12.81 -37.02
C LEU A 22 -24.61 -12.61 -38.40
N THR A 23 -25.26 -11.74 -39.15
CA THR A 23 -24.81 -11.36 -40.43
C THR A 23 -24.84 -9.82 -40.59
N CYS A 24 -23.90 -9.29 -41.38
CA CYS A 24 -23.84 -7.86 -41.68
C CYS A 24 -23.72 -7.71 -43.20
N ALA A 25 -24.70 -7.04 -43.83
CA ALA A 25 -24.70 -6.90 -45.27
C ALA A 25 -24.09 -5.57 -45.66
N VAL A 26 -23.23 -5.60 -46.68
CA VAL A 26 -22.48 -4.45 -47.15
C VAL A 26 -22.84 -4.25 -48.64
N PRO A 27 -24.05 -3.69 -48.93
CA PRO A 27 -24.36 -3.40 -50.34
C PRO A 27 -23.44 -2.32 -50.88
N GLY A 28 -23.25 -2.27 -52.18
CA GLY A 28 -22.40 -1.18 -52.67
C GLY A 28 -20.91 -1.49 -52.63
N GLY A 29 -20.55 -2.74 -52.32
CA GLY A 29 -19.22 -3.23 -52.66
C GLY A 29 -18.25 -3.06 -51.51
N SER A 30 -17.03 -2.63 -51.83
CA SER A 30 -16.05 -2.13 -50.83
C SER A 30 -15.77 -3.09 -49.67
N ILE A 31 -16.33 -4.30 -49.72
CA ILE A 31 -16.11 -5.23 -48.62
C ILE A 31 -14.68 -5.74 -48.67
N ARG A 32 -14.11 -5.90 -49.87
CA ARG A 32 -12.80 -6.54 -50.01
C ARG A 32 -11.59 -5.69 -49.54
N ARG A 33 -11.73 -4.38 -49.63
CA ARG A 33 -10.60 -3.47 -49.40
C ARG A 33 -10.73 -2.78 -48.01
N ASN A 34 -11.57 -3.35 -47.18
CA ASN A 34 -11.75 -2.84 -45.84
C ASN A 34 -11.65 -3.86 -44.73
N TYR A 35 -11.31 -3.36 -43.57
CA TYR A 35 -11.51 -3.99 -42.27
C TYR A 35 -12.96 -3.74 -41.77
N TRP A 36 -13.48 -4.72 -41.04
CA TRP A 36 -14.84 -4.77 -40.55
C TRP A 36 -14.83 -5.32 -39.15
N SER A 37 -15.56 -4.65 -38.26
CA SER A 37 -15.63 -5.09 -36.85
C SER A 37 -17.06 -5.43 -36.37
N TRP A 38 -17.15 -6.30 -35.37
CA TRP A 38 -18.34 -6.45 -34.54
C TRP A 38 -18.05 -5.82 -33.18
N ILE A 39 -19.06 -5.11 -32.71
CA ILE A 39 -19.01 -4.40 -31.44
C ILE A 39 -20.37 -4.66 -30.78
N ARG A 40 -20.37 -4.80 -29.45
CA ARG A 40 -21.65 -5.03 -28.78
C ARG A 40 -21.81 -4.15 -27.53
N GLN A 41 -23.06 -4.09 -27.06
CA GLN A 41 -23.47 -3.28 -25.93
C GLN A 41 -24.66 -3.92 -25.17
N PRO A 42 -24.36 -4.55 -24.02
CA PRO A 42 -25.36 -5.05 -23.11
C PRO A 42 -26.23 -3.90 -22.66
N PRO A 43 -27.50 -4.18 -22.37
CA PRO A 43 -28.46 -3.09 -22.01
C PRO A 43 -27.95 -2.32 -20.79
N GLY A 44 -27.87 -0.99 -20.91
CA GLY A 44 -27.44 -0.19 -19.76
C GLY A 44 -25.93 -0.08 -19.60
N LYS A 45 -25.17 -0.75 -20.50
CA LYS A 45 -23.72 -0.79 -20.35
C LYS A 45 -22.89 -0.19 -21.51
N GLY A 46 -21.57 -0.32 -21.43
CA GLY A 46 -20.65 0.26 -22.38
C GLY A 46 -20.44 -0.59 -23.62
N LEU A 47 -19.75 -0.02 -24.61
CA LEU A 47 -19.33 -0.70 -25.86
C LEU A 47 -18.14 -1.66 -25.63
N GLU A 48 -18.15 -2.76 -26.37
CA GLU A 48 -17.10 -3.79 -26.31
C GLU A 48 -16.83 -4.24 -27.74
N TRP A 49 -15.58 -4.10 -28.16
CA TRP A 49 -15.15 -4.52 -29.48
C TRP A 49 -14.95 -6.04 -29.43
N ILE A 50 -15.55 -6.75 -30.35
CA ILE A 50 -15.45 -8.22 -30.38
C ILE A 50 -14.26 -8.67 -31.22
N GLY A 51 -14.10 -8.01 -32.38
CA GLY A 51 -12.98 -8.29 -33.25
C GLY A 51 -13.15 -7.68 -34.64
N HIS A 52 -12.08 -7.77 -35.42
CA HIS A 52 -12.16 -7.37 -36.82
C HIS A 52 -11.63 -8.45 -37.75
N SER A 53 -12.01 -8.32 -39.01
CA SER A 53 -11.49 -9.14 -40.15
C SER A 53 -11.22 -8.20 -41.28
N TYR A 54 -10.24 -8.54 -42.11
CA TYR A 54 -10.01 -7.85 -43.36
C TYR A 54 -10.84 -8.50 -44.42
N GLY A 55 -11.37 -7.67 -45.32
CA GLY A 55 -12.15 -8.14 -46.45
C GLY A 55 -11.53 -9.21 -47.36
N SER A 56 -10.21 -9.44 -47.31
CA SER A 56 -9.53 -10.45 -48.18
C SER A 56 -8.44 -11.27 -47.46
N GLY A 57 -7.95 -10.76 -46.32
CA GLY A 57 -7.02 -11.55 -45.46
C GLY A 57 -7.06 -13.07 -45.76
N GLY A 58 -8.13 -13.75 -45.40
CA GLY A 58 -9.05 -13.31 -44.37
C GLY A 58 -8.31 -13.50 -43.06
N SER A 59 -7.58 -12.47 -42.69
CA SER A 59 -6.98 -12.33 -41.39
C SER A 59 -8.10 -11.90 -40.42
N THR A 60 -7.90 -12.21 -39.15
CA THR A 60 -8.87 -11.84 -38.13
C THR A 60 -8.09 -11.49 -36.87
N ASN A 61 -8.69 -10.67 -36.01
CA ASN A 61 -8.07 -10.27 -34.79
C ASN A 61 -9.21 -10.20 -33.80
N TYR A 62 -9.20 -10.98 -32.72
CA TYR A 62 -10.38 -11.02 -31.85
C TYR A 62 -10.03 -10.40 -30.49
N ASN A 63 -11.05 -9.90 -29.77
CA ASN A 63 -10.86 -9.59 -28.37
C ASN A 63 -10.42 -10.88 -27.65
N PRO A 64 -9.20 -10.91 -27.08
CA PRO A 64 -8.73 -12.13 -26.36
C PRO A 64 -9.72 -12.63 -25.31
N SER A 65 -10.50 -11.76 -24.69
CA SER A 65 -11.44 -12.24 -23.67
C SER A 65 -12.64 -13.06 -24.22
N LEU A 66 -12.82 -13.02 -25.55
CA LEU A 66 -13.89 -13.75 -26.25
C LEU A 66 -13.36 -14.77 -27.28
N GLU A 67 -12.03 -14.86 -27.38
CA GLU A 67 -11.37 -15.53 -28.50
C GLU A 67 -11.84 -16.94 -28.78
N SER A 68 -11.91 -17.78 -27.77
CA SER A 68 -12.23 -19.20 -27.99
C SER A 68 -13.68 -19.36 -28.53
N ARG A 69 -14.45 -18.31 -28.32
CA ARG A 69 -15.87 -18.36 -28.65
C ARG A 69 -16.22 -17.72 -30.01
N VAL A 70 -15.31 -16.91 -30.55
CA VAL A 70 -15.61 -16.05 -31.71
C VAL A 70 -15.10 -16.60 -33.03
N THR A 71 -15.92 -16.50 -34.07
CA THR A 71 -15.42 -16.70 -35.44
C THR A 71 -15.96 -15.60 -36.33
N LEU A 72 -15.09 -14.75 -36.90
CA LEU A 72 -15.52 -13.83 -37.96
C LEU A 72 -15.16 -14.35 -39.35
N SER A 73 -16.03 -14.07 -40.31
CA SER A 73 -15.76 -14.42 -41.69
C SER A 73 -16.42 -13.45 -42.66
N VAL A 74 -15.89 -13.50 -43.88
CA VAL A 74 -16.30 -12.61 -44.95
C VAL A 74 -16.66 -13.51 -46.14
N ASP A 75 -17.86 -13.30 -46.65
CA ASP A 75 -18.23 -13.89 -47.94
C ASP A 75 -18.20 -12.78 -48.96
N THR A 76 -17.13 -12.72 -49.75
CA THR A 76 -16.95 -11.63 -50.72
C THR A 76 -18.00 -11.64 -51.81
N SER A 77 -18.43 -12.81 -52.23
CA SER A 77 -19.44 -12.85 -53.28
C SER A 77 -20.90 -12.56 -52.83
N LYS A 78 -21.26 -12.87 -51.56
CA LYS A 78 -22.59 -12.42 -51.07
C LYS A 78 -22.54 -11.03 -50.38
N ASN A 79 -21.33 -10.43 -50.34
CA ASN A 79 -21.04 -9.22 -49.57
C ASN A 79 -21.55 -9.35 -48.10
N LEU A 80 -21.20 -10.43 -47.43
CA LEU A 80 -21.67 -10.67 -46.04
C LEU A 80 -20.49 -10.81 -45.07
N PHE A 81 -20.55 -10.07 -43.97
CA PHE A 81 -19.57 -10.16 -42.87
C PHE A 81 -20.34 -10.81 -41.73
N SER A 82 -19.82 -11.93 -41.20
CA SER A 82 -20.55 -12.79 -40.26
C SER A 82 -19.85 -13.00 -38.91
N LEU A 83 -20.64 -13.20 -37.88
CA LEU A 83 -20.09 -13.50 -36.56
C LEU A 83 -20.75 -14.75 -36.08
N LYS A 84 -19.94 -15.68 -35.59
CA LYS A 84 -20.44 -16.81 -34.79
C LYS A 84 -19.89 -16.71 -33.39
N LEU A 85 -20.76 -16.88 -32.41
CA LEU A 85 -20.39 -16.78 -31.00
C LEU A 85 -20.98 -17.95 -30.28
N THR A 86 -20.10 -18.86 -29.86
CA THR A 86 -20.52 -20.13 -29.31
C THR A 86 -20.82 -20.01 -27.81
N SER A 87 -21.53 -21.02 -27.28
CA SER A 87 -21.83 -21.19 -25.84
C SER A 87 -22.31 -19.90 -25.20
N VAL A 88 -23.37 -19.32 -25.74
CA VAL A 88 -23.86 -18.06 -25.20
C VAL A 88 -24.44 -18.24 -23.82
N THR A 89 -24.41 -17.15 -23.04
CA THR A 89 -25.04 -17.05 -21.73
C THR A 89 -25.71 -15.66 -21.63
N ALA A 90 -26.28 -15.34 -20.48
CA ALA A 90 -27.06 -14.11 -20.35
C ALA A 90 -26.12 -12.93 -20.53
N ALA A 91 -24.85 -13.10 -20.21
CA ALA A 91 -23.83 -12.06 -20.44
C ALA A 91 -23.72 -11.64 -21.93
N ASP A 92 -24.11 -12.51 -22.85
CA ASP A 92 -24.06 -12.17 -24.24
C ASP A 92 -25.30 -11.44 -24.78
N THR A 93 -26.30 -11.26 -23.93
CA THR A 93 -27.46 -10.41 -24.29
C THR A 93 -26.93 -9.01 -24.48
N ALA A 94 -27.13 -8.45 -25.68
CA ALA A 94 -26.60 -7.15 -26.06
C ALA A 94 -27.15 -6.71 -27.37
N VAL A 95 -27.06 -5.41 -27.64
CA VAL A 95 -27.10 -4.99 -29.04
C VAL A 95 -25.76 -5.20 -29.75
N TYR A 96 -25.85 -5.78 -30.96
CA TYR A 96 -24.72 -6.17 -31.79
C TYR A 96 -24.62 -5.29 -33.01
N TYR A 97 -23.50 -4.58 -33.14
CA TYR A 97 -23.30 -3.65 -34.25
C TYR A 97 -22.21 -4.13 -35.14
N CYS A 98 -22.44 -3.97 -36.45
CA CYS A 98 -21.28 -4.07 -37.36
C CYS A 98 -20.78 -2.68 -37.75
N ALA A 99 -19.47 -2.58 -37.91
CA ALA A 99 -18.90 -1.27 -38.29
C ALA A 99 -17.73 -1.40 -39.23
N ARG A 100 -17.68 -0.55 -40.25
CA ARG A 100 -16.45 -0.34 -40.99
C ARG A 100 -15.33 0.19 -40.10
N THR A 101 -14.21 -0.49 -40.19
CA THR A 101 -13.04 -0.19 -39.36
C THR A 101 -11.90 0.39 -40.20
N VAL A 102 -11.44 1.57 -39.81
CA VAL A 102 -10.25 2.15 -40.42
C VAL A 102 -9.11 1.71 -39.51
N TRP A 103 -8.17 0.92 -40.04
CA TRP A 103 -7.07 0.38 -39.21
C TRP A 103 -5.74 0.57 -39.92
N TYR A 104 -4.87 1.42 -39.37
CA TYR A 104 -3.50 1.58 -39.89
C TYR A 104 -2.51 1.26 -38.78
N TYR A 105 -2.00 0.04 -38.86
CA TYR A 105 -1.04 -0.45 -37.91
C TYR A 105 0.11 0.55 -37.73
N THR A 106 0.59 1.11 -38.85
CA THR A 106 1.75 1.98 -38.82
C THR A 106 1.54 3.18 -37.88
N SER A 107 0.32 3.74 -37.83
CA SER A 107 0.08 4.93 -36.98
C SER A 107 -0.68 4.63 -35.69
N GLY A 108 -0.95 3.37 -35.42
CA GLY A 108 -1.82 2.97 -34.31
C GLY A 108 -3.15 3.74 -34.31
N THR A 109 -3.81 3.74 -35.46
CA THR A 109 -5.16 4.34 -35.60
C THR A 109 -6.16 3.25 -35.97
N HIS A 110 -7.10 3.01 -35.06
CA HIS A 110 -8.15 1.99 -35.18
C HIS A 110 -9.44 2.62 -34.71
N TYR A 111 -10.37 2.82 -35.65
CA TYR A 111 -11.63 3.49 -35.34
C TYR A 111 -12.74 3.11 -36.34
N PHE A 112 -13.98 3.47 -36.01
CA PHE A 112 -15.20 2.91 -36.62
C PHE A 112 -15.98 4.07 -37.19
N ASP A 113 -15.85 4.28 -38.50
CA ASP A 113 -16.41 5.48 -39.11
C ASP A 113 -17.82 5.29 -39.62
N HIS A 114 -18.23 4.04 -39.89
CA HIS A 114 -19.59 3.75 -40.40
C HIS A 114 -20.20 2.55 -39.67
N TRP A 115 -21.38 2.76 -39.09
CA TRP A 115 -21.99 1.80 -38.16
C TRP A 115 -23.31 1.34 -38.78
N GLY A 116 -23.66 0.07 -38.55
CA GLY A 116 -25.04 -0.39 -38.72
C GLY A 116 -26.01 0.11 -37.64
N GLN A 117 -27.26 -0.33 -37.69
CA GLN A 117 -28.24 0.27 -36.82
C GLN A 117 -28.21 -0.57 -35.56
N GLY A 118 -27.70 -1.78 -35.72
CA GLY A 118 -27.58 -2.74 -34.62
C GLY A 118 -28.80 -3.63 -34.43
N VAL A 119 -28.57 -4.87 -33.99
CA VAL A 119 -29.65 -5.79 -33.67
C VAL A 119 -29.56 -6.27 -32.21
N LEU A 120 -30.68 -6.29 -31.50
CA LEU A 120 -30.71 -6.86 -30.16
C LEU A 120 -30.71 -8.39 -30.25
N VAL A 121 -29.89 -9.01 -29.39
CA VAL A 121 -29.90 -10.48 -29.25
C VAL A 121 -30.20 -10.74 -27.81
N THR A 122 -31.21 -11.57 -27.54
CA THR A 122 -31.56 -11.89 -26.15
C THR A 122 -31.34 -13.38 -25.89
N VAL A 123 -30.51 -13.67 -24.88
CA VAL A 123 -30.20 -15.02 -24.42
C VAL A 123 -30.94 -15.23 -23.09
N SER A 124 -31.90 -16.15 -23.04
CA SER A 124 -32.62 -16.32 -21.76
C SER A 124 -32.85 -17.78 -21.35
N SER A 125 -32.41 -18.12 -20.12
CA SER A 125 -32.66 -19.44 -19.53
C SER A 125 -34.04 -19.45 -18.83
N ALA A 126 -34.65 -18.27 -18.78
CA ALA A 126 -35.89 -18.08 -18.06
C ALA A 126 -37.12 -18.63 -18.75
N SER A 127 -37.94 -19.29 -17.94
CA SER A 127 -39.25 -19.71 -18.35
C SER A 127 -40.20 -18.92 -17.47
N THR A 128 -41.47 -18.88 -17.82
CA THR A 128 -42.46 -18.13 -17.03
C THR A 128 -42.46 -18.62 -15.57
N LYS A 129 -42.43 -17.65 -14.65
CA LYS A 129 -42.38 -17.95 -13.24
C LYS A 129 -43.04 -16.76 -12.51
N GLY A 130 -43.87 -17.12 -11.53
CA GLY A 130 -44.53 -16.13 -10.70
C GLY A 130 -43.66 -15.70 -9.54
N PRO A 131 -43.86 -14.47 -9.08
CA PRO A 131 -43.00 -13.86 -8.06
C PRO A 131 -43.34 -14.33 -6.64
N SER A 132 -42.39 -14.21 -5.70
CA SER A 132 -42.71 -14.23 -4.26
C SER A 132 -42.95 -12.78 -3.92
N VAL A 133 -43.82 -12.50 -2.94
CA VAL A 133 -44.06 -11.10 -2.58
C VAL A 133 -43.80 -10.91 -1.09
N PHE A 134 -42.89 -10.00 -0.73
CA PHE A 134 -42.54 -9.75 0.66
C PHE A 134 -42.73 -8.28 1.01
N PRO A 135 -43.04 -7.99 2.30
CA PRO A 135 -43.21 -6.62 2.77
C PRO A 135 -41.84 -5.92 2.87
N LEU A 136 -41.81 -4.63 2.53
CA LEU A 136 -40.65 -3.81 2.78
C LEU A 136 -41.01 -2.81 3.87
N ALA A 137 -40.48 -3.08 5.06
CA ALA A 137 -40.74 -2.24 6.22
C ALA A 137 -39.45 -1.80 6.90
N PRO A 138 -39.40 -0.50 7.27
CA PRO A 138 -38.36 0.21 8.04
C PRO A 138 -37.86 -0.58 9.25
N SER A 144 -38.74 11.73 13.41
CA SER A 144 -38.16 13.07 13.16
C SER A 144 -38.38 13.53 11.72
N GLU A 145 -38.28 12.58 10.79
CA GLU A 145 -38.62 12.78 9.38
C GLU A 145 -40.09 13.05 9.22
N SER A 146 -40.44 13.81 8.19
CA SER A 146 -41.85 14.09 7.92
C SER A 146 -42.53 12.92 7.22
N THR A 147 -41.74 12.03 6.62
CA THR A 147 -42.29 10.92 5.83
C THR A 147 -41.59 9.62 6.16
N ALA A 148 -42.28 8.50 5.97
CA ALA A 148 -41.63 7.19 6.01
C ALA A 148 -41.94 6.45 4.71
N ALA A 149 -41.14 5.44 4.39
CA ALA A 149 -41.36 4.67 3.17
C ALA A 149 -41.68 3.24 3.54
N LEU A 150 -42.77 2.71 3.01
CA LEU A 150 -42.96 1.25 3.07
C LEU A 150 -43.28 0.67 1.70
N GLY A 151 -43.03 -0.61 1.51
CA GLY A 151 -43.29 -1.15 0.19
C GLY A 151 -43.45 -2.64 0.12
N CYS A 152 -43.35 -3.14 -1.11
CA CYS A 152 -43.41 -4.57 -1.41
C CYS A 152 -42.35 -4.87 -2.40
N LEU A 153 -41.67 -5.98 -2.12
CA LEU A 153 -40.65 -6.54 -2.96
C LEU A 153 -41.35 -7.61 -3.75
N VAL A 154 -41.21 -7.57 -5.07
CA VAL A 154 -41.84 -8.58 -5.92
C VAL A 154 -40.66 -9.32 -6.54
N LYS A 155 -40.44 -10.54 -6.08
CA LYS A 155 -39.14 -11.18 -6.28
C LYS A 155 -39.19 -12.35 -7.25
N ASP A 156 -38.25 -12.32 -8.19
CA ASP A 156 -37.91 -13.43 -9.12
C ASP A 156 -39.08 -13.87 -9.98
N TYR A 157 -39.49 -13.01 -10.91
CA TYR A 157 -40.55 -13.40 -11.81
C TYR A 157 -40.09 -13.30 -13.26
N PHE A 158 -40.81 -13.97 -14.15
CA PHE A 158 -40.57 -13.84 -15.61
C PHE A 158 -41.85 -14.18 -16.39
N PRO A 159 -42.15 -13.44 -17.50
CA PRO A 159 -41.47 -12.24 -18.00
C PRO A 159 -42.06 -10.98 -17.34
N GLU A 160 -41.60 -9.81 -17.76
CA GLU A 160 -42.33 -8.59 -17.49
C GLU A 160 -43.71 -8.69 -18.14
N PRO A 161 -44.67 -7.87 -17.74
CA PRO A 161 -44.66 -6.91 -16.64
C PRO A 161 -45.41 -7.46 -15.40
N VAL A 162 -45.34 -6.71 -14.31
CA VAL A 162 -46.19 -6.93 -13.15
C VAL A 162 -46.82 -5.59 -12.83
N THR A 163 -48.02 -5.60 -12.23
CA THR A 163 -48.60 -4.36 -11.73
C THR A 163 -48.81 -4.43 -10.24
N VAL A 164 -48.78 -3.26 -9.62
CA VAL A 164 -48.85 -3.12 -8.19
C VAL A 164 -49.74 -1.88 -7.94
N SER A 165 -50.79 -2.06 -7.17
CA SER A 165 -51.57 -0.93 -6.70
C SER A 165 -51.59 -1.08 -5.21
N TRP A 166 -52.03 -0.03 -4.53
CA TRP A 166 -52.03 -0.02 -3.08
C TRP A 166 -53.45 0.21 -2.57
N ASN A 167 -53.86 -0.60 -1.60
CA ASN A 167 -55.21 -0.50 -0.99
C ASN A 167 -56.31 -0.58 -2.05
N SER A 168 -56.13 -1.54 -2.96
CA SER A 168 -57.07 -1.82 -4.06
C SER A 168 -57.27 -0.66 -5.05
N GLY A 169 -56.27 0.22 -5.15
CA GLY A 169 -56.35 1.31 -6.11
C GLY A 169 -56.82 2.61 -5.49
N SER A 170 -57.17 2.54 -4.22
CA SER A 170 -57.65 3.73 -3.50
C SER A 170 -56.50 4.65 -3.10
N LEU A 171 -55.31 4.09 -2.89
CA LEU A 171 -54.13 4.89 -2.56
C LEU A 171 -53.26 5.11 -3.79
N THR A 172 -53.20 6.35 -4.25
CA THR A 172 -52.42 6.69 -5.44
C THR A 172 -51.31 7.69 -5.23
N SER A 173 -51.48 8.58 -4.26
CA SER A 173 -50.52 9.63 -3.99
C SER A 173 -49.31 9.09 -3.20
N GLY A 174 -48.11 9.50 -3.58
CA GLY A 174 -46.90 9.03 -2.89
C GLY A 174 -46.49 7.59 -3.24
N VAL A 175 -47.05 7.06 -4.32
CA VAL A 175 -46.71 5.69 -4.78
C VAL A 175 -45.59 5.75 -5.82
N HIS A 176 -44.55 4.93 -5.64
CA HIS A 176 -43.50 4.88 -6.62
C HIS A 176 -43.15 3.42 -6.88
N THR A 177 -43.46 2.94 -8.07
CA THR A 177 -43.13 1.57 -8.44
C THR A 177 -41.85 1.66 -9.28
N PHE A 178 -40.81 0.97 -8.85
CA PHE A 178 -39.52 1.12 -9.48
C PHE A 178 -39.41 0.16 -10.65
N PRO A 179 -38.68 0.55 -11.68
CA PRO A 179 -38.45 -0.40 -12.79
C PRO A 179 -37.74 -1.64 -12.27
N ALA A 180 -37.96 -2.75 -12.94
CA ALA A 180 -37.43 -4.02 -12.51
C ALA A 180 -35.95 -4.12 -12.78
N VAL A 181 -35.30 -4.92 -11.93
CA VAL A 181 -33.95 -5.36 -12.21
C VAL A 181 -34.02 -6.74 -12.87
N LEU A 182 -33.02 -7.05 -13.71
CA LEU A 182 -32.90 -8.37 -14.31
C LEU A 182 -31.65 -8.99 -13.71
N GLN A 183 -31.82 -10.10 -13.05
CA GLN A 183 -30.67 -10.72 -12.43
C GLN A 183 -30.04 -11.71 -13.40
N SER A 184 -28.83 -12.14 -13.05
CA SER A 184 -28.08 -13.10 -13.86
C SER A 184 -28.83 -14.42 -13.98
N SER A 185 -29.75 -14.69 -13.06
CA SER A 185 -30.60 -15.87 -13.17
C SER A 185 -31.55 -15.79 -14.36
N GLY A 186 -31.72 -14.61 -14.93
CA GLY A 186 -32.74 -14.44 -15.96
C GLY A 186 -34.10 -13.99 -15.45
N LEU A 187 -34.24 -13.90 -14.12
CA LEU A 187 -35.48 -13.51 -13.47
C LEU A 187 -35.42 -12.03 -13.03
N TYR A 188 -36.59 -11.39 -13.00
CA TYR A 188 -36.74 -9.98 -12.64
C TYR A 188 -37.19 -9.85 -11.18
N SER A 189 -36.91 -8.69 -10.58
CA SER A 189 -37.52 -8.32 -9.32
C SER A 189 -37.84 -6.85 -9.46
N LEU A 190 -38.86 -6.38 -8.74
CA LEU A 190 -39.10 -4.94 -8.64
C LEU A 190 -39.61 -4.62 -7.24
N SER A 191 -39.63 -3.33 -6.91
CA SER A 191 -40.17 -2.93 -5.62
C SER A 191 -41.15 -1.76 -5.84
N SER A 192 -42.15 -1.68 -4.98
CA SER A 192 -43.09 -0.57 -5.06
C SER A 192 -43.16 -0.08 -3.66
N VAL A 193 -43.14 1.23 -3.51
CA VAL A 193 -43.08 1.86 -2.20
C VAL A 193 -44.05 3.00 -2.13
N VAL A 194 -44.65 3.18 -0.96
CA VAL A 194 -45.52 4.31 -0.75
C VAL A 194 -44.85 5.21 0.27
N THR A 195 -44.84 6.51 -0.03
CA THR A 195 -44.26 7.46 0.90
C THR A 195 -45.40 8.13 1.65
N VAL A 196 -45.36 8.04 2.97
CA VAL A 196 -46.48 8.45 3.80
C VAL A 196 -46.01 9.36 4.94
N PRO A 197 -46.90 10.27 5.41
CA PRO A 197 -46.51 11.06 6.59
C PRO A 197 -46.14 10.14 7.75
N SER A 198 -45.11 10.51 8.49
CA SER A 198 -44.64 9.70 9.63
C SER A 198 -45.72 9.35 10.66
N SER A 199 -46.52 10.35 11.04
CA SER A 199 -47.65 10.21 11.97
C SER A 199 -48.74 9.23 11.49
N SER A 200 -48.79 9.00 10.19
CA SER A 200 -49.75 8.05 9.63
C SER A 200 -49.33 6.59 9.84
N LEU A 201 -48.22 6.35 10.53
CA LEU A 201 -47.66 4.99 10.58
C LEU A 201 -48.50 3.95 11.34
N GLY A 202 -48.81 4.22 12.59
CA GLY A 202 -49.69 3.33 13.35
C GLY A 202 -51.20 3.56 13.16
N THR A 203 -51.60 4.54 12.33
CA THR A 203 -53.02 4.90 12.23
C THR A 203 -53.67 4.52 10.90
N GLN A 204 -52.92 3.83 10.03
CA GLN A 204 -53.44 3.43 8.73
C GLN A 204 -52.83 2.10 8.28
N THR A 205 -53.56 1.38 7.45
CA THR A 205 -53.04 0.13 6.94
C THR A 205 -52.72 0.25 5.46
N TYR A 206 -51.79 -0.60 5.02
CA TYR A 206 -51.22 -0.54 3.68
C TYR A 206 -51.06 -1.97 3.15
N VAL A 207 -51.73 -2.23 2.04
CA VAL A 207 -51.70 -3.51 1.35
C VAL A 207 -51.32 -3.24 -0.09
N CYS A 208 -50.28 -3.93 -0.57
CA CYS A 208 -49.91 -3.92 -1.99
C CYS A 208 -50.67 -5.04 -2.65
N ASN A 209 -51.15 -4.75 -3.85
CA ASN A 209 -51.91 -5.72 -4.63
C ASN A 209 -51.08 -6.03 -5.87
N VAL A 210 -50.50 -7.23 -5.91
CA VAL A 210 -49.56 -7.55 -6.96
C VAL A 210 -50.28 -8.41 -7.95
N ASN A 211 -50.12 -8.15 -9.26
CA ASN A 211 -50.68 -9.02 -10.32
C ASN A 211 -49.57 -9.37 -11.32
N HIS A 212 -49.21 -10.65 -11.46
CA HIS A 212 -48.34 -11.12 -12.52
C HIS A 212 -49.14 -12.08 -13.42
N LYS A 213 -49.83 -11.50 -14.39
CA LYS A 213 -50.75 -12.19 -15.29
C LYS A 213 -50.14 -13.39 -16.02
N PRO A 214 -48.88 -13.27 -16.49
CA PRO A 214 -48.37 -14.44 -17.24
C PRO A 214 -48.27 -15.71 -16.42
N SER A 215 -48.20 -15.59 -15.08
CA SER A 215 -48.15 -16.77 -14.18
C SER A 215 -49.43 -16.95 -13.35
N ASN A 216 -50.47 -16.20 -13.69
CA ASN A 216 -51.73 -16.21 -12.96
C ASN A 216 -51.47 -15.98 -11.45
N THR A 217 -50.56 -15.04 -11.15
CA THR A 217 -50.23 -14.77 -9.75
C THR A 217 -50.86 -13.50 -9.26
N LYS A 218 -51.68 -13.59 -8.20
CA LYS A 218 -52.28 -12.38 -7.56
C LYS A 218 -52.14 -12.52 -6.05
N VAL A 219 -51.36 -11.62 -5.44
CA VAL A 219 -51.10 -11.62 -4.01
C VAL A 219 -51.41 -10.23 -3.43
N ASP A 220 -52.11 -10.22 -2.29
CA ASP A 220 -52.25 -9.01 -1.42
C ASP A 220 -51.37 -9.19 -0.20
N LYS A 221 -50.54 -8.20 0.11
CA LYS A 221 -49.64 -8.30 1.25
C LYS A 221 -49.73 -7.07 2.12
N ARG A 222 -50.05 -7.27 3.38
CA ARG A 222 -50.05 -6.18 4.36
C ARG A 222 -48.61 -5.87 4.73
N VAL A 223 -48.29 -4.58 4.79
CA VAL A 223 -46.99 -4.06 5.17
C VAL A 223 -47.12 -3.32 6.51
N GLU A 224 -46.37 -3.76 7.52
CA GLU A 224 -46.52 -3.16 8.85
C GLU A 224 -45.17 -2.93 9.53
N VAL B 3 -8.24 -0.86 -19.45
CA VAL B 3 -9.35 0.13 -19.02
C VAL B 3 -9.09 1.56 -19.43
N LEU B 4 -10.02 2.16 -20.16
CA LEU B 4 -9.95 3.60 -20.36
C LEU B 4 -11.02 4.31 -19.49
N THR B 5 -10.53 5.12 -18.57
CA THR B 5 -11.34 5.58 -17.46
C THR B 5 -11.88 6.94 -17.85
N GLN B 6 -13.21 7.03 -17.92
CA GLN B 6 -13.93 8.29 -18.15
C GLN B 6 -14.78 8.69 -16.91
N PRO B 7 -15.07 9.99 -16.73
CA PRO B 7 -15.93 10.29 -15.56
C PRO B 7 -17.35 9.82 -15.94
N PRO B 8 -18.05 9.15 -15.04
CA PRO B 8 -19.38 8.66 -15.40
C PRO B 8 -20.33 9.79 -15.78
N SER B 9 -20.19 10.96 -15.15
CA SER B 9 -21.11 12.08 -15.37
C SER B 9 -20.38 13.44 -15.42
N VAL B 10 -20.70 14.22 -16.72
CA VAL B 10 -20.20 15.56 -16.89
C VAL B 10 -21.48 16.35 -17.27
N SER B 11 -21.62 17.60 -16.81
CA SER B 11 -22.87 18.34 -16.96
C SER B 11 -22.59 19.83 -16.92
N ALA B 12 -23.45 20.60 -17.57
CA ALA B 12 -23.37 22.05 -17.46
C ALA B 12 -24.63 22.62 -18.11
N ALA B 13 -24.92 23.91 -17.89
CA ALA B 13 -26.11 24.55 -18.46
C ALA B 13 -25.97 24.74 -20.00
N PRO B 14 -27.09 24.86 -20.74
CA PRO B 14 -26.95 25.15 -22.18
C PRO B 14 -26.12 26.41 -22.38
N GLY B 15 -25.33 26.47 -23.44
CA GLY B 15 -24.46 27.64 -23.68
C GLY B 15 -23.04 27.47 -23.10
N GLN B 16 -22.88 26.64 -22.09
CA GLN B 16 -21.58 26.47 -21.44
C GLN B 16 -20.63 25.50 -22.18
N LYS B 17 -19.42 25.37 -21.62
CA LYS B 17 -18.41 24.45 -22.17
C LYS B 17 -18.10 23.30 -21.21
N VAL B 18 -17.83 22.11 -21.75
CA VAL B 18 -17.43 21.02 -20.87
C VAL B 18 -16.28 20.25 -21.47
N THR B 19 -15.55 19.53 -20.62
CA THR B 19 -14.53 18.59 -21.05
C THR B 19 -14.75 17.22 -20.46
N ILE B 20 -14.38 16.19 -21.22
CA ILE B 20 -14.57 14.81 -20.83
C ILE B 20 -13.20 14.15 -20.94
N SER B 21 -12.67 13.65 -19.83
CA SER B 21 -11.35 13.02 -19.81
C SER B 21 -11.44 11.54 -20.18
N CYS B 22 -10.34 10.97 -20.63
CA CYS B 22 -10.28 9.56 -21.00
C CYS B 22 -8.84 9.14 -20.65
N SER B 23 -8.65 8.38 -19.59
CA SER B 23 -7.30 8.14 -19.08
C SER B 23 -6.88 6.68 -19.34
N GLY B 24 -5.80 6.47 -20.09
CA GLY B 24 -5.39 5.11 -20.39
C GLY B 24 -4.03 4.73 -19.85
N SER B 25 -3.28 4.01 -20.65
CA SER B 25 -1.91 3.70 -20.30
C SER B 25 -1.06 3.85 -21.55
N SER B 26 0.27 3.81 -21.33
CA SER B 26 1.21 3.97 -22.42
C SER B 26 1.03 2.91 -23.53
N SER B 27 0.42 1.76 -23.24
CA SER B 27 0.23 0.74 -24.30
C SER B 27 -0.97 1.06 -25.24
N ASN B 28 -1.82 1.99 -24.82
CA ASN B 28 -2.92 2.42 -25.65
C ASN B 28 -2.89 3.89 -26.02
N ILE B 29 -3.43 4.77 -25.17
CA ILE B 29 -3.54 6.18 -25.53
C ILE B 29 -2.15 6.81 -25.76
N GLY B 30 -1.14 6.34 -25.01
CA GLY B 30 0.22 6.82 -25.15
C GLY B 30 0.82 6.62 -26.53
N ARG B 31 0.51 5.49 -27.19
CA ARG B 31 1.05 5.19 -28.54
C ARG B 31 0.03 5.22 -29.66
N SER B 32 -1.25 5.34 -29.32
CA SER B 32 -2.27 5.26 -30.34
C SER B 32 -3.07 6.56 -30.49
N TYR B 33 -3.63 6.74 -31.67
CA TYR B 33 -4.61 7.79 -31.92
C TYR B 33 -5.91 7.42 -31.23
N VAL B 34 -6.59 8.48 -30.78
CA VAL B 34 -7.77 8.35 -30.02
C VAL B 34 -8.98 8.72 -30.87
N SER B 35 -10.04 7.92 -30.71
CA SER B 35 -11.31 8.25 -31.35
C SER B 35 -12.42 8.48 -30.34
N TRP B 36 -13.44 9.25 -30.72
CA TRP B 36 -14.56 9.48 -29.80
C TRP B 36 -15.89 9.14 -30.47
N TYR B 37 -16.83 8.63 -29.66
CA TYR B 37 -18.17 8.26 -30.16
C TYR B 37 -19.30 8.87 -29.37
N GLN B 38 -20.34 9.30 -30.08
CA GLN B 38 -21.53 9.91 -29.46
C GLN B 38 -22.69 8.95 -29.64
N GLN B 39 -23.40 8.66 -28.56
CA GLN B 39 -24.54 7.78 -28.66
C GLN B 39 -25.73 8.46 -28.04
N VAL B 40 -26.56 9.06 -28.88
CA VAL B 40 -27.72 9.75 -28.33
C VAL B 40 -28.70 8.66 -27.87
N PRO B 41 -29.52 8.97 -26.85
CA PRO B 41 -30.35 7.82 -26.46
C PRO B 41 -31.50 7.70 -27.47
N GLY B 42 -31.89 6.53 -27.92
CA GLY B 42 -31.20 5.26 -27.81
C GLY B 42 -31.00 4.89 -29.29
N ALA B 43 -29.98 5.53 -29.86
CA ALA B 43 -29.50 5.33 -31.22
C ALA B 43 -28.21 4.48 -31.18
N ALA B 44 -27.71 4.14 -32.36
CA ALA B 44 -26.37 3.57 -32.53
C ALA B 44 -25.34 4.65 -32.20
N PRO B 45 -24.12 4.26 -31.74
CA PRO B 45 -23.01 5.23 -31.65
C PRO B 45 -22.71 5.80 -33.02
N LYS B 46 -22.22 7.04 -33.06
CA LYS B 46 -21.56 7.57 -34.28
C LYS B 46 -20.19 8.13 -33.95
N LEU B 47 -19.32 8.10 -34.95
CA LEU B 47 -17.95 8.57 -34.80
C LEU B 47 -18.03 10.07 -34.70
N LEU B 48 -17.46 10.61 -33.63
CA LEU B 48 -17.50 12.05 -33.46
C LEU B 48 -16.12 12.69 -33.77
N ILE B 49 -15.05 11.99 -33.37
CA ILE B 49 -13.64 12.45 -33.49
C ILE B 49 -12.81 11.23 -33.86
N TYR B 50 -11.97 11.35 -34.88
CA TYR B 50 -11.00 10.28 -35.16
C TYR B 50 -9.60 10.89 -35.27
N ASP B 51 -8.57 10.04 -35.26
CA ASP B 51 -7.17 10.49 -35.23
C ASP B 51 -6.92 11.55 -34.15
N THR B 52 -7.45 11.33 -32.96
CA THR B 52 -7.23 12.22 -31.82
C THR B 52 -7.93 13.60 -31.86
N ASN B 53 -7.89 14.26 -33.00
CA ASN B 53 -8.46 15.64 -33.06
C ASN B 53 -9.22 15.96 -34.30
N LYS B 54 -9.45 14.97 -35.16
CA LYS B 54 -10.09 15.29 -36.45
C LYS B 54 -11.61 15.04 -36.44
N ARG B 55 -12.36 15.86 -37.17
CA ARG B 55 -13.81 15.72 -37.21
C ARG B 55 -14.29 15.14 -38.54
N PRO B 56 -15.16 14.11 -38.49
CA PRO B 56 -15.79 13.69 -39.74
C PRO B 56 -16.75 14.78 -40.22
N SER B 57 -17.03 14.78 -41.51
CA SER B 57 -17.94 15.74 -42.10
C SER B 57 -19.26 15.61 -41.40
N GLY B 58 -19.86 16.77 -41.11
CA GLY B 58 -21.16 16.79 -40.46
C GLY B 58 -21.05 16.74 -38.95
N VAL B 59 -19.83 16.81 -38.42
CA VAL B 59 -19.63 17.02 -36.99
C VAL B 59 -19.21 18.47 -36.77
N SER B 60 -19.99 19.18 -35.93
CA SER B 60 -19.78 20.62 -35.67
C SER B 60 -18.40 20.97 -35.07
N ASP B 61 -17.84 22.14 -35.40
CA ASP B 61 -16.60 22.61 -34.76
C ASP B 61 -16.74 22.93 -33.24
N ARG B 62 -17.95 22.76 -32.69
CA ARG B 62 -18.15 22.81 -31.20
C ARG B 62 -17.52 21.60 -30.50
N PHE B 63 -17.26 20.53 -31.24
CA PHE B 63 -16.58 19.32 -30.73
C PHE B 63 -15.10 19.36 -31.03
N SER B 64 -14.24 19.09 -30.05
CA SER B 64 -12.79 19.15 -30.29
C SER B 64 -12.03 18.16 -29.42
N GLY B 65 -11.00 17.55 -29.99
CA GLY B 65 -10.30 16.45 -29.31
C GLY B 65 -8.81 16.73 -29.17
N SER B 66 -8.22 16.26 -28.08
CA SER B 66 -6.76 16.30 -27.94
C SER B 66 -6.29 15.16 -27.05
N LYS B 67 -4.97 14.96 -27.00
CA LYS B 67 -4.40 14.05 -26.02
C LYS B 67 -3.04 14.55 -25.52
N SER B 68 -2.69 14.09 -24.34
CA SER B 68 -1.46 14.43 -23.66
C SER B 68 -0.97 13.20 -22.94
N GLY B 69 0.13 12.62 -23.42
CA GLY B 69 0.64 11.42 -22.74
C GLY B 69 -0.32 10.24 -22.83
N SER B 70 -0.71 9.70 -21.67
CA SER B 70 -1.64 8.56 -21.59
C SER B 70 -3.13 8.94 -21.43
N SER B 71 -3.44 10.22 -21.62
CA SER B 71 -4.79 10.77 -21.33
C SER B 71 -5.29 11.59 -22.47
N ALA B 72 -6.59 11.47 -22.77
CA ALA B 72 -7.16 12.18 -23.91
C ALA B 72 -8.31 13.05 -23.39
N SER B 73 -8.75 14.00 -24.18
CA SER B 73 -9.84 14.84 -23.73
C SER B 73 -10.73 15.24 -24.91
N LEU B 74 -12.06 15.25 -24.71
CA LEU B 74 -13.01 15.79 -25.71
C LEU B 74 -13.66 17.05 -25.10
N ALA B 75 -13.67 18.13 -25.85
CA ALA B 75 -14.27 19.38 -25.38
C ALA B 75 -15.47 19.68 -26.26
N ILE B 76 -16.49 20.20 -25.61
CA ILE B 76 -17.70 20.62 -26.28
C ILE B 76 -18.04 22.02 -25.80
N THR B 77 -18.13 22.94 -26.75
CA THR B 77 -18.58 24.30 -26.41
C THR B 77 -20.04 24.56 -26.84
N GLY B 78 -20.61 25.69 -26.41
CA GLY B 78 -21.95 26.06 -26.79
C GLY B 78 -22.96 24.92 -26.59
N LEU B 79 -22.91 24.28 -25.41
CA LEU B 79 -23.69 23.07 -25.11
C LEU B 79 -25.15 23.25 -25.49
N GLN B 80 -25.71 22.26 -26.19
CA GLN B 80 -27.12 22.30 -26.63
C GLN B 80 -27.84 21.06 -26.17
N THR B 81 -29.17 21.15 -25.93
CA THR B 81 -29.93 20.01 -25.41
C THR B 81 -29.68 18.76 -26.29
N GLY B 82 -29.52 18.93 -27.63
CA GLY B 82 -29.23 17.78 -28.52
C GLY B 82 -27.90 17.07 -28.21
N ASP B 83 -27.04 17.72 -27.42
CA ASP B 83 -25.76 17.11 -27.11
C ASP B 83 -25.83 16.08 -25.99
N GLU B 84 -26.96 16.03 -25.26
CA GLU B 84 -27.12 15.16 -24.07
C GLU B 84 -27.06 13.72 -24.56
N ALA B 85 -26.08 12.95 -24.09
CA ALA B 85 -25.81 11.66 -24.78
C ALA B 85 -24.69 10.96 -24.03
N ASP B 86 -24.46 9.70 -24.36
CA ASP B 86 -23.26 9.04 -23.86
C ASP B 86 -22.07 9.27 -24.80
N TYR B 87 -20.89 9.50 -24.23
CA TYR B 87 -19.69 9.66 -25.06
C TYR B 87 -18.68 8.61 -24.67
N TYR B 88 -18.08 7.98 -25.67
CA TYR B 88 -17.05 6.92 -25.44
C TYR B 88 -15.77 7.29 -26.12
N CYS B 89 -14.63 7.20 -25.43
CA CYS B 89 -13.39 7.35 -26.19
C CYS B 89 -12.98 5.92 -26.63
N GLY B 90 -12.00 5.82 -27.52
CA GLY B 90 -11.51 4.49 -27.94
C GLY B 90 -10.09 4.60 -28.44
N ALA B 91 -9.25 3.61 -28.17
CA ALA B 91 -7.91 3.56 -28.72
C ALA B 91 -7.43 2.09 -28.90
N TRP B 92 -6.56 1.89 -29.88
CA TRP B 92 -5.98 0.56 -30.08
C TRP B 92 -4.94 0.32 -28.97
N ASP B 93 -4.89 -0.89 -28.41
CA ASP B 93 -3.86 -1.21 -27.45
C ASP B 93 -2.89 -2.17 -28.14
N GLY B 94 -1.65 -1.72 -28.29
CA GLY B 94 -0.65 -2.42 -29.07
C GLY B 94 0.07 -3.53 -28.33
N SER B 95 -0.27 -3.73 -27.05
CA SER B 95 0.29 -4.85 -26.27
C SER B 95 -0.67 -5.97 -26.32
N LEU B 96 -1.92 -5.63 -26.06
CA LEU B 96 -2.98 -6.60 -26.05
C LEU B 96 -3.51 -6.90 -27.45
N ASN B 97 -3.13 -6.08 -28.43
CA ASN B 97 -3.67 -6.15 -29.80
C ASN B 97 -5.18 -6.17 -29.83
N VAL B 98 -5.77 -5.13 -29.22
CA VAL B 98 -7.23 -4.98 -29.16
C VAL B 98 -7.67 -3.49 -29.13
N HIS B 99 -8.92 -3.24 -29.54
CA HIS B 99 -9.52 -1.94 -29.40
C HIS B 99 -10.11 -1.82 -27.97
N ILE B 100 -9.81 -0.76 -27.26
CA ILE B 100 -10.33 -0.63 -25.92
C ILE B 100 -11.25 0.58 -25.95
N PHE B 101 -12.53 0.37 -25.60
CA PHE B 101 -13.44 1.52 -25.47
C PHE B 101 -13.31 2.09 -24.06
N GLY B 102 -13.55 3.40 -23.89
CA GLY B 102 -13.63 3.95 -22.54
C GLY B 102 -14.86 3.47 -21.81
N SER B 103 -14.90 3.73 -20.51
CA SER B 103 -16.00 3.33 -19.67
C SER B 103 -17.28 4.18 -19.93
N GLY B 104 -17.14 5.30 -20.62
CA GLY B 104 -18.31 6.04 -21.13
C GLY B 104 -18.73 7.13 -20.16
N THR B 105 -19.17 8.29 -20.68
CA THR B 105 -19.58 9.45 -19.85
C THR B 105 -20.95 9.85 -20.35
N LYS B 106 -21.90 9.94 -19.42
CA LYS B 106 -23.14 10.60 -19.76
C LYS B 106 -22.93 12.09 -19.65
N LEU B 107 -23.19 12.80 -20.74
CA LEU B 107 -23.20 14.25 -20.70
C LEU B 107 -24.65 14.70 -20.47
N THR B 108 -24.88 15.45 -19.40
CA THR B 108 -26.21 15.97 -19.12
C THR B 108 -26.19 17.46 -19.35
N VAL B 109 -27.17 17.99 -20.11
CA VAL B 109 -27.35 19.41 -20.34
C VAL B 109 -28.41 19.86 -19.33
N LEU B 110 -28.00 20.57 -18.29
CA LEU B 110 -28.87 20.85 -17.14
C LEU B 110 -29.97 21.90 -17.55
N GLY B 111 -31.29 21.79 -17.40
CA GLY B 111 -32.22 20.83 -16.97
C GLY B 111 -33.13 21.57 -15.97
N GLN B 112 -32.58 21.55 -14.79
CA GLN B 112 -33.23 21.87 -13.56
C GLN B 112 -32.07 21.76 -12.55
N PRO B 113 -32.34 22.04 -11.28
CA PRO B 113 -31.19 22.01 -10.40
C PRO B 113 -30.72 20.59 -10.16
N LYS B 114 -29.45 20.46 -9.86
CA LYS B 114 -28.91 19.23 -9.33
C LYS B 114 -29.73 18.84 -8.08
N ALA B 115 -29.93 17.53 -7.94
CA ALA B 115 -30.71 17.00 -6.84
C ALA B 115 -30.04 15.70 -6.38
N SER B 116 -29.73 15.63 -5.10
CA SER B 116 -29.07 14.45 -4.52
C SER B 116 -30.07 13.32 -4.31
N PRO B 117 -29.64 12.05 -4.49
CA PRO B 117 -30.59 10.99 -4.37
C PRO B 117 -31.15 10.81 -2.93
N LEU B 118 -32.40 10.40 -2.83
CA LEU B 118 -33.02 9.99 -1.58
C LEU B 118 -32.85 8.47 -1.61
N VAL B 119 -32.26 7.93 -0.56
CA VAL B 119 -31.89 6.48 -0.52
C VAL B 119 -32.68 5.82 0.62
N THR B 120 -33.32 4.70 0.33
CA THR B 120 -33.99 3.92 1.34
C THR B 120 -33.42 2.50 1.24
N LEU B 121 -32.95 1.95 2.37
CA LEU B 121 -32.42 0.57 2.36
C LEU B 121 -33.34 -0.27 3.20
N PHE B 122 -33.92 -1.31 2.63
CA PHE B 122 -34.76 -2.19 3.41
C PHE B 122 -34.04 -3.48 3.76
N PRO B 123 -34.16 -3.90 5.05
CA PRO B 123 -33.74 -5.22 5.47
C PRO B 123 -34.63 -6.33 4.90
N PRO B 124 -34.16 -7.58 4.93
CA PRO B 124 -35.03 -8.65 4.50
C PRO B 124 -36.20 -8.80 5.47
N SER B 125 -37.40 -9.09 4.96
CA SER B 125 -38.61 -9.42 5.77
C SER B 125 -38.46 -10.73 6.54
N SER B 126 -39.20 -10.82 7.64
CA SER B 126 -39.29 -12.09 8.40
C SER B 126 -39.73 -13.26 7.50
N GLU B 127 -40.71 -12.99 6.62
CA GLU B 127 -41.26 -14.01 5.71
C GLU B 127 -40.19 -14.60 4.80
N GLU B 128 -39.37 -13.75 4.16
CA GLU B 128 -38.30 -14.28 3.28
C GLU B 128 -37.23 -15.07 4.09
N LEU B 129 -36.89 -14.54 5.26
CA LEU B 129 -35.97 -15.22 6.17
C LEU B 129 -36.41 -16.64 6.57
N GLN B 130 -37.72 -16.83 6.78
CA GLN B 130 -38.23 -18.18 7.09
C GLN B 130 -38.04 -19.12 5.91
N ALA B 131 -37.89 -18.57 4.72
CA ALA B 131 -37.58 -19.34 3.53
C ALA B 131 -36.08 -19.44 3.26
N ASN B 132 -35.26 -19.05 4.26
CA ASN B 132 -33.78 -19.16 4.24
C ASN B 132 -33.03 -18.26 3.22
N LYS B 133 -33.65 -17.12 2.92
CA LYS B 133 -33.13 -16.15 2.00
C LYS B 133 -33.30 -14.75 2.62
N ALA B 134 -32.55 -13.79 2.11
CA ALA B 134 -32.57 -12.40 2.59
C ALA B 134 -32.15 -11.58 1.40
N THR B 135 -33.09 -10.81 0.90
CA THR B 135 -32.80 -9.91 -0.18
C THR B 135 -32.80 -8.49 0.45
N LEU B 136 -31.72 -7.73 0.26
CA LEU B 136 -31.66 -6.34 0.75
C LEU B 136 -32.02 -5.46 -0.41
N VAL B 137 -32.77 -4.42 -0.16
CA VAL B 137 -33.30 -3.65 -1.28
C VAL B 137 -32.97 -2.18 -1.04
N CYS B 138 -32.21 -1.61 -1.98
CA CYS B 138 -31.75 -0.25 -1.91
C CYS B 138 -32.44 0.56 -3.03
N LEU B 139 -33.27 1.48 -2.59
CA LEU B 139 -34.06 2.27 -3.53
C LEU B 139 -33.53 3.70 -3.60
N ILE B 140 -33.34 4.21 -4.83
CA ILE B 140 -32.62 5.48 -5.01
C ILE B 140 -33.50 6.33 -5.89
N SER B 141 -33.90 7.51 -5.40
CA SER B 141 -34.84 8.32 -6.19
C SER B 141 -34.56 9.80 -6.17
N ASP B 142 -35.26 10.51 -7.04
CA ASP B 142 -35.10 11.96 -7.20
C ASP B 142 -33.69 12.54 -7.35
N PHE B 143 -32.83 11.92 -8.14
CA PHE B 143 -31.51 12.47 -8.28
C PHE B 143 -31.40 13.01 -9.68
N TYR B 144 -30.56 14.04 -9.83
CA TYR B 144 -30.31 14.65 -11.15
C TYR B 144 -28.93 15.30 -11.10
N PRO B 145 -28.08 15.13 -12.12
CA PRO B 145 -28.08 14.27 -13.32
C PRO B 145 -28.34 12.81 -12.96
N GLY B 146 -28.79 12.03 -13.95
CA GLY B 146 -29.29 10.70 -13.72
C GLY B 146 -28.13 9.71 -13.79
N VAL B 147 -27.15 9.88 -12.93
CA VAL B 147 -26.02 8.95 -12.89
C VAL B 147 -25.67 8.72 -11.43
N VAL B 148 -25.46 7.46 -11.04
CA VAL B 148 -25.00 7.14 -9.70
C VAL B 148 -24.10 5.92 -9.72
N LYS B 149 -23.24 5.80 -8.71
CA LYS B 149 -22.49 4.56 -8.50
C LYS B 149 -23.00 3.98 -7.20
N VAL B 150 -23.34 2.70 -7.22
CA VAL B 150 -23.77 1.99 -6.03
C VAL B 150 -22.72 0.97 -5.56
N ALA B 151 -22.38 1.03 -4.27
CA ALA B 151 -21.44 0.05 -3.70
C ALA B 151 -22.04 -0.46 -2.40
N TRP B 152 -21.93 -1.77 -2.17
CA TRP B 152 -22.42 -2.39 -0.95
C TRP B 152 -21.28 -2.86 -0.06
N LYS B 153 -21.49 -2.76 1.26
CA LYS B 153 -20.55 -3.21 2.28
C LYS B 153 -21.19 -4.23 3.21
N ALA B 154 -20.39 -5.24 3.59
CA ALA B 154 -20.84 -6.26 4.51
C ALA B 154 -19.84 -6.18 5.65
N ASP B 155 -20.30 -5.81 6.82
CA ASP B 155 -19.41 -5.51 7.94
C ASP B 155 -18.31 -4.52 7.59
N GLY B 156 -18.66 -3.50 6.82
CA GLY B 156 -17.64 -2.58 6.31
C GLY B 156 -16.82 -3.10 5.16
N ASN B 157 -16.90 -4.38 4.82
CA ASN B 157 -16.15 -4.96 3.70
C ASN B 157 -16.84 -4.82 2.33
N SER B 158 -16.11 -4.46 1.26
CA SER B 158 -16.72 -4.38 -0.09
C SER B 158 -17.31 -5.72 -0.45
N VAL B 159 -18.52 -5.64 -1.01
CA VAL B 159 -19.23 -6.81 -1.48
C VAL B 159 -19.09 -6.93 -2.99
N ASN B 160 -18.65 -8.09 -3.47
CA ASN B 160 -18.44 -8.25 -4.93
C ASN B 160 -19.26 -9.37 -5.57
N THR B 161 -20.25 -9.85 -4.83
CA THR B 161 -21.04 -11.01 -5.16
C THR B 161 -22.50 -10.77 -4.76
N GLY B 162 -23.44 -11.10 -5.65
CA GLY B 162 -24.88 -11.03 -5.31
C GLY B 162 -25.52 -9.66 -5.47
N VAL B 163 -24.78 -8.69 -6.02
CA VAL B 163 -25.33 -7.33 -6.25
C VAL B 163 -25.89 -7.17 -7.66
N GLU B 164 -27.10 -6.60 -7.75
CA GLU B 164 -27.66 -6.27 -9.08
C GLU B 164 -28.32 -4.90 -8.98
N THR B 165 -27.99 -4.02 -9.92
CA THR B 165 -28.42 -2.63 -9.89
C THR B 165 -28.94 -2.22 -11.26
N THR B 166 -30.06 -1.53 -11.27
CA THR B 166 -30.67 -1.13 -12.52
C THR B 166 -29.90 0.08 -13.10
N THR B 167 -30.09 0.29 -14.41
CA THR B 167 -29.71 1.53 -15.04
C THR B 167 -30.67 2.61 -14.49
N PRO B 168 -30.23 3.85 -14.47
CA PRO B 168 -31.16 4.88 -13.97
C PRO B 168 -32.27 5.13 -14.96
N SER B 169 -33.48 5.39 -14.48
CA SER B 169 -34.58 5.72 -15.41
C SER B 169 -35.24 7.05 -15.05
N LYS B 170 -35.63 7.79 -16.08
CA LYS B 170 -36.22 9.10 -15.89
C LYS B 170 -37.59 8.99 -15.23
N GLN B 171 -37.78 9.68 -14.11
CA GLN B 171 -39.08 9.77 -13.45
C GLN B 171 -39.92 10.82 -14.21
N SER B 172 -41.19 10.93 -13.87
CA SER B 172 -42.09 11.89 -14.56
C SER B 172 -41.65 13.34 -14.33
N ASN B 173 -41.03 13.61 -13.17
CA ASN B 173 -40.43 14.92 -12.85
C ASN B 173 -39.05 15.17 -13.47
N ASN B 174 -38.63 14.28 -14.35
CA ASN B 174 -37.38 14.38 -15.09
C ASN B 174 -36.17 14.20 -14.15
N LYS B 175 -36.40 13.88 -12.87
CA LYS B 175 -35.28 13.36 -12.04
C LYS B 175 -35.30 11.86 -12.35
N TYR B 176 -34.41 11.11 -11.72
CA TYR B 176 -34.17 9.71 -12.06
C TYR B 176 -34.30 8.81 -10.84
N ALA B 177 -34.52 7.52 -11.09
CA ALA B 177 -34.67 6.54 -10.06
C ALA B 177 -33.81 5.34 -10.45
N ALA B 178 -33.34 4.62 -9.44
CA ALA B 178 -32.64 3.36 -9.67
C ALA B 178 -32.86 2.51 -8.42
N SER B 179 -32.50 1.23 -8.54
CA SER B 179 -32.55 0.36 -7.41
C SER B 179 -31.47 -0.68 -7.51
N SER B 180 -31.06 -1.13 -6.33
CA SER B 180 -30.01 -2.13 -6.22
C SER B 180 -30.46 -3.19 -5.21
N TYR B 181 -30.19 -4.45 -5.56
CA TYR B 181 -30.61 -5.62 -4.80
C TYR B 181 -29.39 -6.48 -4.44
N LEU B 182 -29.26 -6.80 -3.16
CA LEU B 182 -28.19 -7.69 -2.66
C LEU B 182 -28.88 -8.96 -2.18
N SER B 183 -28.65 -10.01 -2.95
CA SER B 183 -29.34 -11.27 -2.73
C SER B 183 -28.42 -12.21 -1.95
N LEU B 184 -28.87 -12.55 -0.75
CA LEU B 184 -28.13 -13.32 0.24
C LEU B 184 -28.97 -14.52 0.66
N THR B 185 -28.36 -15.46 1.37
CA THR B 185 -29.09 -16.44 2.18
C THR B 185 -29.34 -15.81 3.53
N SER B 186 -30.28 -16.39 4.28
CA SER B 186 -30.51 -15.97 5.66
C SER B 186 -29.29 -16.16 6.55
N ASP B 187 -28.51 -17.22 6.30
CA ASP B 187 -27.27 -17.47 7.04
C ASP B 187 -26.23 -16.35 6.88
N GLN B 188 -26.09 -15.79 5.67
CA GLN B 188 -25.19 -14.67 5.49
C GLN B 188 -25.70 -13.44 6.23
N TRP B 189 -26.97 -13.11 6.07
CA TRP B 189 -27.55 -11.99 6.80
C TRP B 189 -27.31 -12.13 8.33
N LYS B 190 -27.59 -13.29 8.88
CA LYS B 190 -27.57 -13.44 10.33
C LYS B 190 -26.17 -13.43 10.91
N SER B 191 -25.17 -13.63 10.06
CA SER B 191 -23.79 -13.81 10.54
C SER B 191 -22.97 -12.55 10.34
N HIS B 192 -23.63 -11.48 9.89
CA HIS B 192 -22.98 -10.18 9.81
C HIS B 192 -23.58 -9.19 10.80
N LYS B 193 -22.86 -8.14 11.09
CA LYS B 193 -23.34 -7.17 12.05
C LYS B 193 -23.99 -6.00 11.36
N SER B 194 -23.62 -5.76 10.10
CA SER B 194 -24.21 -4.67 9.30
C SER B 194 -24.03 -4.87 7.77
N TYR B 195 -24.96 -4.26 7.01
CA TYR B 195 -24.80 -4.12 5.57
C TYR B 195 -25.17 -2.68 5.25
N SER B 196 -24.52 -2.08 4.24
CA SER B 196 -24.82 -0.73 3.83
C SER B 196 -24.92 -0.68 2.34
N CYS B 197 -25.70 0.28 1.87
CA CYS B 197 -25.81 0.63 0.48
C CYS B 197 -25.26 2.04 0.42
N GLN B 198 -24.24 2.26 -0.40
CA GLN B 198 -23.56 3.51 -0.52
C GLN B 198 -23.77 4.02 -1.92
N VAL B 199 -24.33 5.22 -2.03
CA VAL B 199 -24.71 5.73 -3.34
C VAL B 199 -23.93 6.96 -3.63
N THR B 200 -23.11 6.92 -4.67
CA THR B 200 -22.32 8.12 -5.01
C THR B 200 -22.94 8.89 -6.19
N HIS B 201 -23.15 10.20 -5.97
CA HIS B 201 -23.76 11.04 -7.00
C HIS B 201 -23.04 12.37 -7.00
N GLU B 202 -22.46 12.72 -8.15
CA GLU B 202 -21.75 14.01 -8.36
C GLU B 202 -20.69 14.23 -7.30
N GLY B 203 -19.93 13.15 -7.06
CA GLY B 203 -18.77 13.22 -6.16
C GLY B 203 -19.07 13.23 -4.67
N SER B 204 -20.34 13.16 -4.30
CA SER B 204 -20.69 12.96 -2.89
C SER B 204 -21.41 11.64 -2.66
N THR B 205 -21.18 11.04 -1.49
CA THR B 205 -21.80 9.73 -1.16
C THR B 205 -22.86 9.78 -0.08
N VAL B 206 -24.02 9.16 -0.35
CA VAL B 206 -25.17 8.99 0.55
C VAL B 206 -25.24 7.49 0.87
N GLU B 207 -25.13 7.14 2.16
CA GLU B 207 -25.17 5.75 2.63
C GLU B 207 -26.31 5.45 3.62
N LYS B 208 -26.79 4.22 3.61
CA LYS B 208 -27.73 3.77 4.62
C LYS B 208 -27.25 2.38 5.07
N THR B 209 -27.50 2.08 6.33
CA THR B 209 -27.02 0.84 6.91
C THR B 209 -28.18 0.16 7.64
N VAL B 210 -28.25 -1.17 7.52
CA VAL B 210 -29.17 -1.99 8.29
C VAL B 210 -28.37 -3.10 9.04
N ALA B 211 -28.97 -3.63 10.11
CA ALA B 211 -28.33 -4.60 10.97
C ALA B 211 -29.39 -5.62 11.32
N PRO B 212 -29.00 -6.92 11.32
CA PRO B 212 -29.85 -8.05 11.62
C PRO B 212 -30.47 -7.99 13.00
N GLN C 5 42.63 8.49 9.11
CA GLN C 5 42.02 9.84 9.25
C GLN C 5 42.64 10.93 8.34
N LEU C 6 41.79 11.61 7.56
CA LEU C 6 42.21 12.65 6.62
C LEU C 6 41.30 13.85 6.79
N VAL C 7 41.90 15.01 7.00
CA VAL C 7 41.16 16.27 7.22
C VAL C 7 41.59 17.37 6.25
N GLU C 8 40.68 17.80 5.39
CA GLU C 8 40.96 18.83 4.41
C GLU C 8 40.68 20.14 5.13
N SER C 9 41.43 21.18 4.78
CA SER C 9 41.02 22.55 5.09
C SER C 9 41.05 23.36 3.82
N GLY C 10 40.07 24.25 3.68
CA GLY C 10 40.12 25.25 2.62
C GLY C 10 39.60 26.58 3.10
N PRO C 11 39.66 27.60 2.22
CA PRO C 11 39.32 29.02 2.48
C PRO C 11 37.83 29.33 2.42
N GLY C 12 37.02 28.38 1.93
CA GLY C 12 35.58 28.60 1.77
C GLY C 12 35.18 29.36 0.49
N LEU C 13 35.70 30.56 0.40
CA LEU C 13 35.39 31.47 -0.66
C LEU C 13 36.71 31.89 -1.30
N VAL C 14 36.74 31.89 -2.64
CA VAL C 14 37.87 32.46 -3.38
C VAL C 14 37.31 33.34 -4.51
N LYS C 15 37.96 34.47 -4.80
CA LYS C 15 37.49 35.34 -5.92
C LYS C 15 37.90 34.77 -7.27
N PRO C 16 37.07 34.95 -8.31
CA PRO C 16 37.49 34.54 -9.63
C PRO C 16 38.89 35.04 -9.93
N LEU C 17 39.67 34.12 -10.47
CA LEU C 17 41.02 34.34 -10.98
C LEU C 17 42.11 34.35 -9.90
N GLU C 18 41.73 34.29 -8.61
CA GLU C 18 42.71 34.01 -7.58
C GLU C 18 43.12 32.52 -7.57
N THR C 19 44.02 32.19 -6.66
CA THR C 19 44.53 30.84 -6.49
C THR C 19 43.88 30.24 -5.26
N LEU C 20 43.38 29.01 -5.44
CA LEU C 20 42.82 28.17 -4.38
C LEU C 20 43.92 27.33 -3.76
N SER C 21 44.01 27.39 -2.44
CA SER C 21 44.97 26.59 -1.73
C SER C 21 44.22 25.72 -0.73
N LEU C 22 44.45 24.41 -0.82
CA LEU C 22 43.91 23.44 0.09
C LEU C 22 45.00 22.63 0.76
N THR C 23 44.63 22.12 1.91
CA THR C 23 45.50 21.38 2.79
C THR C 23 44.75 20.11 3.19
N CYS C 24 45.50 19.00 3.37
CA CYS C 24 44.98 17.71 3.81
C CYS C 24 45.97 17.16 4.85
N ALA C 25 45.56 17.12 6.12
CA ALA C 25 46.44 16.65 7.19
C ALA C 25 46.27 15.16 7.23
N VAL C 26 47.39 14.47 7.40
CA VAL C 26 47.45 13.02 7.47
C VAL C 26 48.09 12.71 8.82
N PRO C 27 47.30 12.65 9.92
CA PRO C 27 47.79 12.32 11.25
C PRO C 27 48.24 10.86 11.36
N GLY C 28 49.10 10.55 12.32
CA GLY C 28 49.56 9.18 12.38
C GLY C 28 50.39 8.78 11.17
N GLY C 29 50.74 9.79 10.37
CA GLY C 29 51.87 9.77 9.44
C GLY C 29 52.22 8.53 8.66
N SER C 30 51.29 8.06 7.83
CA SER C 30 51.63 7.10 6.77
C SER C 30 52.04 7.86 5.49
N ILE C 31 52.27 9.18 5.60
CA ILE C 31 52.34 10.05 4.42
C ILE C 31 53.49 9.69 3.47
N ARG C 32 54.69 9.48 4.01
CA ARG C 32 55.74 8.92 3.19
C ARG C 32 55.24 7.53 2.91
N ARG C 33 55.69 6.91 1.86
CA ARG C 33 55.31 5.52 1.62
C ARG C 33 53.91 5.34 0.99
N ASN C 34 53.16 6.43 0.82
CA ASN C 34 51.89 6.35 0.08
C ASN C 34 51.71 7.33 -1.08
N TYR C 35 50.83 6.97 -2.01
CA TYR C 35 50.30 7.96 -2.96
C TYR C 35 49.11 8.70 -2.35
N TRP C 36 48.91 9.94 -2.77
CA TRP C 36 47.85 10.84 -2.28
C TRP C 36 47.19 11.52 -3.48
N SER C 37 45.86 11.57 -3.55
CA SER C 37 45.18 12.33 -4.61
C SER C 37 44.25 13.43 -4.07
N TRP C 38 43.96 14.39 -4.94
CA TRP C 38 42.80 15.23 -4.81
C TRP C 38 41.77 14.86 -5.87
N ILE C 39 40.51 14.90 -5.45
CA ILE C 39 39.36 14.51 -6.27
C ILE C 39 38.32 15.60 -5.99
N ARG C 40 37.59 16.04 -7.00
CA ARG C 40 36.55 17.07 -6.70
C ARG C 40 35.21 16.71 -7.34
N GLN C 41 34.16 17.44 -6.93
CA GLN C 41 32.85 17.13 -7.39
C GLN C 41 32.01 18.38 -7.38
N PRO C 42 31.81 18.98 -8.53
CA PRO C 42 30.85 20.13 -8.57
C PRO C 42 29.47 19.70 -8.06
N PRO C 43 28.69 20.65 -7.52
CA PRO C 43 27.39 20.31 -6.99
C PRO C 43 26.53 19.68 -8.08
N GLY C 44 25.96 18.50 -7.80
CA GLY C 44 25.07 17.90 -8.78
C GLY C 44 25.76 17.10 -9.88
N LYS C 45 27.11 17.07 -9.85
CA LYS C 45 27.87 16.41 -10.92
C LYS C 45 28.73 15.23 -10.44
N GLY C 46 29.51 14.66 -11.35
CA GLY C 46 30.30 13.44 -11.03
C GLY C 46 31.63 13.80 -10.42
N LEU C 47 32.40 12.75 -10.14
CA LEU C 47 33.76 12.84 -9.57
C LEU C 47 34.82 13.08 -10.63
N GLU C 48 35.79 13.94 -10.33
CA GLU C 48 36.91 14.21 -11.22
C GLU C 48 38.23 14.10 -10.45
N TRP C 49 39.08 13.22 -10.93
CA TRP C 49 40.41 13.07 -10.36
C TRP C 49 41.31 14.22 -10.79
N ILE C 50 41.88 14.89 -9.82
CA ILE C 50 42.73 16.03 -10.09
C ILE C 50 44.21 15.65 -10.33
N GLY C 51 44.69 14.72 -9.52
CA GLY C 51 46.06 14.26 -9.62
C GLY C 51 46.51 13.55 -8.36
N HIS C 52 47.69 12.95 -8.45
CA HIS C 52 48.28 12.26 -7.33
C HIS C 52 49.73 12.65 -7.20
N SER C 53 50.27 12.33 -6.04
CA SER C 53 51.62 12.72 -5.65
C SER C 53 52.11 11.59 -4.78
N TYR C 54 53.36 11.15 -4.94
CA TYR C 54 53.97 10.19 -3.96
C TYR C 54 54.45 10.99 -2.77
N GLY C 55 54.27 10.48 -1.56
CA GLY C 55 54.70 11.20 -0.37
C GLY C 55 56.21 11.32 -0.13
N SER C 56 57.06 10.98 -1.08
CA SER C 56 58.55 11.04 -0.83
C SER C 56 59.43 11.77 -1.87
N GLY C 57 59.74 11.10 -2.98
CA GLY C 57 60.83 11.54 -3.85
C GLY C 57 60.42 12.49 -4.96
N GLY C 58 59.33 13.21 -4.70
CA GLY C 58 58.94 14.36 -5.50
C GLY C 58 57.88 14.20 -6.59
N SER C 59 57.53 12.97 -6.95
CA SER C 59 56.76 12.71 -8.19
C SER C 59 55.31 13.17 -8.10
N THR C 60 54.78 13.64 -9.21
CA THR C 60 53.38 14.00 -9.32
C THR C 60 52.90 13.58 -10.69
N ASN C 61 51.59 13.37 -10.81
CA ASN C 61 50.92 13.05 -12.06
C ASN C 61 49.59 13.81 -12.03
N TYR C 62 49.34 14.69 -12.97
CA TYR C 62 48.13 15.54 -12.86
C TYR C 62 47.17 15.12 -13.97
N ASN C 63 45.86 15.25 -13.73
CA ASN C 63 44.90 15.24 -14.79
C ASN C 63 45.38 16.28 -15.84
N PRO C 64 45.70 15.82 -17.07
CA PRO C 64 46.13 16.72 -18.13
C PRO C 64 45.22 17.94 -18.41
N SER C 65 43.91 17.79 -18.29
CA SER C 65 42.98 18.93 -18.53
C SER C 65 43.08 20.11 -17.51
N LEU C 66 43.85 19.93 -16.45
CA LEU C 66 43.98 20.90 -15.35
C LEU C 66 45.43 21.19 -15.08
N GLU C 67 46.29 20.44 -15.78
CA GLU C 67 47.75 20.44 -15.49
C GLU C 67 48.39 21.83 -15.32
N SER C 68 48.19 22.74 -16.27
CA SER C 68 48.81 24.07 -16.17
C SER C 68 48.43 24.86 -14.89
N ARG C 69 47.36 24.43 -14.24
CA ARG C 69 46.76 25.22 -13.14
C ARG C 69 47.01 24.63 -11.76
N VAL C 70 47.51 23.40 -11.75
CA VAL C 70 47.57 22.57 -10.56
C VAL C 70 49.01 22.40 -10.05
N THR C 71 49.20 22.48 -8.73
CA THR C 71 50.46 22.04 -8.10
C THR C 71 50.08 21.21 -6.88
N LEU C 72 50.51 19.93 -6.84
CA LEU C 72 50.40 19.16 -5.64
C LEU C 72 51.75 19.18 -4.86
N SER C 73 51.72 19.18 -3.52
CA SER C 73 52.96 19.06 -2.78
C SER C 73 52.74 18.34 -1.47
N VAL C 74 53.85 17.78 -0.98
CA VAL C 74 53.90 17.01 0.25
C VAL C 74 54.97 17.63 1.17
N ASP C 75 54.59 17.85 2.41
CA ASP C 75 55.52 18.34 3.42
C ASP C 75 55.55 17.24 4.44
N THR C 76 56.53 16.36 4.33
CA THR C 76 56.56 15.16 5.21
C THR C 76 56.77 15.52 6.68
N SER C 77 57.45 16.63 6.93
CA SER C 77 57.66 17.03 8.32
C SER C 77 56.37 17.52 9.01
N LYS C 78 55.56 18.31 8.30
CA LYS C 78 54.28 18.74 8.89
C LYS C 78 53.12 17.74 8.62
N ASN C 79 53.39 16.68 7.84
CA ASN C 79 52.35 15.73 7.50
C ASN C 79 51.12 16.34 6.73
N LEU C 80 51.37 17.22 5.73
CA LEU C 80 50.34 17.93 4.97
C LEU C 80 50.47 17.65 3.49
N PHE C 81 49.35 17.32 2.84
CA PHE C 81 49.33 17.16 1.37
C PHE C 81 48.45 18.32 0.84
N SER C 82 48.95 19.10 -0.12
CA SER C 82 48.39 20.36 -0.51
C SER C 82 48.04 20.38 -1.98
N LEU C 83 47.09 21.23 -2.32
CA LEU C 83 46.78 21.52 -3.70
C LEU C 83 46.79 23.01 -3.81
N LYS C 84 47.39 23.47 -4.89
CA LYS C 84 47.24 24.83 -5.40
C LYS C 84 46.60 24.80 -6.81
N LEU C 85 45.53 25.57 -6.99
CA LEU C 85 44.84 25.61 -8.26
C LEU C 85 44.67 27.06 -8.64
N THR C 86 45.34 27.48 -9.71
CA THR C 86 45.34 28.93 -10.08
C THR C 86 44.19 29.34 -11.00
N SER C 87 43.94 30.65 -11.09
CA SER C 87 43.00 31.26 -12.00
C SER C 87 41.64 30.55 -11.91
N VAL C 88 41.06 30.52 -10.72
CA VAL C 88 39.81 29.81 -10.52
C VAL C 88 38.67 30.52 -11.24
N THR C 89 37.67 29.76 -11.68
CA THR C 89 36.44 30.30 -12.23
C THR C 89 35.29 29.55 -11.57
N ALA C 90 34.07 29.84 -12.00
CA ALA C 90 32.91 29.22 -11.42
C ALA C 90 32.98 27.69 -11.57
N ALA C 91 33.47 27.22 -12.70
CA ALA C 91 33.62 25.77 -12.93
C ALA C 91 34.44 24.99 -11.88
N ASP C 92 35.20 25.69 -11.02
CA ASP C 92 35.99 25.06 -9.95
C ASP C 92 35.27 25.07 -8.59
N THR C 93 34.03 25.61 -8.56
CA THR C 93 33.16 25.51 -7.39
C THR C 93 32.87 24.02 -7.27
N ALA C 94 33.28 23.46 -6.13
CA ALA C 94 33.18 22.02 -5.91
C ALA C 94 33.56 21.63 -4.48
N VAL C 95 33.15 20.42 -4.14
CA VAL C 95 33.62 19.81 -2.93
C VAL C 95 34.95 19.15 -3.32
N TYR C 96 35.97 19.37 -2.50
CA TYR C 96 37.33 18.92 -2.77
C TYR C 96 37.67 17.86 -1.75
N TYR C 97 38.06 16.69 -2.25
CA TYR C 97 38.40 15.60 -1.34
C TYR C 97 39.83 15.17 -1.46
N CYS C 98 40.46 14.95 -0.30
CA CYS C 98 41.80 14.34 -0.16
C CYS C 98 41.58 12.83 -0.09
N ALA C 99 42.39 12.02 -0.77
CA ALA C 99 42.23 10.55 -0.63
C ALA C 99 43.52 9.73 -0.72
N ARG C 100 43.70 8.75 0.16
CA ARG C 100 44.90 7.88 0.04
C ARG C 100 44.66 7.02 -1.18
N THR C 101 45.66 6.99 -2.04
CA THR C 101 45.61 6.26 -3.32
C THR C 101 46.50 5.01 -3.31
N VAL C 102 45.95 3.87 -3.74
CA VAL C 102 46.71 2.66 -3.90
C VAL C 102 46.98 2.61 -5.40
N TRP C 103 48.27 2.57 -5.78
CA TRP C 103 48.69 2.70 -7.17
C TRP C 103 49.86 1.76 -7.40
N TYR C 104 49.60 0.66 -8.11
CA TYR C 104 50.66 -0.26 -8.61
C TYR C 104 50.66 -0.19 -10.11
N TYR C 105 51.63 0.50 -10.65
CA TYR C 105 51.76 0.60 -12.10
C TYR C 105 51.73 -0.76 -12.79
N THR C 106 52.36 -1.76 -12.16
CA THR C 106 52.54 -3.08 -12.78
C THR C 106 51.25 -3.80 -13.13
N SER C 107 50.20 -3.63 -12.32
CA SER C 107 48.91 -4.25 -12.59
C SER C 107 47.89 -3.19 -13.00
N GLY C 108 48.29 -1.93 -13.02
CA GLY C 108 47.38 -0.85 -13.41
C GLY C 108 46.18 -0.84 -12.48
N THR C 109 46.41 -1.05 -11.20
CA THR C 109 45.36 -0.83 -10.21
C THR C 109 45.59 0.54 -9.55
N HIS C 110 44.52 1.34 -9.47
CA HIS C 110 44.62 2.70 -8.99
C HIS C 110 43.29 2.99 -8.36
N TYR C 111 43.27 3.16 -7.04
CA TYR C 111 41.97 3.34 -6.35
C TYR C 111 42.13 4.10 -5.04
N PHE C 112 41.00 4.52 -4.50
CA PHE C 112 41.01 5.44 -3.36
C PHE C 112 40.33 4.76 -2.20
N ASP C 113 41.14 4.24 -1.27
CA ASP C 113 40.60 3.43 -0.16
C ASP C 113 40.24 4.22 1.05
N HIS C 114 40.87 5.39 1.26
CA HIS C 114 40.52 6.27 2.40
C HIS C 114 40.36 7.68 1.93
N TRP C 115 39.30 8.31 2.41
CA TRP C 115 38.88 9.57 1.90
C TRP C 115 38.69 10.52 3.07
N GLY C 116 38.95 11.80 2.87
CA GLY C 116 38.55 12.78 3.87
C GLY C 116 37.07 13.15 3.72
N GLN C 117 36.63 14.09 4.55
CA GLN C 117 35.21 14.46 4.59
C GLN C 117 34.81 15.38 3.45
N GLY C 118 35.78 16.12 2.92
CA GLY C 118 35.55 16.95 1.77
C GLY C 118 35.34 18.38 2.22
N VAL C 119 35.80 19.33 1.43
CA VAL C 119 35.51 20.75 1.68
C VAL C 119 34.94 21.42 0.47
N LEU C 120 33.93 22.24 0.74
CA LEU C 120 33.33 23.07 -0.27
C LEU C 120 34.13 24.35 -0.48
N VAL C 121 34.41 24.61 -1.76
CA VAL C 121 35.00 25.85 -2.25
C VAL C 121 34.03 26.45 -3.24
N THR C 122 33.60 27.68 -2.96
CA THR C 122 32.78 28.37 -3.96
C THR C 122 33.52 29.58 -4.48
N VAL C 123 33.56 29.65 -5.80
CA VAL C 123 34.20 30.69 -6.55
C VAL C 123 33.03 31.56 -7.02
N SER C 124 33.00 32.81 -6.61
CA SER C 124 31.81 33.60 -6.93
C SER C 124 32.09 34.92 -7.60
N SER C 125 31.60 34.99 -8.83
CA SER C 125 31.67 36.07 -9.77
C SER C 125 30.59 37.11 -9.50
N ALA C 126 29.45 36.64 -8.98
CA ALA C 126 28.29 37.49 -8.73
C ALA C 126 28.40 38.41 -7.52
N SER C 127 27.77 39.57 -7.64
CA SER C 127 27.46 40.42 -6.50
C SER C 127 25.92 40.53 -6.41
N THR C 128 25.42 41.04 -5.29
CA THR C 128 23.98 41.16 -5.06
C THR C 128 23.30 41.79 -6.28
N LYS C 129 22.15 41.23 -6.67
CA LYS C 129 21.44 41.72 -7.86
C LYS C 129 20.00 41.27 -7.78
N GLY C 130 19.09 42.23 -7.91
CA GLY C 130 17.70 41.95 -8.06
C GLY C 130 17.35 41.32 -9.42
N PRO C 131 16.34 40.44 -9.39
CA PRO C 131 15.76 39.69 -10.52
C PRO C 131 14.87 40.60 -11.39
N SER C 132 14.66 40.17 -12.63
CA SER C 132 13.53 40.64 -13.45
C SER C 132 12.49 39.58 -13.26
N VAL C 133 11.21 39.94 -13.37
CA VAL C 133 10.13 38.99 -13.15
C VAL C 133 9.28 39.01 -14.41
N PHE C 134 9.16 37.84 -15.07
CA PHE C 134 8.40 37.74 -16.32
C PHE C 134 7.22 36.79 -16.21
N PRO C 135 6.09 37.11 -16.89
CA PRO C 135 4.98 36.17 -16.81
C PRO C 135 5.31 34.93 -17.63
N LEU C 136 4.86 33.77 -17.14
CA LEU C 136 4.91 32.53 -17.92
C LEU C 136 3.48 32.14 -18.28
N ALA C 137 3.19 32.21 -19.57
CA ALA C 137 1.87 31.85 -20.10
C ALA C 137 2.01 31.04 -21.39
N PRO C 138 1.09 30.08 -21.64
CA PRO C 138 1.06 29.36 -22.93
C PRO C 138 1.00 30.26 -24.19
N SER C 144 -9.66 22.51 -25.13
CA SER C 144 -9.77 21.03 -25.05
C SER C 144 -9.27 20.36 -23.76
N GLU C 145 -8.33 21.00 -23.07
CA GLU C 145 -7.74 20.45 -21.83
C GLU C 145 -8.44 20.91 -20.53
N SER C 146 -8.46 20.05 -19.52
CA SER C 146 -9.13 20.33 -18.23
C SER C 146 -8.46 21.41 -17.37
N THR C 147 -7.13 21.43 -17.40
CA THR C 147 -6.31 22.39 -16.65
C THR C 147 -5.31 23.15 -17.57
N ALA C 148 -4.78 24.25 -17.04
CA ALA C 148 -3.68 25.01 -17.66
C ALA C 148 -2.57 25.33 -16.62
N ALA C 149 -1.36 25.57 -17.09
CA ALA C 149 -0.23 25.98 -16.24
C ALA C 149 0.12 27.45 -16.50
N LEU C 150 0.10 28.27 -15.47
CA LEU C 150 0.66 29.60 -15.66
C LEU C 150 1.74 29.88 -14.61
N GLY C 151 2.58 30.87 -14.84
CA GLY C 151 3.74 31.05 -13.99
C GLY C 151 4.39 32.43 -14.00
N CYS C 152 5.44 32.55 -13.17
CA CYS C 152 6.41 33.60 -13.17
C CYS C 152 7.82 33.12 -13.16
N LEU C 153 8.59 33.70 -14.08
CA LEU C 153 10.03 33.54 -14.15
C LEU C 153 10.67 34.65 -13.35
N VAL C 154 11.59 34.28 -12.46
CA VAL C 154 12.30 35.24 -11.59
C VAL C 154 13.74 35.11 -12.05
N LYS C 155 14.14 36.01 -12.93
CA LYS C 155 15.38 35.86 -13.71
C LYS C 155 16.56 36.58 -13.12
N ASP C 156 17.71 35.90 -13.04
CA ASP C 156 19.07 36.50 -12.84
C ASP C 156 19.18 37.35 -11.55
N TYR C 157 19.09 36.68 -10.41
CA TYR C 157 19.32 37.38 -9.13
C TYR C 157 20.49 36.75 -8.39
N PHE C 158 20.92 37.42 -7.33
CA PHE C 158 21.92 36.87 -6.39
C PHE C 158 21.91 37.71 -5.11
N PRO C 159 22.04 37.08 -3.91
CA PRO C 159 22.08 35.62 -3.72
C PRO C 159 20.67 35.02 -3.54
N GLU C 160 20.61 33.71 -3.30
CA GLU C 160 19.44 33.08 -2.71
C GLU C 160 19.13 33.77 -1.37
N PRO C 161 17.85 33.78 -0.92
CA PRO C 161 16.68 33.21 -1.57
C PRO C 161 15.72 34.28 -2.10
N VAL C 162 14.67 33.81 -2.80
CA VAL C 162 13.55 34.66 -3.20
C VAL C 162 12.31 33.95 -2.73
N THR C 163 11.28 34.72 -2.42
CA THR C 163 10.01 34.14 -2.04
C THR C 163 9.01 34.51 -3.12
N VAL C 164 8.07 33.62 -3.40
CA VAL C 164 7.03 33.90 -4.38
C VAL C 164 5.69 33.44 -3.77
N SER C 165 4.70 34.33 -3.76
CA SER C 165 3.33 34.01 -3.42
C SER C 165 2.45 34.25 -4.66
N TRP C 166 1.17 33.91 -4.56
CA TRP C 166 0.25 34.05 -5.67
C TRP C 166 -1.02 34.69 -5.14
N ASN C 167 -1.42 35.81 -5.76
CA ASN C 167 -2.59 36.57 -5.31
C ASN C 167 -2.50 36.95 -3.82
N SER C 168 -1.33 37.43 -3.40
CA SER C 168 -1.03 37.86 -2.02
C SER C 168 -1.12 36.77 -0.95
N GLY C 169 -1.00 35.51 -1.35
CA GLY C 169 -1.22 34.42 -0.41
C GLY C 169 -2.59 33.74 -0.46
N SER C 170 -3.54 34.24 -1.24
CA SER C 170 -4.84 33.58 -1.34
C SER C 170 -4.88 32.30 -2.24
N LEU C 171 -3.87 32.04 -3.07
CA LEU C 171 -3.96 30.99 -4.09
C LEU C 171 -3.32 29.58 -3.88
N THR C 172 -2.77 29.36 -2.70
CA THR C 172 -1.99 28.17 -2.32
C THR C 172 -2.04 26.81 -3.04
N SER C 173 -3.21 26.34 -3.45
CA SER C 173 -3.30 24.99 -4.04
C SER C 173 -2.89 25.01 -5.52
N GLY C 174 -2.23 23.95 -5.99
CA GLY C 174 -1.76 23.91 -7.39
C GLY C 174 -0.52 24.76 -7.71
N VAL C 175 0.12 25.28 -6.67
CA VAL C 175 1.32 26.08 -6.81
C VAL C 175 2.55 25.19 -6.64
N HIS C 176 3.53 25.37 -7.52
CA HIS C 176 4.78 24.64 -7.40
C HIS C 176 5.88 25.62 -7.71
N THR C 177 6.68 25.92 -6.70
CA THR C 177 7.83 26.77 -6.86
C THR C 177 9.05 25.86 -6.98
N PHE C 178 9.75 25.97 -8.11
CA PHE C 178 10.86 25.06 -8.42
C PHE C 178 12.16 25.58 -7.79
N PRO C 179 13.06 24.66 -7.36
CA PRO C 179 14.40 25.08 -6.95
C PRO C 179 15.07 25.85 -8.07
N ALA C 180 15.85 26.88 -7.70
CA ALA C 180 16.59 27.70 -8.65
C ALA C 180 17.68 26.96 -9.42
N VAL C 181 17.93 27.47 -10.62
CA VAL C 181 19.12 27.13 -11.40
C VAL C 181 20.23 28.15 -11.16
N LEU C 182 21.46 27.64 -11.12
CA LEU C 182 22.65 28.51 -11.07
C LEU C 182 23.28 28.54 -12.46
N GLN C 183 23.21 29.69 -13.09
CA GLN C 183 23.78 29.83 -14.42
C GLN C 183 25.29 30.08 -14.29
N SER C 184 26.01 29.99 -15.41
CA SER C 184 27.48 30.12 -15.41
C SER C 184 27.87 31.59 -15.17
N SER C 185 26.88 32.48 -15.34
CA SER C 185 27.02 33.88 -14.97
C SER C 185 27.18 34.11 -13.47
N GLY C 186 26.91 33.08 -12.65
CA GLY C 186 26.87 33.18 -11.20
C GLY C 186 25.52 33.65 -10.64
N LEU C 187 24.57 33.93 -11.55
CA LEU C 187 23.22 34.35 -11.21
C LEU C 187 22.20 33.20 -11.18
N TYR C 188 21.29 33.24 -10.21
CA TYR C 188 20.19 32.27 -10.07
C TYR C 188 18.96 32.65 -10.89
N SER C 189 18.19 31.66 -11.34
CA SER C 189 16.85 31.92 -11.90
C SER C 189 15.91 30.82 -11.37
N LEU C 190 14.67 31.17 -11.06
CA LEU C 190 13.70 30.11 -10.69
C LEU C 190 12.37 30.46 -11.26
N SER C 191 11.44 29.49 -11.24
CA SER C 191 10.10 29.63 -11.80
C SER C 191 9.08 29.11 -10.79
N SER C 192 7.91 29.74 -10.75
CA SER C 192 6.85 29.28 -9.88
C SER C 192 5.64 29.11 -10.78
N VAL C 193 5.03 27.93 -10.76
CA VAL C 193 3.90 27.62 -11.65
C VAL C 193 2.66 27.33 -10.86
N VAL C 194 1.52 27.82 -11.34
CA VAL C 194 0.25 27.47 -10.72
C VAL C 194 -0.59 26.71 -11.74
N THR C 195 -1.08 25.54 -11.35
CA THR C 195 -1.89 24.73 -12.24
C THR C 195 -3.35 24.96 -11.88
N VAL C 196 -4.14 25.38 -12.84
CA VAL C 196 -5.52 25.77 -12.59
C VAL C 196 -6.52 25.17 -13.59
N PRO C 197 -7.79 25.07 -13.18
CA PRO C 197 -8.88 24.71 -14.09
C PRO C 197 -8.84 25.56 -15.36
N SER C 198 -8.85 24.89 -16.51
CA SER C 198 -8.89 25.63 -17.79
C SER C 198 -10.01 26.69 -17.86
N SER C 199 -11.11 26.40 -17.17
CA SER C 199 -12.29 27.26 -17.13
C SER C 199 -12.05 28.54 -16.32
N SER C 200 -10.94 28.54 -15.57
CA SER C 200 -10.56 29.68 -14.73
C SER C 200 -9.80 30.74 -15.51
N LEU C 201 -9.27 30.37 -16.68
CA LEU C 201 -8.42 31.30 -17.45
C LEU C 201 -9.10 32.61 -17.89
N GLY C 202 -10.40 32.53 -18.19
CA GLY C 202 -11.19 33.72 -18.56
C GLY C 202 -11.85 34.38 -17.36
N THR C 203 -11.90 33.67 -16.22
CA THR C 203 -12.76 34.09 -15.11
C THR C 203 -12.06 34.55 -13.83
N GLN C 204 -10.73 34.41 -13.78
CA GLN C 204 -9.93 34.79 -12.62
C GLN C 204 -8.66 35.50 -13.04
N THR C 205 -8.09 36.29 -12.14
CA THR C 205 -6.81 36.90 -12.39
C THR C 205 -5.75 36.24 -11.54
N TYR C 206 -4.51 36.31 -12.03
CA TYR C 206 -3.36 35.68 -11.41
C TYR C 206 -2.12 36.61 -11.36
N VAL C 207 -1.69 36.90 -10.15
CA VAL C 207 -0.58 37.80 -9.89
C VAL C 207 0.42 37.00 -9.06
N CYS C 208 1.67 36.95 -9.50
CA CYS C 208 2.78 36.46 -8.63
C CYS C 208 3.36 37.63 -7.86
N ASN C 209 3.61 37.40 -6.57
CA ASN C 209 4.21 38.43 -5.72
C ASN C 209 5.61 37.95 -5.38
N VAL C 210 6.64 38.61 -5.91
CA VAL C 210 8.08 38.19 -5.74
C VAL C 210 8.82 39.12 -4.77
N ASN C 211 9.50 38.53 -3.77
CA ASN C 211 10.35 39.31 -2.86
C ASN C 211 11.78 38.74 -2.87
N HIS C 212 12.73 39.61 -3.22
CA HIS C 212 14.17 39.33 -3.07
C HIS C 212 14.72 40.41 -2.14
N LYS C 213 14.74 40.06 -0.85
CA LYS C 213 15.20 40.93 0.24
C LYS C 213 16.66 41.45 0.13
N PRO C 214 17.65 40.62 -0.28
CA PRO C 214 19.04 41.18 -0.41
C PRO C 214 19.20 42.40 -1.34
N SER C 215 18.33 42.51 -2.35
CA SER C 215 18.37 43.66 -3.26
C SER C 215 17.17 44.63 -3.16
N ASN C 216 16.33 44.47 -2.14
CA ASN C 216 15.18 45.36 -1.86
C ASN C 216 14.23 45.38 -3.07
N THR C 217 14.11 44.22 -3.74
CA THR C 217 13.25 44.06 -4.89
C THR C 217 11.91 43.43 -4.45
N LYS C 218 10.81 44.13 -4.73
CA LYS C 218 9.48 43.57 -4.57
C LYS C 218 8.76 43.84 -5.88
N VAL C 219 8.35 42.78 -6.58
CA VAL C 219 7.61 42.97 -7.83
C VAL C 219 6.29 42.19 -7.78
N ASP C 220 5.21 42.81 -8.25
CA ASP C 220 3.93 42.12 -8.52
C ASP C 220 3.71 42.01 -10.04
N LYS C 221 3.42 40.81 -10.53
CA LYS C 221 3.25 40.59 -11.96
C LYS C 221 1.97 39.81 -12.35
N ARG C 222 1.10 40.43 -13.16
CA ARG C 222 -0.08 39.72 -13.62
C ARG C 222 0.27 38.74 -14.74
N VAL C 223 -0.29 37.55 -14.71
CA VAL C 223 -0.03 36.57 -15.75
C VAL C 223 -1.32 36.34 -16.55
N GLU C 224 -1.30 36.65 -17.84
CA GLU C 224 -2.51 36.61 -18.70
C GLU C 224 -2.32 35.90 -20.05
N VAL D 3 35.90 7.69 -21.81
CA VAL D 3 34.72 7.83 -20.87
C VAL D 3 34.32 6.45 -20.37
N LEU D 4 34.03 6.35 -19.07
CA LEU D 4 33.41 5.12 -18.56
C LEU D 4 31.92 5.44 -18.43
N THR D 5 31.19 4.82 -19.31
CA THR D 5 29.77 5.08 -19.48
C THR D 5 29.04 4.17 -18.54
N GLN D 6 28.29 4.77 -17.63
CA GLN D 6 27.29 4.04 -16.81
C GLN D 6 25.84 4.46 -17.11
N PRO D 7 24.87 3.55 -16.85
CA PRO D 7 23.45 3.89 -17.00
C PRO D 7 23.09 4.93 -15.96
N PRO D 8 22.44 6.03 -16.36
CA PRO D 8 22.14 7.07 -15.36
C PRO D 8 21.22 6.60 -14.22
N SER D 9 20.29 5.67 -14.51
CA SER D 9 19.34 5.19 -13.50
C SER D 9 19.14 3.70 -13.56
N VAL D 10 19.32 2.95 -12.40
CA VAL D 10 19.02 1.54 -12.21
C VAL D 10 18.13 1.51 -11.00
N SER D 11 17.17 0.59 -10.99
CA SER D 11 16.16 0.51 -9.92
C SER D 11 15.50 -0.86 -9.86
N ALA D 12 15.09 -1.27 -8.66
CA ALA D 12 14.32 -2.46 -8.42
C ALA D 12 13.72 -2.36 -7.00
N ALA D 13 12.77 -3.25 -6.74
CA ALA D 13 12.08 -3.30 -5.44
C ALA D 13 13.01 -3.84 -4.34
N PRO D 14 12.73 -3.52 -3.07
CA PRO D 14 13.53 -4.13 -2.00
C PRO D 14 13.56 -5.64 -2.14
N GLY D 15 14.73 -6.25 -1.91
CA GLY D 15 14.87 -7.69 -1.90
C GLY D 15 15.26 -8.21 -3.28
N GLN D 16 15.04 -7.38 -4.32
CA GLN D 16 15.40 -7.73 -5.71
C GLN D 16 16.92 -7.54 -5.98
N LYS D 17 17.34 -7.86 -7.20
CA LYS D 17 18.74 -7.76 -7.56
C LYS D 17 18.88 -6.83 -8.74
N VAL D 18 19.99 -6.09 -8.78
CA VAL D 18 20.32 -5.27 -9.95
C VAL D 18 21.77 -5.45 -10.34
N THR D 19 22.10 -5.05 -11.56
CA THR D 19 23.49 -4.95 -11.95
C THR D 19 23.64 -3.59 -12.59
N ILE D 20 24.80 -2.97 -12.35
CA ILE D 20 25.17 -1.68 -12.94
C ILE D 20 26.40 -1.83 -13.84
N SER D 21 26.25 -1.48 -15.10
CA SER D 21 27.34 -1.58 -16.06
C SER D 21 28.25 -0.38 -16.06
N CYS D 22 29.49 -0.63 -16.49
CA CYS D 22 30.51 0.42 -16.61
C CYS D 22 31.27 0.08 -17.88
N SER D 23 31.07 0.85 -18.92
CA SER D 23 31.64 0.44 -20.18
C SER D 23 32.76 1.36 -20.55
N GLY D 24 33.96 0.78 -20.72
CA GLY D 24 35.13 1.57 -21.10
C GLY D 24 35.81 1.18 -22.41
N SER D 25 37.13 1.17 -22.38
CA SER D 25 37.92 0.90 -23.57
C SER D 25 39.10 -0.01 -23.18
N SER D 26 39.82 -0.50 -24.20
CA SER D 26 40.94 -1.41 -23.99
C SER D 26 42.09 -0.67 -23.29
N SER D 27 42.09 0.66 -23.37
CA SER D 27 43.15 1.46 -22.73
C SER D 27 42.88 1.66 -21.22
N ASN D 28 41.65 1.48 -20.79
CA ASN D 28 41.37 1.56 -19.36
C ASN D 28 40.83 0.25 -18.84
N ILE D 29 39.51 0.03 -18.84
CA ILE D 29 38.96 -1.19 -18.23
C ILE D 29 39.58 -2.49 -18.83
N GLY D 30 39.93 -2.47 -20.11
CA GLY D 30 40.48 -3.66 -20.75
C GLY D 30 41.84 -4.03 -20.18
N ARG D 31 42.62 -3.04 -19.71
CA ARG D 31 43.96 -3.33 -19.15
C ARG D 31 44.11 -3.12 -17.64
N SER D 32 43.10 -2.52 -17.00
CA SER D 32 43.27 -2.07 -15.60
C SER D 32 42.28 -2.75 -14.70
N TYR D 33 42.60 -2.82 -13.42
CA TYR D 33 41.59 -3.22 -12.43
C TYR D 33 40.56 -2.14 -12.17
N VAL D 34 39.37 -2.58 -11.81
CA VAL D 34 38.23 -1.69 -11.66
C VAL D 34 37.91 -1.51 -10.17
N SER D 35 37.63 -0.26 -9.78
CA SER D 35 37.11 0.01 -8.45
C SER D 35 35.72 0.61 -8.52
N TRP D 36 34.96 0.47 -7.43
CA TRP D 36 33.61 1.03 -7.39
C TRP D 36 33.47 1.87 -6.14
N TYR D 37 32.69 2.96 -6.23
CA TYR D 37 32.50 3.91 -5.11
C TYR D 37 31.01 4.15 -4.88
N GLN D 38 30.60 4.15 -3.60
CA GLN D 38 29.19 4.37 -3.27
C GLN D 38 29.14 5.77 -2.63
N GLN D 39 28.14 6.56 -2.94
CA GLN D 39 28.06 7.88 -2.31
C GLN D 39 26.62 8.09 -1.96
N VAL D 40 26.35 8.00 -0.65
CA VAL D 40 25.02 8.28 -0.11
C VAL D 40 24.83 9.80 -0.20
N PRO D 41 23.57 10.28 -0.31
CA PRO D 41 23.48 11.76 -0.19
C PRO D 41 23.66 12.14 1.29
N GLY D 42 24.22 13.30 1.63
CA GLY D 42 25.22 14.03 0.88
C GLY D 42 26.44 13.74 1.74
N ALA D 43 27.00 12.54 1.54
CA ALA D 43 28.22 12.05 2.20
C ALA D 43 29.43 12.02 1.22
N ALA D 44 30.64 11.77 1.72
CA ALA D 44 31.79 11.56 0.83
C ALA D 44 31.60 10.21 0.13
N PRO D 45 32.19 10.01 -1.06
CA PRO D 45 32.17 8.66 -1.60
C PRO D 45 32.90 7.71 -0.69
N LYS D 46 32.57 6.41 -0.80
CA LYS D 46 33.43 5.42 -0.20
C LYS D 46 33.76 4.27 -1.14
N LEU D 47 34.92 3.69 -0.91
CA LEU D 47 35.34 2.51 -1.72
C LEU D 47 34.43 1.33 -1.41
N LEU D 48 33.83 0.76 -2.45
CA LEU D 48 32.93 -0.37 -2.28
C LEU D 48 33.59 -1.64 -2.87
N ILE D 49 34.30 -1.50 -3.97
CA ILE D 49 35.00 -2.64 -4.63
C ILE D 49 36.33 -2.13 -5.12
N TYR D 50 37.39 -2.90 -4.92
CA TYR D 50 38.69 -2.58 -5.51
C TYR D 50 39.26 -3.86 -6.13
N ASP D 51 40.25 -3.67 -6.98
CA ASP D 51 40.82 -4.79 -7.77
C ASP D 51 39.73 -5.60 -8.47
N THR D 52 38.81 -4.90 -9.12
CA THR D 52 37.75 -5.53 -9.87
C THR D 52 36.63 -6.24 -9.05
N ASN D 53 37.01 -7.04 -8.04
CA ASN D 53 36.09 -7.94 -7.36
C ASN D 53 36.31 -8.14 -5.87
N LYS D 54 37.22 -7.37 -5.29
CA LYS D 54 37.51 -7.41 -3.83
C LYS D 54 36.69 -6.39 -3.01
N ARG D 55 36.25 -6.85 -1.85
CA ARG D 55 35.50 -5.99 -0.94
C ARG D 55 36.38 -5.53 0.22
N PRO D 56 36.36 -4.22 0.54
CA PRO D 56 36.88 -3.68 1.78
C PRO D 56 36.17 -4.29 3.00
N SER D 57 36.85 -4.38 4.13
CA SER D 57 36.13 -4.71 5.35
C SER D 57 35.01 -3.69 5.46
N GLY D 58 33.86 -4.16 5.93
CA GLY D 58 32.70 -3.29 6.15
C GLY D 58 31.73 -3.26 4.99
N VAL D 59 32.01 -4.06 3.96
CA VAL D 59 31.21 -4.04 2.76
C VAL D 59 30.60 -5.41 2.61
N SER D 60 29.26 -5.41 2.58
CA SER D 60 28.43 -6.60 2.51
C SER D 60 28.69 -7.46 1.27
N ASP D 61 28.72 -8.77 1.45
CA ASP D 61 28.81 -9.70 0.31
C ASP D 61 27.62 -9.64 -0.65
N ARG D 62 26.61 -8.81 -0.35
CA ARG D 62 25.50 -8.58 -1.30
C ARG D 62 26.02 -7.81 -2.50
N PHE D 63 27.15 -7.16 -2.32
CA PHE D 63 27.79 -6.43 -3.44
C PHE D 63 28.89 -7.26 -4.06
N SER D 64 28.93 -7.31 -5.40
CA SER D 64 30.04 -7.99 -6.06
C SER D 64 30.46 -7.39 -7.42
N GLY D 65 31.77 -7.37 -7.67
CA GLY D 65 32.29 -6.80 -8.90
C GLY D 65 32.82 -7.89 -9.83
N SER D 66 32.77 -7.60 -11.13
CA SER D 66 33.40 -8.43 -12.15
C SER D 66 33.71 -7.56 -13.37
N LYS D 67 34.35 -8.14 -14.38
CA LYS D 67 34.53 -7.42 -15.63
C LYS D 67 34.68 -8.39 -16.80
N SER D 68 34.33 -7.91 -18.00
CA SER D 68 34.78 -8.49 -19.25
C SER D 68 34.48 -7.58 -20.45
N GLY D 69 35.31 -7.52 -21.48
CA GLY D 69 36.74 -7.51 -21.45
C GLY D 69 36.94 -6.02 -21.16
N SER D 70 36.25 -5.15 -21.90
CA SER D 70 36.30 -3.70 -21.68
C SER D 70 35.13 -3.11 -20.88
N SER D 71 34.33 -3.98 -20.28
CA SER D 71 33.19 -3.57 -19.48
C SER D 71 33.29 -4.22 -18.12
N ALA D 72 32.90 -3.46 -17.11
CA ALA D 72 32.83 -4.03 -15.78
C ALA D 72 31.38 -3.92 -15.29
N SER D 73 31.07 -4.63 -14.19
CA SER D 73 29.74 -4.67 -13.64
C SER D 73 29.76 -4.76 -12.14
N LEU D 74 28.86 -4.02 -11.50
CA LEU D 74 28.60 -4.17 -10.09
C LEU D 74 27.24 -4.86 -9.89
N ALA D 75 27.19 -5.97 -9.15
CA ALA D 75 25.89 -6.60 -8.91
C ALA D 75 25.49 -6.40 -7.48
N ILE D 76 24.21 -6.17 -7.26
CA ILE D 76 23.75 -5.96 -5.88
C ILE D 76 22.52 -6.83 -5.66
N THR D 77 22.59 -7.74 -4.71
CA THR D 77 21.44 -8.60 -4.46
C THR D 77 20.77 -8.15 -3.17
N GLY D 78 19.50 -8.53 -3.00
CA GLY D 78 18.81 -8.33 -1.71
C GLY D 78 18.69 -6.84 -1.42
N LEU D 79 18.30 -6.05 -2.42
CA LEU D 79 18.33 -4.57 -2.24
C LEU D 79 17.68 -4.10 -0.97
N GLN D 80 18.29 -3.13 -0.32
CA GLN D 80 17.69 -2.49 0.88
C GLN D 80 17.66 -0.99 0.69
N THR D 81 16.78 -0.31 1.42
CA THR D 81 16.72 1.18 1.40
C THR D 81 18.06 1.87 1.41
N GLY D 82 18.92 1.47 2.33
CA GLY D 82 20.24 2.10 2.46
C GLY D 82 21.15 2.00 1.23
N ASP D 83 20.87 1.06 0.30
CA ASP D 83 21.62 0.99 -0.98
C ASP D 83 21.35 2.15 -1.96
N GLU D 84 20.25 2.86 -1.77
CA GLU D 84 19.94 3.97 -2.68
C GLU D 84 21.04 5.01 -2.54
N ALA D 85 21.73 5.33 -3.65
CA ALA D 85 22.97 6.08 -3.62
C ALA D 85 23.41 6.23 -5.07
N ASP D 86 24.40 7.07 -5.30
CA ASP D 86 25.09 7.11 -6.58
C ASP D 86 26.28 6.17 -6.49
N TYR D 87 26.54 5.49 -7.61
CA TYR D 87 27.63 4.52 -7.74
C TYR D 87 28.50 4.90 -8.91
N TYR D 88 29.83 4.86 -8.72
CA TYR D 88 30.78 5.31 -9.73
C TYR D 88 31.73 4.19 -9.92
N CYS D 89 31.99 3.83 -11.17
CA CYS D 89 33.09 2.89 -11.38
C CYS D 89 34.36 3.77 -11.59
N GLY D 90 35.54 3.17 -11.59
CA GLY D 90 36.77 3.95 -11.78
C GLY D 90 37.90 3.05 -12.28
N ALA D 91 38.73 3.57 -13.18
CA ALA D 91 39.93 2.83 -13.66
C ALA D 91 41.03 3.72 -14.18
N TRP D 92 42.27 3.23 -14.02
CA TRP D 92 43.40 3.95 -14.54
C TRP D 92 43.38 3.79 -16.07
N ASP D 93 43.57 4.87 -16.80
CA ASP D 93 43.75 4.78 -18.27
C ASP D 93 45.25 4.79 -18.55
N GLY D 94 45.77 3.67 -19.06
CA GLY D 94 47.19 3.54 -19.33
C GLY D 94 47.77 4.34 -20.49
N SER D 95 46.92 4.91 -21.34
CA SER D 95 47.44 5.69 -22.47
C SER D 95 47.38 7.18 -22.18
N LEU D 96 46.37 7.62 -21.45
CA LEU D 96 46.33 9.01 -21.01
C LEU D 96 47.00 9.22 -19.68
N ASN D 97 47.40 8.13 -19.01
CA ASN D 97 47.98 8.21 -17.65
C ASN D 97 47.10 9.05 -16.72
N VAL D 98 45.84 8.66 -16.57
CA VAL D 98 44.88 9.41 -15.73
C VAL D 98 43.83 8.44 -15.11
N HIS D 99 43.29 8.81 -13.93
CA HIS D 99 42.21 8.00 -13.34
C HIS D 99 40.92 8.50 -13.94
N ILE D 100 40.16 7.58 -14.49
CA ILE D 100 38.89 7.92 -15.10
C ILE D 100 37.79 7.42 -14.18
N PHE D 101 36.95 8.35 -13.74
CA PHE D 101 35.68 7.94 -13.09
C PHE D 101 34.58 7.71 -14.10
N GLY D 102 33.69 6.75 -13.80
CA GLY D 102 32.46 6.57 -14.58
C GLY D 102 31.56 7.77 -14.50
N SER D 103 30.57 7.78 -15.40
CA SER D 103 29.55 8.83 -15.47
C SER D 103 28.56 8.82 -14.27
N GLY D 104 28.46 7.70 -13.59
CA GLY D 104 27.64 7.61 -12.40
C GLY D 104 26.26 7.03 -12.62
N THR D 105 25.85 6.19 -11.67
CA THR D 105 24.53 5.60 -11.67
C THR D 105 23.85 5.90 -10.36
N LYS D 106 22.64 6.47 -10.47
CA LYS D 106 21.71 6.49 -9.33
C LYS D 106 20.92 5.19 -9.25
N LEU D 107 21.11 4.52 -8.11
CA LEU D 107 20.35 3.32 -7.77
C LEU D 107 19.22 3.77 -6.88
N THR D 108 17.99 3.61 -7.39
CA THR D 108 16.76 3.88 -6.66
C THR D 108 16.20 2.55 -6.19
N VAL D 109 15.98 2.41 -4.89
CA VAL D 109 15.19 1.31 -4.37
C VAL D 109 13.67 1.69 -4.42
N LEU D 110 12.90 1.08 -5.32
CA LEU D 110 11.47 1.50 -5.53
C LEU D 110 10.61 1.20 -4.26
N GLY D 111 10.03 2.10 -3.47
CA GLY D 111 9.48 3.34 -3.70
C GLY D 111 7.93 3.20 -3.67
N GLN D 112 7.48 3.19 -4.89
CA GLN D 112 6.15 3.56 -5.20
C GLN D 112 6.28 3.33 -6.69
N PRO D 113 5.16 3.44 -7.41
CA PRO D 113 5.17 3.11 -8.83
C PRO D 113 6.07 4.08 -9.59
N LYS D 114 6.68 3.62 -10.67
CA LYS D 114 7.41 4.54 -11.56
C LYS D 114 6.39 5.56 -12.03
N ALA D 115 6.87 6.78 -12.17
CA ALA D 115 5.98 7.87 -12.61
C ALA D 115 6.71 8.67 -13.69
N SER D 116 6.11 8.76 -14.87
CA SER D 116 6.67 9.60 -15.97
C SER D 116 6.52 11.12 -15.74
N PRO D 117 7.53 11.92 -16.13
CA PRO D 117 7.49 13.36 -15.84
C PRO D 117 6.35 14.07 -16.51
N LEU D 118 5.81 15.05 -15.81
CA LEU D 118 4.99 16.09 -16.39
C LEU D 118 5.89 17.22 -16.84
N VAL D 119 5.76 17.57 -18.11
CA VAL D 119 6.63 18.55 -18.77
C VAL D 119 5.79 19.74 -19.25
N THR D 120 6.13 20.95 -18.80
CA THR D 120 5.53 22.22 -19.28
C THR D 120 6.62 23.10 -19.87
N LEU D 121 6.45 23.50 -21.13
CA LEU D 121 7.41 24.34 -21.81
C LEU D 121 6.82 25.70 -22.10
N PHE D 122 7.43 26.75 -21.53
CA PHE D 122 6.89 28.10 -21.75
C PHE D 122 7.73 28.91 -22.73
N PRO D 123 7.06 29.65 -23.64
CA PRO D 123 7.80 30.55 -24.53
C PRO D 123 8.22 31.81 -23.75
N PRO D 124 9.08 32.67 -24.34
CA PRO D 124 9.44 33.91 -23.70
C PRO D 124 8.25 34.83 -23.68
N SER D 125 8.18 35.67 -22.65
CA SER D 125 7.15 36.69 -22.59
C SER D 125 7.44 37.86 -23.53
N SER D 126 6.42 38.55 -24.01
CA SER D 126 6.66 39.78 -24.81
C SER D 126 7.46 40.83 -23.99
N GLU D 127 7.33 40.82 -22.67
CA GLU D 127 8.08 41.79 -21.83
C GLU D 127 9.60 41.48 -21.90
N GLU D 128 10.01 40.21 -21.90
CA GLU D 128 11.43 39.95 -21.97
C GLU D 128 11.90 40.21 -23.41
N LEU D 129 11.02 39.93 -24.35
CA LEU D 129 11.34 40.15 -25.79
C LEU D 129 11.57 41.65 -26.09
N GLN D 130 10.75 42.52 -25.49
CA GLN D 130 11.00 43.95 -25.64
C GLN D 130 12.35 44.37 -25.08
N ALA D 131 12.87 43.62 -24.11
CA ALA D 131 14.26 43.84 -23.67
C ALA D 131 15.30 43.05 -24.49
N ASN D 132 14.92 42.60 -25.68
CA ASN D 132 15.78 41.87 -26.63
C ASN D 132 16.32 40.50 -26.14
N LYS D 133 15.65 39.93 -25.14
CA LYS D 133 16.04 38.62 -24.64
C LYS D 133 14.92 37.58 -24.79
N ALA D 134 15.30 36.31 -24.69
CA ALA D 134 14.31 35.27 -24.83
C ALA D 134 14.71 34.06 -23.99
N THR D 135 14.07 33.88 -22.84
CA THR D 135 14.32 32.70 -22.02
C THR D 135 13.16 31.71 -22.14
N LEU D 136 13.46 30.49 -22.61
CA LEU D 136 12.54 29.39 -22.60
C LEU D 136 12.68 28.60 -21.30
N VAL D 137 11.53 28.30 -20.70
CA VAL D 137 11.48 27.55 -19.42
C VAL D 137 10.82 26.21 -19.55
N CYS D 138 11.62 25.17 -19.33
CA CYS D 138 11.07 23.81 -19.37
C CYS D 138 10.97 23.25 -17.93
N LEU D 139 9.72 23.08 -17.47
CA LEU D 139 9.44 22.60 -16.09
C LEU D 139 9.09 21.12 -16.07
N ILE D 140 9.77 20.40 -15.20
CA ILE D 140 9.72 18.94 -15.18
C ILE D 140 9.34 18.45 -13.77
N SER D 141 8.19 17.83 -13.62
CA SER D 141 7.77 17.41 -12.26
C SER D 141 7.18 16.03 -12.16
N ASP D 142 7.06 15.57 -10.91
CA ASP D 142 6.33 14.33 -10.63
C ASP D 142 6.94 13.11 -11.31
N PHE D 143 8.27 13.03 -11.35
CA PHE D 143 8.88 11.83 -11.96
C PHE D 143 9.57 10.96 -10.89
N TYR D 144 9.59 9.65 -11.14
CA TYR D 144 10.25 8.76 -10.25
C TYR D 144 10.57 7.48 -11.00
N PRO D 145 11.79 6.98 -10.87
CA PRO D 145 12.97 7.46 -10.17
C PRO D 145 13.35 8.88 -10.54
N GLY D 146 14.01 9.55 -9.61
CA GLY D 146 14.47 10.94 -9.81
C GLY D 146 15.71 11.17 -10.69
N VAL D 147 15.63 10.74 -11.95
CA VAL D 147 16.70 10.93 -12.87
C VAL D 147 16.07 11.18 -14.25
N VAL D 148 16.48 12.28 -14.87
CA VAL D 148 16.13 12.59 -16.26
C VAL D 148 17.32 13.12 -17.09
N LYS D 149 17.15 13.08 -18.40
CA LYS D 149 18.06 13.67 -19.35
C LYS D 149 17.23 14.72 -20.12
N VAL D 150 17.73 15.94 -20.20
CA VAL D 150 17.04 17.03 -20.94
C VAL D 150 17.87 17.44 -22.14
N ALA D 151 17.23 17.49 -23.32
CA ALA D 151 17.88 17.88 -24.58
C ALA D 151 16.92 18.88 -25.22
N TRP D 152 17.48 19.94 -25.82
CA TRP D 152 16.70 20.96 -26.50
C TRP D 152 16.95 20.90 -28.00
N LYS D 153 15.92 21.21 -28.77
CA LYS D 153 16.07 21.31 -30.20
C LYS D 153 15.57 22.65 -30.74
N ALA D 154 16.09 23.05 -31.90
CA ALA D 154 15.72 24.29 -32.53
C ALA D 154 15.57 23.93 -33.97
N ASP D 155 14.36 24.08 -34.52
CA ASP D 155 14.10 23.66 -35.90
C ASP D 155 14.61 22.24 -36.17
N GLY D 156 14.68 21.45 -35.10
CA GLY D 156 15.04 20.06 -35.18
C GLY D 156 16.52 19.82 -35.13
N ASN D 157 17.31 20.87 -34.92
CA ASN D 157 18.76 20.76 -34.71
C ASN D 157 19.07 20.74 -33.22
N SER D 158 20.12 20.01 -32.82
CA SER D 158 20.52 19.95 -31.43
C SER D 158 20.89 21.32 -31.00
N VAL D 159 20.59 21.64 -29.76
CA VAL D 159 20.99 22.91 -29.21
C VAL D 159 22.10 22.59 -28.22
N ASN D 160 23.29 23.15 -28.45
CA ASN D 160 24.44 22.86 -27.60
C ASN D 160 25.01 24.06 -26.85
N THR D 161 24.29 25.18 -26.88
CA THR D 161 24.68 26.42 -26.19
C THR D 161 23.46 27.03 -25.53
N GLY D 162 23.64 27.55 -24.31
CA GLY D 162 22.60 28.38 -23.68
C GLY D 162 21.68 27.60 -22.75
N VAL D 163 22.02 26.32 -22.55
CA VAL D 163 21.18 25.44 -21.77
C VAL D 163 21.72 25.30 -20.37
N GLU D 164 20.84 25.46 -19.38
CA GLU D 164 21.23 25.17 -17.99
C GLU D 164 20.08 24.41 -17.32
N THR D 165 20.40 23.24 -16.76
CA THR D 165 19.40 22.32 -16.23
C THR D 165 19.78 21.99 -14.79
N THR D 166 18.78 22.01 -13.92
CA THR D 166 18.97 21.74 -12.50
C THR D 166 19.19 20.26 -12.20
N THR D 167 19.85 20.02 -11.08
CA THR D 167 19.85 18.71 -10.46
C THR D 167 18.39 18.38 -10.07
N PRO D 168 18.00 17.10 -10.13
CA PRO D 168 16.61 16.81 -9.69
C PRO D 168 16.48 16.93 -8.18
N SER D 169 15.32 17.37 -7.71
CA SER D 169 15.07 17.50 -6.28
C SER D 169 13.80 16.77 -5.83
N LYS D 170 13.92 16.10 -4.69
CA LYS D 170 12.77 15.37 -4.14
C LYS D 170 11.62 16.33 -3.75
N GLN D 171 10.42 16.05 -4.26
CA GLN D 171 9.20 16.74 -3.89
C GLN D 171 8.63 16.13 -2.60
N SER D 172 7.66 16.80 -1.99
CA SER D 172 7.06 16.27 -0.75
C SER D 172 6.36 14.91 -0.95
N ASN D 173 5.85 14.64 -2.15
CA ASN D 173 5.29 13.31 -2.47
C ASN D 173 6.36 12.26 -2.83
N ASN D 174 7.61 12.61 -2.65
CA ASN D 174 8.74 11.69 -2.93
C ASN D 174 8.98 11.43 -4.43
N LYS D 175 8.11 11.96 -5.31
CA LYS D 175 8.50 12.12 -6.74
C LYS D 175 9.47 13.29 -6.84
N TYR D 176 9.96 13.59 -8.07
CA TYR D 176 11.05 14.54 -8.24
C TYR D 176 10.69 15.68 -9.19
N ALA D 177 11.35 16.83 -9.00
CA ALA D 177 11.21 18.01 -9.90
C ALA D 177 12.55 18.40 -10.48
N ALA D 178 12.52 18.98 -11.67
CA ALA D 178 13.73 19.59 -12.22
C ALA D 178 13.28 20.70 -13.16
N SER D 179 14.22 21.59 -13.54
CA SER D 179 13.90 22.56 -14.57
C SER D 179 15.08 22.82 -15.45
N SER D 180 14.78 23.20 -16.68
CA SER D 180 15.83 23.50 -17.65
C SER D 180 15.52 24.84 -18.31
N TYR D 181 16.54 25.66 -18.44
CA TYR D 181 16.37 26.97 -19.05
C TYR D 181 17.25 27.13 -20.30
N LEU D 182 16.64 27.54 -21.38
CA LEU D 182 17.39 27.90 -22.58
C LEU D 182 17.33 29.44 -22.73
N SER D 183 18.50 30.07 -22.63
CA SER D 183 18.64 31.53 -22.63
C SER D 183 19.17 32.04 -23.96
N LEU D 184 18.27 32.72 -24.69
CA LEU D 184 18.50 33.18 -26.03
C LEU D 184 18.35 34.72 -26.06
N THR D 185 18.66 35.29 -27.21
CA THR D 185 18.34 36.68 -27.52
C THR D 185 16.98 36.63 -28.14
N SER D 186 16.33 37.79 -28.23
CA SER D 186 15.06 37.86 -28.97
C SER D 186 15.20 37.50 -30.47
N ASP D 187 16.30 37.96 -31.08
CA ASP D 187 16.61 37.65 -32.49
C ASP D 187 16.76 36.12 -32.77
N GLN D 188 17.41 35.39 -31.85
CA GLN D 188 17.47 33.92 -31.99
C GLN D 188 16.06 33.34 -31.94
N TRP D 189 15.24 33.79 -30.98
CA TRP D 189 13.87 33.29 -30.83
C TRP D 189 13.08 33.55 -32.13
N LYS D 190 13.10 34.78 -32.61
CA LYS D 190 12.32 35.13 -33.78
C LYS D 190 12.74 34.47 -35.08
N SER D 191 13.96 33.96 -35.13
CA SER D 191 14.51 33.47 -36.42
C SER D 191 14.38 31.97 -36.59
N HIS D 192 13.79 31.30 -35.60
CA HIS D 192 13.54 29.86 -35.70
C HIS D 192 12.05 29.59 -35.77
N LYS D 193 11.67 28.42 -36.26
CA LYS D 193 10.25 28.17 -36.38
C LYS D 193 9.67 27.53 -35.13
N SER D 194 10.53 26.83 -34.38
CA SER D 194 10.10 26.10 -33.19
C SER D 194 11.32 25.75 -32.32
N TYR D 195 11.10 25.68 -31.01
CA TYR D 195 12.08 25.09 -30.09
C TYR D 195 11.36 23.99 -29.30
N SER D 196 12.13 23.01 -28.84
CA SER D 196 11.56 21.81 -28.29
C SER D 196 12.37 21.44 -27.07
N CYS D 197 11.70 20.97 -26.00
CA CYS D 197 12.38 20.51 -24.79
C CYS D 197 12.03 19.03 -24.73
N GLN D 198 13.06 18.19 -24.72
CA GLN D 198 12.90 16.74 -24.79
C GLN D 198 13.44 16.15 -23.52
N VAL D 199 12.55 15.52 -22.75
CA VAL D 199 12.92 14.96 -21.42
C VAL D 199 12.90 13.42 -21.50
N THR D 200 14.02 12.76 -21.24
CA THR D 200 14.05 11.31 -21.25
C THR D 200 14.02 10.77 -19.80
N HIS D 201 13.09 9.85 -19.54
CA HIS D 201 12.92 9.19 -18.24
C HIS D 201 12.69 7.69 -18.42
N GLU D 202 13.58 6.92 -17.81
CA GLU D 202 13.44 5.47 -17.83
C GLU D 202 13.24 4.96 -19.24
N GLY D 203 14.06 5.46 -20.17
CA GLY D 203 14.04 4.97 -21.56
C GLY D 203 13.00 5.59 -22.50
N SER D 204 12.11 6.46 -22.03
CA SER D 204 11.07 7.05 -22.90
C SER D 204 11.19 8.57 -22.90
N THR D 205 10.96 9.19 -24.05
CA THR D 205 11.16 10.65 -24.18
C THR D 205 9.85 11.39 -24.31
N VAL D 206 9.69 12.48 -23.53
CA VAL D 206 8.48 13.33 -23.55
C VAL D 206 8.93 14.63 -24.20
N GLU D 207 8.24 15.08 -25.25
CA GLU D 207 8.64 16.28 -25.97
C GLU D 207 7.59 17.42 -25.90
N LYS D 208 8.04 18.62 -25.59
CA LYS D 208 7.13 19.76 -25.74
C LYS D 208 7.77 20.79 -26.64
N THR D 209 6.93 21.54 -27.37
CA THR D 209 7.37 22.43 -28.43
C THR D 209 6.62 23.77 -28.29
N VAL D 210 7.37 24.86 -28.50
CA VAL D 210 6.82 26.21 -28.66
C VAL D 210 7.31 26.87 -29.95
N ALA D 211 6.56 27.89 -30.42
CA ALA D 211 6.83 28.60 -31.67
C ALA D 211 6.52 30.08 -31.48
N PRO D 212 7.27 30.97 -32.16
CA PRO D 212 7.03 32.42 -31.93
C PRO D 212 5.64 32.87 -32.40
N GLN E 5 -13.88 -40.33 27.30
CA GLN E 5 -13.33 -40.40 25.90
C GLN E 5 -14.43 -40.35 24.84
N LEU E 6 -14.40 -39.35 23.97
CA LEU E 6 -15.48 -39.09 23.02
C LEU E 6 -15.14 -39.74 21.68
N VAL E 7 -16.12 -40.36 21.06
CA VAL E 7 -15.91 -41.06 19.79
C VAL E 7 -16.92 -40.60 18.72
N GLU E 8 -16.40 -39.95 17.68
CA GLU E 8 -17.17 -39.50 16.52
C GLU E 8 -17.31 -40.66 15.55
N SER E 9 -18.42 -40.69 14.81
CA SER E 9 -18.52 -41.59 13.68
C SER E 9 -19.26 -40.92 12.53
N GLY E 10 -18.79 -41.20 11.33
CA GLY E 10 -19.31 -40.57 10.11
C GLY E 10 -19.17 -41.42 8.86
N PRO E 11 -19.73 -40.93 7.74
CA PRO E 11 -19.82 -41.67 6.45
C PRO E 11 -18.50 -41.82 5.68
N GLY E 12 -17.56 -40.91 5.89
CA GLY E 12 -16.27 -40.89 5.16
C GLY E 12 -16.36 -40.03 3.91
N LEU E 13 -17.29 -40.39 3.02
CA LEU E 13 -17.52 -39.70 1.77
C LEU E 13 -19.03 -39.43 1.67
N VAL E 14 -19.38 -38.22 1.30
CA VAL E 14 -20.76 -37.78 1.12
C VAL E 14 -20.84 -37.04 -0.21
N LYS E 15 -21.87 -37.27 -1.03
CA LYS E 15 -21.99 -36.57 -2.34
C LYS E 15 -22.45 -35.16 -2.12
N PRO E 16 -21.99 -34.22 -2.96
CA PRO E 16 -22.45 -32.83 -2.86
C PRO E 16 -23.98 -32.75 -2.93
N LEU E 17 -24.53 -31.80 -2.17
CA LEU E 17 -25.97 -31.56 -1.97
C LEU E 17 -26.75 -32.59 -1.08
N GLU E 18 -26.04 -33.61 -0.59
CA GLU E 18 -26.59 -34.58 0.35
C GLU E 18 -26.50 -34.09 1.81
N THR E 19 -27.08 -34.85 2.73
CA THR E 19 -27.10 -34.52 4.16
C THR E 19 -25.97 -35.27 4.82
N LEU E 20 -25.15 -34.56 5.57
CA LEU E 20 -24.13 -35.23 6.33
C LEU E 20 -24.70 -35.55 7.72
N SER E 21 -24.60 -36.80 8.15
CA SER E 21 -24.97 -37.14 9.54
C SER E 21 -23.83 -37.68 10.36
N LEU E 22 -23.55 -37.02 11.48
CA LEU E 22 -22.52 -37.52 12.38
C LEU E 22 -23.06 -37.84 13.74
N THR E 23 -22.38 -38.77 14.40
CA THR E 23 -22.73 -39.14 15.75
C THR E 23 -21.51 -39.02 16.63
N CYS E 24 -21.74 -38.53 17.85
CA CYS E 24 -20.74 -38.52 18.89
C CYS E 24 -21.21 -39.39 20.05
N ALA E 25 -20.43 -40.42 20.35
CA ALA E 25 -20.66 -41.31 21.49
C ALA E 25 -19.85 -40.97 22.76
N VAL E 26 -20.39 -41.31 23.94
CA VAL E 26 -19.69 -41.13 25.23
C VAL E 26 -19.49 -42.45 26.02
N PRO E 27 -18.95 -43.50 25.37
CA PRO E 27 -18.98 -44.88 25.93
C PRO E 27 -18.54 -45.02 27.41
N GLY E 28 -19.41 -45.60 28.23
CA GLY E 28 -19.15 -45.72 29.66
C GLY E 28 -19.37 -44.43 30.45
N GLY E 29 -19.88 -43.39 29.77
CA GLY E 29 -20.25 -42.12 30.43
C GLY E 29 -21.62 -41.68 29.96
N SER E 30 -21.94 -40.40 30.15
CA SER E 30 -23.29 -39.91 29.85
C SER E 30 -23.32 -38.45 29.33
N ILE E 31 -24.32 -38.14 28.50
CA ILE E 31 -24.44 -36.79 27.93
C ILE E 31 -25.23 -35.78 28.77
N ARG E 32 -26.02 -36.27 29.73
CA ARG E 32 -26.88 -35.42 30.51
C ARG E 32 -26.06 -34.35 31.23
N ARG E 33 -26.65 -33.18 31.42
CA ARG E 33 -26.11 -32.16 32.34
C ARG E 33 -24.71 -31.59 31.98
N ASN E 34 -24.49 -31.49 30.68
CA ASN E 34 -23.30 -30.89 30.09
C ASN E 34 -23.73 -30.40 28.71
N TYR E 35 -23.05 -29.39 28.20
CA TYR E 35 -23.20 -28.98 26.83
C TYR E 35 -22.23 -29.74 25.92
N TRP E 36 -22.63 -29.94 24.66
CA TRP E 36 -21.78 -30.59 23.69
C TRP E 36 -21.69 -29.78 22.42
N SER E 37 -20.49 -29.72 21.80
CA SER E 37 -20.32 -28.98 20.53
C SER E 37 -19.79 -29.84 19.41
N TRP E 38 -20.16 -29.47 18.20
CA TRP E 38 -19.43 -29.90 17.02
C TRP E 38 -18.52 -28.75 16.52
N ILE E 39 -17.29 -29.11 16.19
CA ILE E 39 -16.27 -28.17 15.67
C ILE E 39 -15.69 -28.81 14.42
N ARG E 40 -15.31 -27.99 13.43
CA ARG E 40 -14.70 -28.62 12.24
C ARG E 40 -13.44 -27.89 11.78
N GLN E 41 -12.66 -28.58 10.96
CA GLN E 41 -11.44 -28.00 10.46
C GLN E 41 -11.15 -28.58 9.06
N PRO E 42 -11.34 -27.76 8.01
CA PRO E 42 -10.93 -28.17 6.66
C PRO E 42 -9.42 -28.50 6.63
N PRO E 43 -8.99 -29.44 5.76
CA PRO E 43 -7.61 -29.89 5.81
C PRO E 43 -6.66 -28.73 5.57
N GLY E 44 -5.70 -28.57 6.49
CA GLY E 44 -4.78 -27.44 6.48
C GLY E 44 -5.36 -26.08 6.86
N LYS E 45 -6.59 -25.99 7.36
CA LYS E 45 -7.15 -24.65 7.65
C LYS E 45 -7.43 -24.49 9.16
N GLY E 46 -8.15 -23.45 9.55
CA GLY E 46 -8.44 -23.18 10.95
C GLY E 46 -9.67 -23.90 11.50
N LEU E 47 -9.84 -23.78 12.81
CA LEU E 47 -10.99 -24.30 13.50
C LEU E 47 -12.26 -23.47 13.25
N GLU E 48 -13.40 -24.14 13.11
CA GLU E 48 -14.69 -23.42 12.99
C GLU E 48 -15.73 -24.09 13.88
N TRP E 49 -16.33 -23.34 14.79
CA TRP E 49 -17.36 -23.94 15.69
C TRP E 49 -18.70 -23.98 14.98
N ILE E 50 -19.33 -25.15 14.99
CA ILE E 50 -20.62 -25.38 14.28
C ILE E 50 -21.84 -25.07 15.12
N GLY E 51 -21.80 -25.55 16.36
CA GLY E 51 -22.87 -25.32 17.32
C GLY E 51 -22.75 -26.16 18.58
N HIS E 52 -23.60 -25.85 19.56
CA HIS E 52 -23.72 -26.65 20.77
C HIS E 52 -25.18 -26.98 21.02
N SER E 53 -25.34 -28.02 21.84
CA SER E 53 -26.61 -28.42 22.39
C SER E 53 -26.37 -28.76 23.84
N TYR E 54 -27.42 -28.60 24.65
CA TYR E 54 -27.42 -29.15 25.98
C TYR E 54 -27.66 -30.66 25.92
N GLY E 55 -26.97 -31.40 26.78
CA GLY E 55 -27.02 -32.87 26.73
C GLY E 55 -28.38 -33.53 26.99
N SER E 56 -29.27 -32.85 27.70
CA SER E 56 -30.62 -33.37 27.92
C SER E 56 -31.59 -32.90 26.84
N GLY E 57 -31.11 -32.03 25.93
CA GLY E 57 -31.89 -31.50 24.81
C GLY E 57 -32.15 -30.00 24.92
N GLY E 58 -32.33 -29.38 23.75
CA GLY E 58 -32.50 -27.90 23.61
C GLY E 58 -31.29 -27.06 24.01
N SER E 59 -31.55 -25.81 24.45
CA SER E 59 -30.51 -24.82 24.78
C SER E 59 -29.49 -24.87 23.64
N THR E 60 -29.98 -24.94 22.40
CA THR E 60 -29.12 -24.97 21.22
C THR E 60 -28.68 -23.59 20.74
N ASN E 61 -27.44 -23.50 20.27
CA ASN E 61 -27.01 -22.33 19.49
C ASN E 61 -26.13 -22.85 18.36
N TYR E 62 -26.40 -22.39 17.14
CA TYR E 62 -25.55 -22.74 16.00
C TYR E 62 -24.79 -21.52 15.50
N ASN E 63 -23.66 -21.77 14.85
CA ASN E 63 -22.95 -20.69 14.13
C ASN E 63 -23.95 -20.08 13.10
N PRO E 64 -24.19 -18.75 13.18
CA PRO E 64 -25.21 -18.20 12.29
C PRO E 64 -24.90 -18.36 10.79
N SER E 65 -23.61 -18.48 10.44
CA SER E 65 -23.22 -18.69 9.03
C SER E 65 -23.63 -20.10 8.50
N LEU E 66 -24.11 -20.96 9.40
CA LEU E 66 -24.50 -22.32 9.03
C LEU E 66 -25.89 -22.67 9.52
N GLU E 67 -26.58 -21.69 10.14
CA GLU E 67 -27.74 -21.95 10.93
C GLU E 67 -28.82 -22.75 10.21
N SER E 68 -29.15 -22.34 8.98
CA SER E 68 -30.23 -22.97 8.21
C SER E 68 -29.90 -24.42 7.87
N ARG E 69 -28.62 -24.80 7.93
CA ARG E 69 -28.17 -26.12 7.46
C ARG E 69 -27.91 -27.12 8.59
N VAL E 70 -27.92 -26.61 9.82
CA VAL E 70 -27.54 -27.44 10.98
C VAL E 70 -28.73 -27.91 11.80
N THR E 71 -28.73 -29.18 12.17
CA THR E 71 -29.55 -29.63 13.28
C THR E 71 -28.72 -30.42 14.28
N LEU E 72 -28.69 -29.97 15.53
CA LEU E 72 -28.12 -30.80 16.60
C LEU E 72 -29.22 -31.50 17.38
N SER E 73 -28.91 -32.73 17.79
CA SER E 73 -29.84 -33.53 18.56
C SER E 73 -29.14 -34.46 19.50
N VAL E 74 -29.94 -34.98 20.43
CA VAL E 74 -29.45 -35.79 21.52
C VAL E 74 -30.38 -37.01 21.68
N ASP E 75 -29.80 -38.14 22.04
CA ASP E 75 -30.50 -39.38 22.38
C ASP E 75 -29.97 -39.81 23.74
N THR E 76 -30.69 -39.46 24.81
CA THR E 76 -30.23 -39.81 26.17
C THR E 76 -30.31 -41.32 26.46
N SER E 77 -31.24 -42.04 25.87
CA SER E 77 -31.23 -43.48 26.08
C SER E 77 -29.93 -44.12 25.53
N LYS E 78 -29.45 -43.64 24.37
CA LYS E 78 -28.20 -44.16 23.80
C LYS E 78 -26.95 -43.32 24.12
N ASN E 79 -27.12 -42.19 24.78
CA ASN E 79 -26.00 -41.29 25.05
C ASN E 79 -25.22 -40.95 23.77
N LEU E 80 -25.97 -40.53 22.75
CA LEU E 80 -25.41 -40.12 21.48
C LEU E 80 -25.73 -38.67 21.25
N PHE E 81 -24.75 -37.97 20.68
CA PHE E 81 -24.88 -36.55 20.34
C PHE E 81 -24.62 -36.44 18.84
N SER E 82 -25.62 -35.91 18.12
CA SER E 82 -25.72 -35.98 16.66
C SER E 82 -25.69 -34.64 15.96
N LEU E 83 -25.14 -34.64 14.75
CA LEU E 83 -25.17 -33.50 13.84
C LEU E 83 -25.78 -33.89 12.49
N LYS E 84 -26.65 -33.04 11.97
CA LYS E 84 -27.12 -33.15 10.60
C LYS E 84 -26.79 -31.83 9.94
N LEU E 85 -26.06 -31.92 8.84
CA LEU E 85 -25.70 -30.73 8.08
C LEU E 85 -26.22 -31.00 6.67
N THR E 86 -27.18 -30.19 6.23
CA THR E 86 -27.85 -30.42 4.92
C THR E 86 -27.11 -29.70 3.76
N SER E 87 -27.38 -30.11 2.52
CA SER E 87 -26.91 -29.45 1.28
C SER E 87 -25.42 -29.21 1.36
N VAL E 88 -24.70 -30.30 1.55
CA VAL E 88 -23.28 -30.27 1.74
C VAL E 88 -22.55 -29.85 0.44
N THR E 89 -21.48 -29.06 0.55
CA THR E 89 -20.61 -28.69 -0.58
C THR E 89 -19.15 -29.05 -0.24
N ALA E 90 -18.21 -28.82 -1.17
CA ALA E 90 -16.77 -29.13 -0.91
C ALA E 90 -16.20 -28.24 0.22
N ALA E 91 -16.81 -27.09 0.45
CA ALA E 91 -16.47 -26.25 1.61
C ALA E 91 -16.68 -26.98 2.95
N ASP E 92 -17.49 -28.04 2.95
CA ASP E 92 -17.78 -28.83 4.17
C ASP E 92 -16.84 -30.02 4.34
N THR E 93 -15.94 -30.25 3.36
CA THR E 93 -14.86 -31.22 3.56
C THR E 93 -14.00 -30.79 4.75
N ALA E 94 -13.91 -31.64 5.76
CA ALA E 94 -13.26 -31.25 7.01
C ALA E 94 -13.18 -32.42 7.95
N VAL E 95 -12.27 -32.31 8.93
CA VAL E 95 -12.35 -33.15 10.09
C VAL E 95 -13.34 -32.53 11.07
N TYR E 96 -14.30 -33.35 11.51
CA TYR E 96 -15.33 -32.96 12.49
C TYR E 96 -15.01 -33.57 13.84
N TYR E 97 -15.08 -32.72 14.87
CA TYR E 97 -14.83 -33.06 16.25
C TYR E 97 -16.05 -32.83 17.12
N CYS E 98 -16.38 -33.76 18.00
CA CYS E 98 -17.26 -33.39 19.12
C CYS E 98 -16.42 -32.99 20.28
N ALA E 99 -16.92 -32.06 21.09
CA ALA E 99 -16.17 -31.65 22.27
C ALA E 99 -17.13 -31.27 23.41
N ARG E 100 -16.77 -31.73 24.61
CA ARG E 100 -17.50 -31.35 25.80
C ARG E 100 -17.27 -29.85 25.99
N THR E 101 -18.33 -29.12 26.26
CA THR E 101 -18.28 -27.68 26.23
C THR E 101 -18.63 -27.14 27.61
N VAL E 102 -17.77 -26.31 28.17
CA VAL E 102 -18.10 -25.67 29.44
C VAL E 102 -18.66 -24.33 29.04
N TRP E 103 -19.84 -24.00 29.56
CA TRP E 103 -20.60 -22.85 29.11
C TRP E 103 -21.39 -22.20 30.24
N TYR E 104 -20.95 -21.03 30.67
CA TYR E 104 -21.63 -20.31 31.77
C TYR E 104 -21.99 -18.95 31.27
N TYR E 105 -23.21 -18.86 30.78
CA TYR E 105 -23.75 -17.68 30.11
C TYR E 105 -23.50 -16.40 30.87
N THR E 106 -23.71 -16.41 32.18
CA THR E 106 -23.71 -15.13 32.90
C THR E 106 -22.31 -14.55 33.03
N SER E 107 -21.30 -15.43 33.08
CA SER E 107 -19.93 -14.94 33.12
C SER E 107 -19.31 -14.82 31.71
N GLY E 108 -19.96 -15.36 30.71
CA GLY E 108 -19.47 -15.28 29.32
C GLY E 108 -18.28 -16.19 29.06
N THR E 109 -18.27 -17.40 29.62
CA THR E 109 -17.14 -18.34 29.37
C THR E 109 -17.66 -19.55 28.62
N HIS E 110 -17.02 -19.86 27.50
CA HIS E 110 -17.49 -20.94 26.63
C HIS E 110 -16.24 -21.55 26.04
N TYR E 111 -15.93 -22.78 26.46
CA TYR E 111 -14.69 -23.43 26.01
C TYR E 111 -14.80 -24.95 25.98
N PHE E 112 -13.82 -25.62 25.34
CA PHE E 112 -13.94 -27.02 24.99
C PHE E 112 -12.85 -27.81 25.73
N ASP E 113 -13.26 -28.58 26.73
CA ASP E 113 -12.25 -29.15 27.62
C ASP E 113 -11.89 -30.58 27.27
N HIS E 114 -12.78 -31.30 26.57
CA HIS E 114 -12.47 -32.69 26.16
C HIS E 114 -12.91 -32.83 24.73
N TRP E 115 -12.06 -33.43 23.91
CA TRP E 115 -12.25 -33.52 22.47
C TRP E 115 -12.18 -34.99 22.10
N GLY E 116 -12.90 -35.35 21.05
CA GLY E 116 -12.71 -36.68 20.40
C GLY E 116 -11.54 -36.61 19.45
N GLN E 117 -11.29 -37.71 18.75
CA GLN E 117 -10.15 -37.73 17.86
C GLN E 117 -10.44 -37.07 16.53
N GLY E 118 -11.72 -36.89 16.22
CA GLY E 118 -12.13 -36.28 14.96
C GLY E 118 -12.29 -37.33 13.86
N VAL E 119 -13.30 -37.15 13.00
CA VAL E 119 -13.44 -37.99 11.81
C VAL E 119 -13.42 -37.10 10.59
N LEU E 120 -12.71 -37.56 9.56
CA LEU E 120 -12.62 -36.81 8.30
C LEU E 120 -13.85 -37.07 7.44
N VAL E 121 -14.46 -35.99 6.97
CA VAL E 121 -15.57 -36.10 6.05
C VAL E 121 -15.18 -35.42 4.75
N THR E 122 -15.23 -36.17 3.65
CA THR E 122 -14.93 -35.54 2.37
C THR E 122 -16.17 -35.50 1.48
N VAL E 123 -16.43 -34.33 0.89
CA VAL E 123 -17.61 -34.11 0.04
C VAL E 123 -17.12 -34.18 -1.40
N SER E 124 -17.55 -35.21 -2.12
CA SER E 124 -16.97 -35.56 -3.43
C SER E 124 -18.02 -36.03 -4.44
N SER E 125 -18.23 -35.25 -5.52
CA SER E 125 -19.23 -35.60 -6.55
C SER E 125 -18.80 -36.81 -7.39
N ALA E 126 -18.22 -36.56 -8.56
CA ALA E 126 -18.05 -37.63 -9.56
C ALA E 126 -17.18 -38.78 -9.04
N SER E 127 -16.92 -39.75 -9.92
CA SER E 127 -16.28 -41.00 -9.52
C SER E 127 -14.75 -40.93 -9.63
N THR E 128 -14.09 -42.07 -9.47
CA THR E 128 -12.68 -42.18 -9.78
C THR E 128 -12.38 -41.38 -11.08
N LYS E 129 -11.33 -40.57 -11.06
CA LYS E 129 -10.95 -39.74 -12.21
C LYS E 129 -9.42 -39.66 -12.41
N GLY E 130 -8.97 -40.06 -13.59
CA GLY E 130 -7.55 -39.99 -13.92
C GLY E 130 -7.13 -38.54 -14.21
N PRO E 131 -5.86 -38.22 -13.95
CA PRO E 131 -5.41 -36.86 -14.16
C PRO E 131 -5.19 -36.54 -15.63
N SER E 132 -5.28 -35.26 -15.94
CA SER E 132 -4.79 -34.72 -17.19
C SER E 132 -3.35 -34.18 -16.94
N VAL E 133 -2.40 -34.61 -17.76
CA VAL E 133 -1.00 -34.28 -17.52
C VAL E 133 -0.48 -33.28 -18.54
N PHE E 134 0.09 -32.17 -18.06
CA PHE E 134 0.62 -31.13 -18.94
C PHE E 134 2.09 -30.79 -18.60
N PRO E 135 2.91 -30.44 -19.60
CA PRO E 135 4.29 -29.98 -19.44
C PRO E 135 4.36 -28.62 -18.73
N LEU E 136 5.33 -28.51 -17.83
CA LEU E 136 5.64 -27.28 -17.17
C LEU E 136 7.00 -26.86 -17.72
N ALA E 137 6.99 -25.80 -18.50
CA ALA E 137 8.20 -25.28 -19.09
C ALA E 137 8.17 -23.75 -18.95
N PRO E 138 9.35 -23.17 -18.63
CA PRO E 138 9.48 -21.74 -18.19
C PRO E 138 8.81 -20.72 -19.11
N GLU E 145 18.96 -17.68 -16.10
CA GLU E 145 19.45 -18.25 -14.83
C GLU E 145 20.37 -19.47 -15.01
N SER E 146 21.24 -19.68 -14.02
CA SER E 146 22.22 -20.77 -14.00
C SER E 146 21.65 -22.22 -13.94
N THR E 147 20.40 -22.35 -13.51
CA THR E 147 19.69 -23.63 -13.56
C THR E 147 18.32 -23.36 -14.13
N ALA E 148 17.72 -24.42 -14.67
CA ALA E 148 16.38 -24.37 -15.28
C ALA E 148 15.50 -25.29 -14.50
N ALA E 149 14.23 -24.95 -14.44
CA ALA E 149 13.24 -25.83 -13.80
C ALA E 149 12.23 -26.25 -14.87
N LEU E 150 12.06 -27.55 -15.03
CA LEU E 150 10.98 -28.05 -15.86
C LEU E 150 10.16 -29.08 -15.09
N GLY E 151 8.90 -29.27 -15.47
CA GLY E 151 8.08 -30.29 -14.83
C GLY E 151 6.82 -30.72 -15.57
N CYS E 152 5.95 -31.40 -14.83
CA CYS E 152 4.63 -31.82 -15.26
C CYS E 152 3.61 -31.41 -14.20
N LEU E 153 2.53 -30.81 -14.70
CA LEU E 153 1.30 -30.57 -14.00
C LEU E 153 0.43 -31.80 -14.11
N VAL E 154 0.01 -32.32 -12.97
CA VAL E 154 -0.87 -33.50 -12.87
C VAL E 154 -2.24 -33.03 -12.39
N LYS E 155 -3.17 -32.83 -13.32
CA LYS E 155 -4.33 -32.00 -13.04
C LYS E 155 -5.66 -32.77 -12.88
N ASP E 156 -6.40 -32.39 -11.83
CA ASP E 156 -7.78 -32.82 -11.61
C ASP E 156 -7.95 -34.33 -11.58
N TYR E 157 -7.44 -34.95 -10.53
CA TYR E 157 -7.58 -36.39 -10.33
C TYR E 157 -8.23 -36.67 -8.96
N PHE E 158 -8.88 -37.83 -8.87
CA PHE E 158 -9.46 -38.30 -7.62
C PHE E 158 -9.50 -39.83 -7.56
N PRO E 159 -9.17 -40.41 -6.39
CA PRO E 159 -8.58 -39.83 -5.19
C PRO E 159 -7.05 -39.88 -5.23
N GLU E 160 -6.40 -39.44 -4.16
CA GLU E 160 -4.99 -39.69 -4.00
C GLU E 160 -4.77 -41.21 -3.96
N PRO E 161 -3.57 -41.72 -4.32
CA PRO E 161 -2.35 -41.00 -4.70
C PRO E 161 -2.01 -41.16 -6.19
N VAL E 162 -1.03 -40.41 -6.67
CA VAL E 162 -0.44 -40.68 -7.98
C VAL E 162 1.03 -40.83 -7.67
N THR E 163 1.76 -41.44 -8.59
CA THR E 163 3.19 -41.50 -8.47
C THR E 163 3.71 -40.83 -9.73
N VAL E 164 4.80 -40.08 -9.62
CA VAL E 164 5.43 -39.52 -10.82
C VAL E 164 6.87 -39.96 -10.79
N SER E 165 7.35 -40.49 -11.91
CA SER E 165 8.76 -40.81 -12.05
C SER E 165 9.21 -40.00 -13.26
N TRP E 166 10.52 -39.85 -13.48
CA TRP E 166 11.01 -39.14 -14.67
C TRP E 166 11.92 -40.05 -15.49
N ASN E 167 11.83 -39.95 -16.83
CA ASN E 167 12.55 -40.84 -17.74
C ASN E 167 12.58 -42.26 -17.23
N SER E 168 11.38 -42.81 -17.06
CA SER E 168 11.10 -43.95 -16.17
C SER E 168 11.37 -43.51 -14.74
N GLY E 169 12.39 -44.11 -14.14
CA GLY E 169 12.86 -43.82 -12.81
C GLY E 169 14.34 -43.63 -12.92
N SER E 170 14.79 -43.35 -14.14
CA SER E 170 16.20 -43.20 -14.40
C SER E 170 16.72 -41.80 -14.11
N LEU E 171 15.82 -40.80 -14.05
CA LEU E 171 16.17 -39.45 -13.55
C LEU E 171 15.59 -39.26 -12.15
N THR E 172 16.48 -39.18 -11.17
CA THR E 172 16.12 -39.00 -9.76
C THR E 172 16.65 -37.67 -9.23
N SER E 173 17.78 -37.25 -9.75
CA SER E 173 18.48 -36.11 -9.18
C SER E 173 17.78 -34.80 -9.54
N GLY E 174 17.58 -33.92 -8.55
CA GLY E 174 16.94 -32.64 -8.82
C GLY E 174 15.43 -32.72 -8.96
N VAL E 175 14.85 -33.88 -8.71
CA VAL E 175 13.40 -34.06 -8.78
C VAL E 175 12.77 -33.63 -7.44
N HIS E 176 11.72 -32.80 -7.55
CA HIS E 176 10.89 -32.40 -6.42
C HIS E 176 9.40 -32.55 -6.82
N THR E 177 8.71 -33.48 -6.17
CA THR E 177 7.30 -33.74 -6.45
C THR E 177 6.54 -33.13 -5.30
N PHE E 178 5.77 -32.08 -5.59
CA PHE E 178 5.09 -31.33 -4.53
C PHE E 178 3.82 -32.03 -4.01
N PRO E 179 3.55 -31.94 -2.69
CA PRO E 179 2.24 -32.42 -2.17
C PRO E 179 1.08 -31.79 -2.94
N ALA E 180 -0.01 -32.54 -3.11
CA ALA E 180 -1.17 -32.10 -3.94
C ALA E 180 -1.99 -31.04 -3.26
N VAL E 181 -2.65 -30.20 -4.05
CA VAL E 181 -3.68 -29.31 -3.55
C VAL E 181 -5.03 -30.01 -3.69
N LEU E 182 -5.92 -29.84 -2.70
CA LEU E 182 -7.29 -30.33 -2.84
C LEU E 182 -8.13 -29.13 -3.19
N GLN E 183 -8.75 -29.18 -4.36
CA GLN E 183 -9.44 -28.03 -4.94
C GLN E 183 -10.94 -27.98 -4.57
N SER E 184 -11.52 -26.77 -4.53
CA SER E 184 -12.96 -26.61 -4.23
C SER E 184 -13.86 -27.38 -5.24
N SER E 185 -13.29 -27.81 -6.36
CA SER E 185 -13.92 -28.84 -7.22
C SER E 185 -13.95 -30.25 -6.63
N GLY E 186 -13.34 -30.46 -5.48
CA GLY E 186 -13.19 -31.84 -4.89
C GLY E 186 -12.07 -32.68 -5.51
N LEU E 187 -11.39 -32.12 -6.51
CA LEU E 187 -10.33 -32.83 -7.25
C LEU E 187 -8.95 -32.39 -6.81
N TYR E 188 -7.99 -33.30 -6.93
CA TYR E 188 -6.61 -33.04 -6.59
C TYR E 188 -5.81 -32.58 -7.84
N SER E 189 -4.77 -31.78 -7.62
CA SER E 189 -3.72 -31.54 -8.63
C SER E 189 -2.37 -31.47 -7.92
N LEU E 190 -1.33 -31.92 -8.60
CA LEU E 190 0.03 -31.75 -8.13
C LEU E 190 1.00 -31.43 -9.25
N SER E 191 2.23 -31.14 -8.85
CA SER E 191 3.31 -30.83 -9.78
C SER E 191 4.59 -31.51 -9.34
N SER E 192 5.32 -31.97 -10.33
CA SER E 192 6.65 -32.46 -10.11
C SER E 192 7.58 -31.67 -10.99
N VAL E 193 8.69 -31.26 -10.39
CA VAL E 193 9.66 -30.38 -11.04
C VAL E 193 11.05 -31.00 -10.97
N VAL E 194 11.82 -30.84 -12.06
CA VAL E 194 13.24 -31.17 -12.07
C VAL E 194 14.03 -29.91 -12.28
N THR E 195 15.02 -29.71 -11.42
CA THR E 195 15.97 -28.62 -11.51
C THR E 195 17.22 -29.22 -12.14
N VAL E 196 17.63 -28.64 -13.28
CA VAL E 196 18.85 -29.06 -14.03
C VAL E 196 19.73 -27.84 -14.33
N PRO E 197 21.05 -28.08 -14.49
CA PRO E 197 21.88 -26.94 -14.85
C PRO E 197 21.40 -26.48 -16.22
N SER E 198 21.21 -25.17 -16.39
CA SER E 198 20.73 -24.64 -17.66
C SER E 198 21.57 -25.15 -18.83
N SER E 199 22.86 -25.31 -18.61
CA SER E 199 23.75 -25.76 -19.67
C SER E 199 23.47 -27.17 -20.22
N SER E 200 22.39 -27.84 -19.74
CA SER E 200 21.94 -29.15 -20.31
C SER E 200 20.49 -29.31 -20.83
N LEU E 201 19.80 -28.23 -21.13
CA LEU E 201 18.55 -28.31 -21.90
C LEU E 201 18.76 -28.66 -23.42
N GLY E 202 19.69 -29.57 -23.71
CA GLY E 202 20.19 -29.78 -25.09
C GLY E 202 19.78 -31.05 -25.85
N THR E 203 20.56 -32.10 -25.66
CA THR E 203 20.27 -33.41 -26.26
C THR E 203 19.54 -34.25 -25.21
N GLN E 204 19.10 -33.57 -24.15
CA GLN E 204 18.34 -34.25 -23.12
C GLN E 204 16.85 -34.24 -23.38
N THR E 205 16.28 -35.41 -23.16
CA THR E 205 14.85 -35.59 -23.19
C THR E 205 14.36 -35.69 -21.76
N TYR E 206 13.21 -35.07 -21.53
CA TYR E 206 12.56 -35.20 -20.24
C TYR E 206 11.13 -35.62 -20.41
N VAL E 207 10.81 -36.78 -19.88
CA VAL E 207 9.49 -37.36 -19.92
C VAL E 207 9.12 -37.70 -18.48
N CYS E 208 7.96 -37.22 -18.06
CA CYS E 208 7.42 -37.57 -16.78
C CYS E 208 6.47 -38.72 -16.97
N ASN E 209 6.51 -39.68 -16.05
CA ASN E 209 5.61 -40.83 -16.08
C ASN E 209 4.66 -40.82 -14.89
N VAL E 210 3.38 -40.61 -15.19
CA VAL E 210 2.39 -40.46 -14.13
C VAL E 210 1.51 -41.68 -14.02
N ASN E 211 1.38 -42.21 -12.80
CA ASN E 211 0.50 -43.35 -12.57
C ASN E 211 -0.53 -43.01 -11.54
N HIS E 212 -1.78 -43.29 -11.87
CA HIS E 212 -2.86 -43.12 -10.93
C HIS E 212 -3.58 -44.45 -10.85
N LYS E 213 -3.16 -45.32 -9.92
CA LYS E 213 -3.78 -46.68 -9.81
C LYS E 213 -5.30 -46.67 -9.63
N PRO E 214 -5.86 -45.84 -8.71
CA PRO E 214 -7.30 -45.92 -8.48
C PRO E 214 -8.17 -45.88 -9.72
N SER E 215 -7.68 -45.26 -10.80
CA SER E 215 -8.44 -45.21 -12.07
C SER E 215 -7.71 -45.95 -13.16
N ASN E 216 -6.61 -46.60 -12.80
CA ASN E 216 -5.87 -47.38 -13.77
C ASN E 216 -5.47 -46.51 -14.97
N THR E 217 -4.84 -45.38 -14.69
CA THR E 217 -4.32 -44.50 -15.73
C THR E 217 -2.79 -44.37 -15.63
N LYS E 218 -2.12 -44.60 -16.75
CA LYS E 218 -0.70 -44.30 -16.91
C LYS E 218 -0.57 -43.31 -18.06
N VAL E 219 0.02 -42.15 -17.78
CA VAL E 219 0.27 -41.14 -18.80
C VAL E 219 1.73 -40.74 -18.76
N ASP E 220 2.35 -40.68 -19.94
CA ASP E 220 3.67 -40.08 -20.07
C ASP E 220 3.56 -38.72 -20.77
N LYS E 221 4.42 -37.78 -20.40
CA LYS E 221 4.44 -36.46 -21.08
C LYS E 221 5.85 -35.99 -21.38
N ARG E 222 6.10 -35.64 -22.64
CA ARG E 222 7.41 -35.13 -23.01
C ARG E 222 7.39 -33.66 -22.63
N VAL E 223 8.46 -33.16 -21.98
CA VAL E 223 8.53 -31.75 -21.55
C VAL E 223 9.74 -31.07 -22.17
N GLU E 224 9.48 -30.04 -22.96
CA GLU E 224 10.54 -29.30 -23.67
C GLU E 224 10.46 -27.85 -23.27
N GLN F 1 -15.98 -12.15 8.87
CA GLN F 1 -16.58 -10.85 9.27
C GLN F 1 -16.34 -10.42 10.68
N SER F 2 -16.68 -11.29 11.63
CA SER F 2 -16.19 -11.10 12.99
C SER F 2 -15.05 -12.09 13.21
N VAL F 3 -13.83 -11.56 13.26
CA VAL F 3 -12.63 -12.40 13.18
C VAL F 3 -11.86 -12.18 14.44
N LEU F 4 -11.28 -13.24 14.98
CA LEU F 4 -10.26 -13.04 15.99
C LEU F 4 -8.88 -13.15 15.31
N THR F 5 -8.21 -12.01 15.12
CA THR F 5 -7.01 -11.98 14.28
C THR F 5 -5.74 -12.37 15.08
N GLN F 6 -5.06 -13.43 14.64
CA GLN F 6 -3.77 -13.82 15.20
C GLN F 6 -2.63 -13.62 14.17
N PRO F 7 -1.39 -13.41 14.66
CA PRO F 7 -0.29 -13.49 13.71
C PRO F 7 -0.20 -14.88 13.03
N PRO F 8 0.05 -14.92 11.72
CA PRO F 8 0.11 -16.25 11.13
C PRO F 8 1.31 -17.10 11.63
N SER F 9 2.41 -16.43 11.91
CA SER F 9 3.69 -17.05 12.25
C SER F 9 4.26 -16.28 13.44
N VAL F 10 4.83 -17.02 14.49
CA VAL F 10 5.67 -16.49 15.52
C VAL F 10 6.76 -17.51 15.70
N SER F 11 8.00 -17.06 15.91
CA SER F 11 9.14 -17.97 16.03
C SER F 11 10.25 -17.40 16.92
N ALA F 12 11.00 -18.28 17.59
CA ALA F 12 12.11 -17.80 18.42
C ALA F 12 12.95 -19.04 18.70
N ALA F 13 14.17 -18.82 19.17
CA ALA F 13 15.02 -19.97 19.53
C ALA F 13 14.56 -20.69 20.82
N PRO F 14 14.89 -21.99 20.98
CA PRO F 14 14.69 -22.60 22.32
C PRO F 14 15.22 -21.70 23.42
N GLY F 15 14.49 -21.65 24.54
CA GLY F 15 14.87 -20.84 25.69
C GLY F 15 14.27 -19.45 25.69
N GLN F 16 13.84 -18.96 24.53
CA GLN F 16 13.26 -17.58 24.45
C GLN F 16 11.77 -17.58 24.79
N LYS F 17 11.17 -16.41 24.80
CA LYS F 17 9.77 -16.33 25.09
C LYS F 17 9.10 -15.81 23.78
N VAL F 18 7.84 -16.20 23.58
CA VAL F 18 7.02 -15.62 22.52
C VAL F 18 5.69 -15.18 23.11
N THR F 19 4.98 -14.33 22.38
CA THR F 19 3.72 -13.83 22.76
C THR F 19 2.88 -13.83 21.49
N ILE F 20 1.67 -14.40 21.56
CA ILE F 20 0.79 -14.58 20.41
C ILE F 20 -0.46 -13.78 20.68
N SER F 21 -0.73 -12.76 19.85
CA SER F 21 -1.89 -11.91 20.09
C SER F 21 -3.16 -12.47 19.43
N CYS F 22 -4.30 -11.92 19.83
CA CYS F 22 -5.58 -12.44 19.41
C CYS F 22 -6.51 -11.26 19.53
N SER F 23 -6.69 -10.57 18.42
CA SER F 23 -7.36 -9.26 18.44
C SER F 23 -8.79 -9.43 17.96
N GLY F 24 -9.76 -9.09 18.82
CA GLY F 24 -11.18 -9.27 18.48
C GLY F 24 -11.94 -7.95 18.65
N SER F 25 -13.12 -7.98 19.25
CA SER F 25 -13.89 -6.72 19.41
C SER F 25 -14.56 -6.77 20.77
N SER F 26 -15.19 -5.67 21.16
CA SER F 26 -15.91 -5.65 22.43
C SER F 26 -17.00 -6.71 22.56
N SER F 27 -17.53 -7.23 21.44
CA SER F 27 -18.65 -8.17 21.55
C SER F 27 -18.15 -9.61 21.79
N ASN F 28 -16.83 -9.83 21.71
CA ASN F 28 -16.24 -11.17 22.02
C ASN F 28 -15.16 -11.12 23.10
N ILE F 29 -13.90 -10.81 22.73
CA ILE F 29 -12.80 -10.74 23.69
C ILE F 29 -13.07 -9.65 24.74
N GLY F 30 -13.70 -8.55 24.31
CA GLY F 30 -14.03 -7.47 25.21
C GLY F 30 -14.92 -7.84 26.36
N ARG F 31 -15.93 -8.70 26.13
CA ARG F 31 -16.88 -9.05 27.18
C ARG F 31 -16.82 -10.51 27.66
N SER F 32 -16.17 -11.41 26.92
CA SER F 32 -16.14 -12.85 27.31
C SER F 32 -14.74 -13.33 27.77
N TYR F 33 -14.71 -14.48 28.43
CA TYR F 33 -13.43 -15.14 28.76
C TYR F 33 -12.81 -15.81 27.54
N VAL F 34 -11.49 -15.79 27.49
CA VAL F 34 -10.78 -16.26 26.33
C VAL F 34 -10.21 -17.65 26.67
N SER F 35 -10.30 -18.56 25.70
CA SER F 35 -9.63 -19.86 25.81
C SER F 35 -8.52 -19.97 24.76
N TRP F 36 -7.52 -20.84 25.03
CA TRP F 36 -6.49 -21.10 24.03
C TRP F 36 -6.38 -22.60 23.79
N TYR F 37 -6.06 -23.00 22.55
CA TYR F 37 -5.99 -24.39 22.08
C TYR F 37 -4.67 -24.64 21.38
N GLN F 38 -4.05 -25.77 21.72
CA GLN F 38 -2.81 -26.14 21.16
C GLN F 38 -3.05 -27.36 20.25
N GLN F 39 -2.55 -27.32 19.03
CA GLN F 39 -2.73 -28.49 18.14
C GLN F 39 -1.40 -28.85 17.51
N VAL F 40 -0.80 -29.94 17.96
CA VAL F 40 0.45 -30.38 17.35
C VAL F 40 0.03 -31.12 16.09
N PRO F 41 0.88 -31.15 15.07
CA PRO F 41 0.41 -31.89 13.90
C PRO F 41 0.68 -33.37 14.19
N GLY F 42 -0.21 -34.31 13.85
CA GLY F 42 -1.55 -34.10 13.31
C GLY F 42 -2.50 -34.80 14.31
N ALA F 43 -2.81 -34.07 15.38
CA ALA F 43 -3.65 -34.57 16.46
C ALA F 43 -4.81 -33.59 16.60
N ALA F 44 -5.79 -33.95 17.43
CA ALA F 44 -6.89 -33.08 17.78
C ALA F 44 -6.34 -31.89 18.56
N PRO F 45 -7.05 -30.74 18.55
CA PRO F 45 -6.71 -29.65 19.44
C PRO F 45 -6.90 -30.04 20.90
N LYS F 46 -6.20 -29.38 21.81
CA LYS F 46 -6.49 -29.53 23.24
C LYS F 46 -6.51 -28.20 23.96
N LEU F 47 -7.30 -28.13 25.00
CA LEU F 47 -7.42 -26.94 25.82
C LEU F 47 -6.06 -26.68 26.49
N LEU F 48 -5.58 -25.46 26.34
CA LEU F 48 -4.37 -25.00 26.93
C LEU F 48 -4.64 -23.94 28.08
N ILE F 49 -5.55 -23.02 27.80
CA ILE F 49 -5.89 -21.94 28.73
C ILE F 49 -7.41 -21.77 28.71
N TYR F 50 -8.08 -21.66 29.87
CA TYR F 50 -9.50 -21.28 29.83
C TYR F 50 -9.73 -20.12 30.83
N ASP F 51 -10.92 -19.50 30.77
CA ASP F 51 -11.26 -18.37 31.66
C ASP F 51 -10.15 -17.33 31.66
N THR F 52 -9.62 -17.11 30.46
CA THR F 52 -8.61 -16.14 30.16
C THR F 52 -7.16 -16.45 30.63
N ASN F 53 -6.98 -16.89 31.86
CA ASN F 53 -5.65 -17.13 32.42
C ASN F 53 -5.50 -18.39 33.27
N LYS F 54 -6.43 -19.35 33.16
CA LYS F 54 -6.28 -20.58 33.94
C LYS F 54 -5.79 -21.76 33.11
N ARG F 55 -4.97 -22.60 33.72
CA ARG F 55 -4.38 -23.76 33.08
C ARG F 55 -5.02 -25.05 33.55
N PRO F 56 -5.43 -25.91 32.61
CA PRO F 56 -5.85 -27.28 32.78
C PRO F 56 -4.75 -28.05 33.46
N SER F 57 -5.10 -29.16 34.11
CA SER F 57 -4.12 -30.13 34.64
C SER F 57 -3.21 -30.59 33.51
N GLY F 58 -1.93 -30.71 33.82
CA GLY F 58 -0.98 -31.14 32.78
C GLY F 58 -0.51 -30.06 31.80
N VAL F 59 -0.90 -28.81 32.07
CA VAL F 59 -0.40 -27.72 31.25
C VAL F 59 0.60 -26.96 32.08
N SER F 60 1.78 -26.80 31.49
CA SER F 60 2.96 -26.18 32.11
C SER F 60 2.76 -24.71 32.48
N ASP F 61 3.27 -24.31 33.66
CA ASP F 61 3.75 -22.98 34.07
C ASP F 61 4.16 -22.04 32.97
N ARG F 62 4.87 -22.58 32.00
CA ARG F 62 5.44 -21.76 30.92
C ARG F 62 4.39 -21.03 30.05
N PHE F 63 3.18 -21.57 30.03
CA PHE F 63 2.07 -21.00 29.22
C PHE F 63 1.26 -20.09 30.11
N SER F 64 1.01 -18.84 29.70
CA SER F 64 0.09 -18.02 30.47
C SER F 64 -0.78 -17.16 29.54
N GLY F 65 -2.00 -16.85 30.01
CA GLY F 65 -2.99 -16.12 29.21
C GLY F 65 -3.34 -14.80 29.87
N SER F 66 -3.72 -13.82 29.06
CA SER F 66 -4.18 -12.51 29.58
C SER F 66 -4.98 -11.83 28.49
N LYS F 67 -5.55 -10.67 28.82
CA LYS F 67 -6.23 -9.89 27.84
C LYS F 67 -6.28 -8.45 28.32
N SER F 68 -6.42 -7.52 27.41
CA SER F 68 -6.68 -6.13 27.76
C SER F 68 -7.46 -5.51 26.61
N GLY F 69 -8.56 -4.87 26.97
CA GLY F 69 -9.44 -4.34 25.96
C GLY F 69 -9.95 -5.47 25.11
N SER F 70 -9.75 -5.36 23.80
CA SER F 70 -10.37 -6.30 22.90
C SER F 70 -9.35 -7.28 22.31
N SER F 71 -8.15 -7.35 22.92
CA SER F 71 -7.08 -8.23 22.46
C SER F 71 -6.52 -9.09 23.62
N ALA F 72 -6.39 -10.39 23.36
CA ALA F 72 -5.88 -11.32 24.35
C ALA F 72 -4.52 -11.77 23.85
N SER F 73 -3.71 -12.32 24.75
CA SER F 73 -2.36 -12.78 24.42
C SER F 73 -2.00 -14.07 25.15
N LEU F 74 -1.44 -15.01 24.41
CA LEU F 74 -0.79 -16.21 25.01
C LEU F 74 0.74 -15.97 25.09
N ALA F 75 1.35 -16.06 26.28
CA ALA F 75 2.78 -15.98 26.40
C ALA F 75 3.33 -17.36 26.67
N ILE F 76 4.44 -17.67 26.04
CA ILE F 76 5.06 -18.96 26.25
C ILE F 76 6.50 -18.67 26.57
N THR F 77 6.93 -19.00 27.78
CA THR F 77 8.33 -18.76 28.17
C THR F 77 9.18 -20.04 28.12
N GLY F 78 10.51 -19.91 28.18
CA GLY F 78 11.39 -21.12 28.12
C GLY F 78 11.06 -22.02 26.92
N LEU F 79 10.91 -21.41 25.74
CA LEU F 79 10.45 -22.17 24.59
C LEU F 79 11.17 -23.51 24.51
N GLN F 80 10.40 -24.55 24.23
CA GLN F 80 10.99 -25.87 23.94
C GLN F 80 10.54 -26.40 22.60
N THR F 81 11.34 -27.29 22.03
CA THR F 81 10.98 -27.83 20.69
C THR F 81 9.59 -28.48 20.66
N GLY F 82 9.19 -29.06 21.79
CA GLY F 82 7.86 -29.67 21.95
C GLY F 82 6.69 -28.69 21.90
N ASP F 83 6.95 -27.40 22.08
CA ASP F 83 5.89 -26.37 21.90
C ASP F 83 5.50 -26.09 20.44
N GLU F 84 6.27 -26.62 19.51
CA GLU F 84 6.00 -26.28 18.12
C GLU F 84 4.65 -26.88 17.74
N ALA F 85 3.72 -26.00 17.34
CA ALA F 85 2.34 -26.39 17.16
C ALA F 85 1.55 -25.19 16.60
N ASP F 86 0.33 -25.44 16.17
CA ASP F 86 -0.63 -24.35 15.87
C ASP F 86 -1.42 -24.01 17.13
N TYR F 87 -1.69 -22.71 17.33
CA TYR F 87 -2.33 -22.20 18.52
C TYR F 87 -3.49 -21.35 18.08
N TYR F 88 -4.66 -21.63 18.67
CA TYR F 88 -5.91 -20.89 18.37
C TYR F 88 -6.44 -20.24 19.64
N CYS F 89 -6.79 -18.97 19.59
CA CYS F 89 -7.57 -18.45 20.70
C CYS F 89 -9.06 -18.72 20.39
N GLY F 90 -9.92 -18.59 21.40
CA GLY F 90 -11.37 -18.62 21.20
C GLY F 90 -12.14 -17.83 22.23
N ALA F 91 -13.33 -17.35 21.82
CA ALA F 91 -14.20 -16.60 22.77
C ALA F 91 -15.62 -16.53 22.24
N TRP F 92 -16.56 -16.54 23.17
CA TRP F 92 -17.97 -16.41 22.87
C TRP F 92 -18.23 -14.98 22.38
N ASP F 93 -18.94 -14.86 21.26
CA ASP F 93 -19.43 -13.54 20.78
C ASP F 93 -20.91 -13.38 21.19
N GLY F 94 -21.16 -12.40 22.06
CA GLY F 94 -22.48 -12.23 22.68
C GLY F 94 -23.48 -11.47 21.80
N SER F 95 -23.02 -10.86 20.72
CA SER F 95 -23.97 -10.20 19.83
C SER F 95 -24.33 -11.09 18.65
N LEU F 96 -23.45 -12.04 18.33
CA LEU F 96 -23.72 -13.05 17.30
C LEU F 96 -24.04 -14.45 17.82
N ASN F 97 -23.85 -14.68 19.13
CA ASN F 97 -24.18 -15.96 19.76
C ASN F 97 -23.41 -17.13 19.09
N VAL F 98 -22.08 -17.04 19.14
CA VAL F 98 -21.26 -17.96 18.39
C VAL F 98 -19.93 -18.01 19.13
N HIS F 99 -19.33 -19.20 19.19
CA HIS F 99 -17.94 -19.27 19.59
C HIS F 99 -17.09 -18.99 18.35
N ILE F 100 -16.17 -18.03 18.46
CA ILE F 100 -15.27 -17.67 17.33
C ILE F 100 -13.85 -18.10 17.71
N PHE F 101 -13.32 -19.02 16.92
CA PHE F 101 -11.89 -19.31 16.97
C PHE F 101 -11.05 -18.25 16.27
N GLY F 102 -9.88 -17.95 16.84
CA GLY F 102 -8.89 -17.06 16.21
C GLY F 102 -8.41 -17.61 14.85
N SER F 103 -7.78 -16.78 14.04
CA SER F 103 -7.29 -17.25 12.73
C SER F 103 -6.10 -18.28 12.80
N GLY F 104 -5.49 -18.41 13.97
CA GLY F 104 -4.47 -19.42 14.16
C GLY F 104 -3.04 -18.90 14.05
N THR F 105 -2.13 -19.47 14.85
CA THR F 105 -0.75 -19.09 14.73
C THR F 105 0.10 -20.35 14.70
N LYS F 106 0.98 -20.49 13.71
CA LYS F 106 2.05 -21.45 13.81
C LYS F 106 3.23 -20.87 14.60
N LEU F 107 3.58 -21.54 15.69
CA LEU F 107 4.78 -21.26 16.47
C LEU F 107 5.89 -22.16 15.98
N THR F 108 6.94 -21.52 15.45
CA THR F 108 8.15 -22.27 15.08
C THR F 108 9.22 -22.07 16.12
N VAL F 109 9.77 -23.18 16.60
CA VAL F 109 10.92 -23.14 17.51
C VAL F 109 12.18 -23.30 16.64
N LEU F 110 12.97 -22.25 16.50
CA LEU F 110 14.05 -22.21 15.45
C LEU F 110 15.30 -23.02 15.89
N GLY F 111 15.89 -24.08 15.30
CA GLY F 111 15.77 -24.86 14.15
C GLY F 111 17.17 -24.75 13.50
N GLN F 112 17.28 -23.63 12.83
CA GLN F 112 18.28 -23.41 11.80
C GLN F 112 18.02 -22.00 11.34
N PRO F 113 18.88 -21.45 10.45
CA PRO F 113 18.62 -20.07 10.02
C PRO F 113 17.27 -19.90 9.27
N LYS F 114 16.66 -18.73 9.43
CA LYS F 114 15.50 -18.40 8.62
C LYS F 114 15.92 -18.41 7.14
N ALA F 115 15.01 -18.81 6.25
CA ALA F 115 15.33 -18.92 4.83
C ALA F 115 14.17 -18.42 4.00
N SER F 116 14.44 -17.56 3.04
CA SER F 116 13.39 -17.02 2.15
C SER F 116 12.97 -18.06 1.10
N PRO F 117 11.73 -17.96 0.59
CA PRO F 117 11.22 -18.98 -0.34
C PRO F 117 11.85 -18.77 -1.72
N LEU F 118 12.14 -19.88 -2.39
CA LEU F 118 12.42 -19.89 -3.83
C LEU F 118 11.08 -20.06 -4.57
N VAL F 119 10.81 -19.17 -5.52
CA VAL F 119 9.52 -19.17 -6.20
C VAL F 119 9.75 -19.46 -7.67
N THR F 120 9.00 -20.44 -8.19
CA THR F 120 9.00 -20.71 -9.62
C THR F 120 7.59 -20.62 -10.18
N LEU F 121 7.40 -19.78 -11.19
CA LEU F 121 6.04 -19.54 -11.73
C LEU F 121 5.99 -20.09 -13.16
N PHE F 122 5.08 -21.01 -13.47
CA PHE F 122 4.98 -21.53 -14.85
C PHE F 122 3.68 -21.05 -15.52
N PRO F 123 3.80 -20.60 -16.79
CA PRO F 123 2.65 -20.30 -17.63
C PRO F 123 1.89 -21.60 -17.99
N PRO F 124 0.65 -21.48 -18.52
CA PRO F 124 -0.04 -22.66 -18.97
C PRO F 124 0.66 -23.30 -20.17
N SER F 125 0.52 -24.62 -20.34
CA SER F 125 1.14 -25.28 -21.52
C SER F 125 0.31 -25.04 -22.77
N SER F 126 0.97 -25.05 -23.94
CA SER F 126 0.20 -25.04 -25.18
C SER F 126 -0.92 -26.11 -25.23
N GLU F 127 -0.66 -27.31 -24.68
CA GLU F 127 -1.66 -28.38 -24.78
C GLU F 127 -2.93 -28.03 -24.02
N GLU F 128 -2.75 -27.49 -22.81
CA GLU F 128 -3.88 -27.13 -21.99
C GLU F 128 -4.75 -26.03 -22.67
N LEU F 129 -4.11 -25.09 -23.30
CA LEU F 129 -4.79 -23.95 -23.94
C LEU F 129 -5.75 -24.38 -25.06
N GLN F 130 -5.41 -25.50 -25.70
CA GLN F 130 -6.26 -26.04 -26.75
C GLN F 130 -7.63 -26.41 -26.23
N ALA F 131 -7.70 -26.76 -24.94
CA ALA F 131 -8.95 -27.05 -24.29
C ALA F 131 -9.63 -25.79 -23.72
N ASN F 132 -9.21 -24.60 -24.11
CA ASN F 132 -9.68 -23.34 -23.44
C ASN F 132 -9.54 -23.36 -21.90
N LYS F 133 -8.46 -23.98 -21.42
CA LYS F 133 -8.08 -23.92 -20.02
C LYS F 133 -6.65 -23.45 -19.91
N ALA F 134 -6.34 -22.83 -18.76
CA ALA F 134 -5.03 -22.28 -18.49
C ALA F 134 -4.81 -22.31 -16.99
N THR F 135 -3.86 -23.13 -16.58
CA THR F 135 -3.51 -23.29 -15.17
C THR F 135 -2.10 -22.74 -14.97
N LEU F 136 -2.02 -21.73 -14.13
CA LEU F 136 -0.77 -21.16 -13.78
C LEU F 136 -0.34 -21.85 -12.48
N VAL F 137 0.96 -22.20 -12.39
CA VAL F 137 1.46 -22.97 -11.26
C VAL F 137 2.59 -22.26 -10.58
N CYS F 138 2.42 -22.00 -9.27
CA CYS F 138 3.43 -21.26 -8.54
C CYS F 138 4.00 -22.22 -7.54
N LEU F 139 5.29 -22.46 -7.68
CA LEU F 139 5.97 -23.40 -6.78
C LEU F 139 6.92 -22.65 -5.86
N ILE F 140 6.82 -23.01 -4.58
CA ILE F 140 7.53 -22.34 -3.47
C ILE F 140 8.29 -23.35 -2.63
N SER F 141 9.58 -23.15 -2.48
CA SER F 141 10.34 -24.15 -1.75
C SER F 141 11.44 -23.54 -0.91
N ASP F 142 11.97 -24.35 -0.03
CA ASP F 142 13.16 -24.00 0.75
C ASP F 142 12.94 -22.78 1.68
N PHE F 143 11.76 -22.67 2.27
CA PHE F 143 11.52 -21.55 3.19
C PHE F 143 11.36 -22.05 4.63
N TYR F 144 11.77 -21.22 5.59
CA TYR F 144 11.72 -21.61 6.99
C TYR F 144 11.68 -20.29 7.80
N PRO F 145 10.74 -20.11 8.74
CA PRO F 145 9.70 -21.01 9.21
C PRO F 145 8.70 -21.34 8.10
N GLY F 146 7.94 -22.39 8.30
CA GLY F 146 7.07 -22.96 7.27
C GLY F 146 5.72 -22.25 7.13
N VAL F 147 5.72 -20.94 6.94
CA VAL F 147 4.46 -20.18 6.81
C VAL F 147 4.63 -19.12 5.73
N VAL F 148 3.71 -19.06 4.77
CA VAL F 148 3.76 -18.09 3.68
C VAL F 148 2.34 -17.63 3.41
N LYS F 149 2.23 -16.43 2.87
CA LYS F 149 0.98 -15.98 2.32
C LYS F 149 1.17 -15.93 0.80
N VAL F 150 0.23 -16.47 0.03
CA VAL F 150 0.36 -16.47 -1.41
C VAL F 150 -0.76 -15.64 -1.99
N ALA F 151 -0.44 -14.65 -2.84
CA ALA F 151 -1.46 -13.79 -3.48
C ALA F 151 -1.18 -13.70 -4.99
N TRP F 152 -2.25 -13.69 -5.79
CA TRP F 152 -2.06 -13.57 -7.23
C TRP F 152 -2.54 -12.21 -7.69
N LYS F 153 -1.93 -11.66 -8.73
CA LYS F 153 -2.33 -10.39 -9.35
C LYS F 153 -2.42 -10.54 -10.84
N ALA F 154 -3.37 -9.82 -11.45
CA ALA F 154 -3.46 -9.73 -12.91
C ALA F 154 -3.46 -8.25 -13.24
N ASP F 155 -2.46 -7.80 -14.01
CA ASP F 155 -2.31 -6.40 -14.42
C ASP F 155 -2.35 -5.43 -13.24
N GLY F 156 -1.71 -5.77 -12.13
CA GLY F 156 -1.83 -4.90 -10.96
C GLY F 156 -2.94 -5.24 -9.98
N ASN F 157 -4.06 -5.73 -10.49
CA ASN F 157 -5.20 -6.06 -9.66
C ASN F 157 -5.12 -7.39 -8.93
N SER F 158 -5.68 -7.40 -7.72
CA SER F 158 -5.90 -8.61 -6.96
C SER F 158 -6.77 -9.66 -7.71
N VAL F 159 -6.30 -10.91 -7.70
CA VAL F 159 -7.09 -12.03 -8.23
C VAL F 159 -7.76 -12.84 -7.12
N ASN F 160 -9.09 -12.91 -7.13
CA ASN F 160 -9.81 -13.42 -5.97
C ASN F 160 -10.61 -14.69 -6.18
N THR F 161 -10.53 -15.26 -7.38
CA THR F 161 -11.25 -16.49 -7.72
C THR F 161 -10.30 -17.38 -8.52
N GLY F 162 -10.47 -18.69 -8.38
CA GLY F 162 -9.66 -19.67 -9.13
C GLY F 162 -8.33 -20.03 -8.47
N VAL F 163 -8.04 -19.36 -7.34
CA VAL F 163 -6.85 -19.68 -6.51
C VAL F 163 -7.06 -20.89 -5.57
N GLU F 164 -6.16 -21.88 -5.69
CA GLU F 164 -6.05 -22.92 -4.66
C GLU F 164 -4.61 -23.02 -4.17
N THR F 165 -4.39 -22.97 -2.86
CA THR F 165 -3.01 -22.96 -2.33
C THR F 165 -2.82 -24.02 -1.26
N THR F 166 -1.74 -24.81 -1.33
CA THR F 166 -1.53 -25.86 -0.33
C THR F 166 -1.07 -25.27 1.01
N THR F 167 -1.27 -26.03 2.08
CA THR F 167 -0.66 -25.68 3.36
C THR F 167 0.79 -26.21 3.30
N PRO F 168 1.77 -25.45 3.81
CA PRO F 168 3.18 -25.89 3.61
C PRO F 168 3.50 -27.25 4.21
N SER F 169 4.32 -28.06 3.56
CA SER F 169 4.82 -29.28 4.22
C SER F 169 6.34 -29.28 4.38
N LYS F 170 6.82 -29.93 5.44
CA LYS F 170 8.24 -29.97 5.70
C LYS F 170 8.93 -30.82 4.63
N GLN F 171 10.01 -30.31 4.03
CA GLN F 171 10.85 -31.07 3.13
C GLN F 171 11.81 -31.91 4.00
N SER F 172 12.56 -32.83 3.38
CA SER F 172 13.61 -33.63 4.11
C SER F 172 14.73 -32.78 4.78
N ASN F 173 15.02 -31.62 4.21
CA ASN F 173 15.98 -30.73 4.85
C ASN F 173 15.35 -29.82 5.94
N ASN F 174 14.13 -30.12 6.37
CA ASN F 174 13.42 -29.30 7.42
C ASN F 174 13.00 -27.87 7.02
N LYS F 175 13.33 -27.46 5.79
CA LYS F 175 12.68 -26.28 5.23
C LYS F 175 11.35 -26.76 4.64
N TYR F 176 10.56 -25.84 4.09
CA TYR F 176 9.18 -26.15 3.68
C TYR F 176 8.90 -25.87 2.19
N ALA F 177 7.91 -26.58 1.63
CA ALA F 177 7.43 -26.36 0.27
C ALA F 177 5.95 -26.09 0.31
N ALA F 178 5.48 -25.33 -0.66
CA ALA F 178 4.07 -25.21 -0.91
C ALA F 178 3.81 -24.93 -2.38
N SER F 179 2.55 -24.97 -2.78
CA SER F 179 2.25 -24.64 -4.18
C SER F 179 0.92 -23.98 -4.27
N SER F 180 0.77 -23.13 -5.28
CA SER F 180 -0.50 -22.48 -5.47
C SER F 180 -0.87 -22.56 -6.94
N TYR F 181 -2.15 -22.75 -7.21
CA TYR F 181 -2.57 -22.93 -8.58
C TYR F 181 -3.61 -21.86 -8.91
N LEU F 182 -3.52 -21.26 -10.09
CA LEU F 182 -4.52 -20.31 -10.53
C LEU F 182 -5.16 -20.86 -11.77
N SER F 183 -6.45 -21.23 -11.64
CA SER F 183 -7.26 -21.84 -12.71
C SER F 183 -8.09 -20.83 -13.53
N LEU F 184 -7.68 -20.61 -14.77
CA LEU F 184 -8.32 -19.66 -15.67
C LEU F 184 -8.84 -20.40 -16.89
N THR F 185 -9.65 -19.73 -17.70
CA THR F 185 -9.82 -20.18 -19.13
C THR F 185 -8.67 -19.62 -19.95
N SER F 186 -8.49 -20.14 -21.17
CA SER F 186 -7.52 -19.52 -22.08
C SER F 186 -7.89 -18.07 -22.40
N ASP F 187 -9.17 -17.79 -22.62
CA ASP F 187 -9.62 -16.39 -22.84
C ASP F 187 -9.16 -15.42 -21.72
N GLN F 188 -9.30 -15.82 -20.47
CA GLN F 188 -8.85 -14.97 -19.35
C GLN F 188 -7.35 -14.78 -19.37
N TRP F 189 -6.60 -15.86 -19.59
CA TRP F 189 -5.12 -15.79 -19.59
C TRP F 189 -4.62 -14.81 -20.64
N LYS F 190 -5.20 -14.86 -21.85
CA LYS F 190 -4.76 -14.04 -22.96
C LYS F 190 -5.24 -12.60 -22.87
N SER F 191 -6.17 -12.32 -21.98
CA SER F 191 -6.75 -10.99 -21.92
C SER F 191 -6.16 -10.09 -20.87
N HIS F 192 -5.06 -10.52 -20.25
CA HIS F 192 -4.22 -9.65 -19.36
C HIS F 192 -2.79 -9.61 -19.89
N LYS F 193 -2.09 -8.50 -19.61
CA LYS F 193 -0.71 -8.34 -20.01
C LYS F 193 0.20 -9.29 -19.22
N SER F 194 -0.11 -9.52 -17.95
CA SER F 194 0.62 -10.56 -17.24
C SER F 194 -0.06 -10.91 -15.91
N TYR F 195 0.44 -11.95 -15.25
CA TYR F 195 -0.08 -12.34 -13.96
C TYR F 195 1.13 -12.53 -13.04
N SER F 196 0.92 -12.34 -11.72
CA SER F 196 2.00 -12.45 -10.76
C SER F 196 1.56 -13.33 -9.62
N CYS F 197 2.48 -14.17 -9.19
CA CYS F 197 2.33 -14.91 -7.96
C CYS F 197 3.24 -14.23 -6.95
N GLN F 198 2.64 -13.73 -5.88
CA GLN F 198 3.33 -12.98 -4.81
C GLN F 198 3.39 -13.80 -3.53
N VAL F 199 4.60 -14.06 -3.06
CA VAL F 199 4.81 -14.88 -1.87
C VAL F 199 5.46 -14.05 -0.75
N THR F 200 4.79 -14.00 0.38
CA THR F 200 5.28 -13.18 1.45
C THR F 200 5.63 -14.13 2.59
N HIS F 201 6.85 -13.95 3.10
CA HIS F 201 7.45 -14.76 4.16
C HIS F 201 8.15 -13.78 5.07
N GLU F 202 7.91 -13.93 6.35
CA GLU F 202 8.40 -12.98 7.36
C GLU F 202 8.07 -11.51 7.00
N GLY F 203 6.90 -11.29 6.41
CA GLY F 203 6.56 -9.92 6.05
C GLY F 203 7.19 -9.44 4.75
N SER F 204 8.18 -10.18 4.23
CA SER F 204 8.86 -9.75 2.99
C SER F 204 8.29 -10.46 1.77
N THR F 205 8.08 -9.71 0.68
CA THR F 205 7.41 -10.25 -0.48
C THR F 205 8.40 -10.56 -1.62
N VAL F 206 8.29 -11.77 -2.17
CA VAL F 206 8.99 -12.16 -3.43
C VAL F 206 7.91 -12.33 -4.53
N GLU F 207 8.17 -11.78 -5.70
CA GLU F 207 7.21 -11.80 -6.79
C GLU F 207 7.78 -12.36 -8.12
N LYS F 208 7.03 -13.28 -8.74
CA LYS F 208 7.35 -13.77 -10.11
C LYS F 208 6.17 -13.48 -11.04
N THR F 209 6.45 -13.25 -12.32
CA THR F 209 5.46 -12.79 -13.27
C THR F 209 5.58 -13.60 -14.56
N VAL F 210 4.46 -13.86 -15.25
CA VAL F 210 4.49 -14.51 -16.55
C VAL F 210 3.51 -13.76 -17.42
N ALA F 211 3.69 -13.86 -18.73
CA ALA F 211 2.85 -13.10 -19.65
C ALA F 211 2.60 -13.98 -20.86
N PRO F 212 1.41 -13.81 -21.48
CA PRO F 212 1.02 -14.46 -22.75
C PRO F 212 1.82 -13.86 -23.90
N GLN G 5 -4.09 29.55 9.32
CA GLN G 5 -3.20 28.66 10.12
C GLN G 5 -3.34 28.94 11.63
N LEU G 6 -3.22 27.88 12.42
CA LEU G 6 -3.40 27.98 13.87
C LEU G 6 -2.04 28.00 14.49
N VAL G 7 -1.88 28.86 15.50
CA VAL G 7 -0.56 29.05 16.13
C VAL G 7 -0.64 29.03 17.64
N GLU G 8 -0.04 28.02 18.24
CA GLU G 8 0.00 27.93 19.68
C GLU G 8 1.19 28.71 20.22
N SER G 9 1.05 29.22 21.45
CA SER G 9 2.22 29.73 22.17
C SER G 9 2.11 29.39 23.64
N GLY G 10 3.22 29.20 24.31
CA GLY G 10 3.20 28.92 25.73
C GLY G 10 4.59 28.88 26.26
N PRO G 11 4.77 28.59 27.57
CA PRO G 11 6.12 28.51 28.11
C PRO G 11 6.75 27.15 27.75
N GLY G 12 8.05 27.11 27.59
CA GLY G 12 8.71 25.91 27.16
C GLY G 12 8.88 25.03 28.38
N LEU G 13 8.89 25.67 29.56
CA LEU G 13 9.19 24.99 30.81
C LEU G 13 8.26 25.50 31.92
N VAL G 14 7.72 24.58 32.73
CA VAL G 14 6.83 24.91 33.85
C VAL G 14 7.16 24.00 35.02
N LYS G 15 7.08 24.52 36.24
CA LYS G 15 7.39 23.70 37.42
C LYS G 15 6.22 22.86 37.90
N PRO G 16 6.53 21.68 38.46
CA PRO G 16 5.48 20.83 39.01
C PRO G 16 4.64 21.67 39.96
N LEU G 17 3.33 21.47 39.89
CA LEU G 17 2.31 22.12 40.73
C LEU G 17 1.92 23.56 40.32
N GLU G 18 2.59 24.09 39.31
CA GLU G 18 2.18 25.38 38.72
C GLU G 18 1.09 25.23 37.65
N THR G 19 0.61 26.36 37.16
CA THR G 19 -0.47 26.37 36.19
C THR G 19 0.15 26.56 34.82
N LEU G 20 -0.13 25.65 33.90
CA LEU G 20 0.25 25.82 32.50
C LEU G 20 -0.78 26.67 31.75
N SER G 21 -0.38 27.76 31.10
CA SER G 21 -1.29 28.53 30.23
C SER G 21 -0.80 28.54 28.77
N LEU G 22 -1.69 28.14 27.85
CA LEU G 22 -1.42 28.12 26.42
C LEU G 22 -2.42 29.01 25.71
N THR G 23 -2.00 29.56 24.57
CA THR G 23 -2.86 30.36 23.73
C THR G 23 -2.74 29.86 22.28
N CYS G 24 -3.88 29.81 21.63
CA CYS G 24 -3.99 29.47 20.25
C CYS G 24 -4.57 30.69 19.51
N ALA G 25 -3.86 31.14 18.47
CA ALA G 25 -4.33 32.21 17.60
C ALA G 25 -4.73 31.74 16.20
N VAL G 26 -5.65 32.49 15.60
CA VAL G 26 -6.09 32.24 14.23
C VAL G 26 -5.81 33.51 13.39
N PRO G 27 -4.51 33.85 13.20
CA PRO G 27 -4.00 35.10 12.60
C PRO G 27 -4.87 35.69 11.46
N GLY G 28 -5.09 34.95 10.39
CA GLY G 28 -5.93 35.47 9.29
C GLY G 28 -7.46 35.41 9.48
N GLY G 29 -7.93 34.58 10.40
CA GLY G 29 -9.38 34.45 10.62
C GLY G 29 -9.94 34.75 12.00
N SER G 30 -10.96 33.98 12.36
CA SER G 30 -11.87 34.30 13.45
C SER G 30 -12.20 33.00 14.20
N ILE G 31 -12.47 33.10 15.50
CA ILE G 31 -12.83 31.95 16.35
C ILE G 31 -14.34 31.70 16.48
N ARG G 32 -15.20 32.68 16.15
CA ARG G 32 -16.66 32.54 16.38
C ARG G 32 -17.26 31.50 15.42
N ARG G 33 -18.38 30.88 15.79
CA ARG G 33 -19.11 29.90 14.95
C ARG G 33 -18.28 28.67 14.52
N ASN G 34 -17.38 28.26 15.41
CA ASN G 34 -16.66 27.02 15.24
C ASN G 34 -16.31 26.50 16.62
N TYR G 35 -16.06 25.18 16.72
CA TYR G 35 -15.50 24.59 17.94
C TYR G 35 -13.97 24.49 17.86
N TRP G 36 -13.35 24.48 19.03
CA TRP G 36 -11.86 24.51 19.12
C TRP G 36 -11.40 23.58 20.19
N SER G 37 -10.36 22.78 19.91
CA SER G 37 -9.90 21.78 20.89
C SER G 37 -8.41 21.93 21.17
N TRP G 38 -7.99 21.55 22.37
CA TRP G 38 -6.62 21.28 22.69
C TRP G 38 -6.43 19.74 22.75
N ILE G 39 -5.39 19.31 22.06
CA ILE G 39 -4.93 17.89 22.03
C ILE G 39 -3.45 17.88 22.47
N ARG G 40 -2.97 16.79 23.09
CA ARG G 40 -1.57 16.75 23.47
C ARG G 40 -0.98 15.38 23.19
N GLN G 41 0.34 15.32 23.21
CA GLN G 41 1.08 14.11 22.87
C GLN G 41 2.42 14.11 23.62
N PRO G 42 2.51 13.29 24.67
CA PRO G 42 3.81 13.19 25.33
C PRO G 42 4.84 12.70 24.34
N PRO G 43 6.13 13.02 24.54
CA PRO G 43 7.12 12.51 23.61
C PRO G 43 7.03 11.01 23.44
N GLY G 44 6.96 10.54 22.18
CA GLY G 44 6.94 9.10 21.89
C GLY G 44 5.67 8.36 22.27
N LYS G 45 4.61 9.10 22.59
CA LYS G 45 3.35 8.45 22.99
C LYS G 45 2.17 8.88 22.11
N GLY G 46 0.98 8.48 22.50
CA GLY G 46 -0.24 8.62 21.72
C GLY G 46 -0.83 10.02 21.90
N LEU G 47 -1.73 10.38 20.99
CA LEU G 47 -2.56 11.61 21.15
C LEU G 47 -3.61 11.45 22.27
N GLU G 48 -3.95 12.58 22.93
CA GLU G 48 -4.92 12.59 24.00
C GLU G 48 -5.70 13.90 23.85
N TRP G 49 -7.00 13.82 23.67
CA TRP G 49 -7.83 15.03 23.61
C TRP G 49 -8.04 15.62 25.00
N ILE G 50 -7.90 16.93 25.13
CA ILE G 50 -8.01 17.62 26.41
C ILE G 50 -9.39 18.17 26.60
N GLY G 51 -9.91 18.84 25.59
CA GLY G 51 -11.27 19.33 25.65
C GLY G 51 -11.58 20.22 24.46
N HIS G 52 -12.85 20.58 24.26
CA HIS G 52 -13.23 21.63 23.33
C HIS G 52 -14.03 22.81 24.00
N SER G 53 -14.07 23.92 23.31
CA SER G 53 -15.04 25.00 23.58
C SER G 53 -15.61 25.52 22.27
N TYR G 54 -16.85 26.04 22.33
CA TYR G 54 -17.40 26.78 21.22
C TYR G 54 -16.68 28.12 21.14
N GLY G 55 -16.34 28.58 19.92
CA GLY G 55 -15.50 29.78 19.78
C GLY G 55 -16.12 31.08 20.34
N SER G 56 -17.45 31.17 20.35
CA SER G 56 -18.12 32.35 20.96
C SER G 56 -18.26 32.24 22.44
N GLY G 57 -17.94 31.07 22.96
CA GLY G 57 -17.94 30.89 24.43
C GLY G 57 -18.88 29.77 24.85
N GLY G 58 -18.58 29.11 25.97
CA GLY G 58 -19.41 28.00 26.47
C GLY G 58 -19.38 26.72 25.63
N SER G 59 -20.43 25.90 25.81
CA SER G 59 -20.58 24.59 25.17
C SER G 59 -19.26 23.78 25.29
N THR G 60 -18.72 23.75 26.50
CA THR G 60 -17.41 23.16 26.80
C THR G 60 -17.59 21.71 27.24
N ASN G 61 -16.59 20.89 26.91
CA ASN G 61 -16.57 19.49 27.33
C ASN G 61 -15.10 19.14 27.46
N TYR G 62 -14.67 18.72 28.65
CA TYR G 62 -13.26 18.37 28.87
C TYR G 62 -13.15 16.87 29.00
N ASN G 63 -11.96 16.34 28.78
CA ASN G 63 -11.69 14.92 29.06
C ASN G 63 -11.95 14.69 30.58
N PRO G 64 -12.83 13.74 30.94
CA PRO G 64 -13.11 13.62 32.38
C PRO G 64 -11.88 13.27 33.25
N SER G 65 -10.85 12.63 32.67
CA SER G 65 -9.60 12.35 33.43
C SER G 65 -8.78 13.61 33.75
N LEU G 66 -9.14 14.76 33.16
CA LEU G 66 -8.41 16.01 33.38
C LEU G 66 -9.33 17.15 33.89
N GLU G 67 -10.60 16.85 34.10
CA GLU G 67 -11.67 17.85 34.11
C GLU G 67 -11.50 18.93 35.18
N SER G 68 -11.13 18.49 36.39
CA SER G 68 -10.95 19.40 37.52
C SER G 68 -9.78 20.36 37.29
N ARG G 69 -8.86 20.00 36.39
CA ARG G 69 -7.65 20.78 36.15
C ARG G 69 -7.70 21.69 34.92
N VAL G 70 -8.73 21.53 34.08
CA VAL G 70 -8.79 22.24 32.79
C VAL G 70 -9.77 23.42 32.80
N THR G 71 -9.35 24.54 32.23
CA THR G 71 -10.28 25.60 31.84
C THR G 71 -9.97 26.00 30.41
N LEU G 72 -10.98 25.93 29.56
CA LEU G 72 -10.86 26.51 28.22
C LEU G 72 -11.66 27.77 28.22
N SER G 73 -11.19 28.74 27.46
CA SER G 73 -11.94 29.99 27.31
C SER G 73 -11.53 30.65 26.02
N VAL G 74 -12.27 31.68 25.62
CA VAL G 74 -12.00 32.40 24.38
C VAL G 74 -12.05 33.89 24.65
N ASP G 75 -11.52 34.64 23.68
CA ASP G 75 -11.49 36.09 23.72
C ASP G 75 -11.78 36.47 22.30
N THR G 76 -13.04 36.76 22.04
CA THR G 76 -13.49 37.04 20.69
C THR G 76 -13.04 38.42 20.14
N SER G 77 -12.54 39.29 21.02
CA SER G 77 -11.99 40.57 20.57
C SER G 77 -10.56 40.38 20.09
N LYS G 78 -9.81 39.44 20.68
CA LYS G 78 -8.46 39.14 20.21
C LYS G 78 -8.39 37.89 19.35
N ASN G 79 -9.50 37.19 19.18
CA ASN G 79 -9.48 35.88 18.49
C ASN G 79 -8.45 34.92 19.05
N LEU G 80 -8.59 34.65 20.33
CA LEU G 80 -7.66 33.77 20.99
C LEU G 80 -8.42 32.70 21.72
N PHE G 81 -7.94 31.45 21.59
CA PHE G 81 -8.47 30.32 22.34
C PHE G 81 -7.39 29.81 23.33
N SER G 82 -7.79 29.59 24.59
CA SER G 82 -6.87 29.45 25.69
C SER G 82 -7.10 28.21 26.54
N LEU G 83 -6.01 27.67 27.05
CA LEU G 83 -6.04 26.55 27.96
C LEU G 83 -5.32 26.93 29.24
N LYS G 84 -5.96 26.62 30.37
CA LYS G 84 -5.35 26.69 31.67
C LYS G 84 -5.39 25.29 32.23
N LEU G 85 -4.21 24.76 32.56
CA LEU G 85 -4.11 23.41 33.11
C LEU G 85 -3.42 23.55 34.45
N THR G 86 -4.15 23.39 35.57
CA THR G 86 -3.57 23.60 36.92
C THR G 86 -2.78 22.37 37.42
N SER G 87 -1.97 22.61 38.45
CA SER G 87 -1.29 21.57 39.22
C SER G 87 -0.57 20.56 38.33
N VAL G 88 0.32 21.03 37.45
CA VAL G 88 0.94 20.13 36.48
C VAL G 88 1.93 19.14 37.10
N THR G 89 2.13 17.97 36.47
CA THR G 89 3.18 17.03 36.83
C THR G 89 3.99 16.58 35.59
N ALA G 90 4.97 15.71 35.81
CA ALA G 90 5.74 15.05 34.73
C ALA G 90 4.82 14.47 33.64
N ALA G 91 3.68 13.96 34.08
CA ALA G 91 2.66 13.41 33.20
C ALA G 91 2.20 14.43 32.14
N ASP G 92 2.33 15.73 32.44
CA ASP G 92 1.85 16.78 31.54
C ASP G 92 2.88 17.26 30.54
N THR G 93 4.09 16.67 30.59
CA THR G 93 5.13 16.96 29.62
C THR G 93 4.66 16.38 28.30
N ALA G 94 4.51 17.24 27.29
CA ALA G 94 3.78 16.88 26.04
C ALA G 94 3.87 17.99 25.01
N VAL G 95 3.74 17.65 23.72
CA VAL G 95 3.47 18.67 22.72
C VAL G 95 1.94 18.98 22.71
N TYR G 96 1.53 20.26 22.87
CA TYR G 96 0.14 20.69 22.85
C TYR G 96 -0.24 21.30 21.50
N TYR G 97 -1.36 20.86 20.93
CA TYR G 97 -1.86 21.37 19.67
C TYR G 97 -3.22 21.97 19.85
N CYS G 98 -3.45 23.02 19.08
CA CYS G 98 -4.76 23.64 18.94
C CYS G 98 -5.29 23.02 17.67
N ALA G 99 -6.60 22.68 17.63
CA ALA G 99 -7.20 22.19 16.40
C ALA G 99 -8.63 22.64 16.28
N ARG G 100 -8.98 23.08 15.07
CA ARG G 100 -10.40 23.31 14.71
C ARG G 100 -11.11 21.98 14.74
N THR G 101 -12.26 22.01 15.43
CA THR G 101 -13.07 20.86 15.71
C THR G 101 -14.39 20.98 14.96
N VAL G 102 -14.70 19.95 14.20
CA VAL G 102 -16.03 19.84 13.53
C VAL G 102 -16.83 18.89 14.42
N TRP G 103 -18.03 19.34 14.83
CA TRP G 103 -18.74 18.71 15.92
C TRP G 103 -20.26 18.80 15.70
N TYR G 104 -20.84 17.70 15.19
CA TYR G 104 -22.31 17.60 15.01
C TYR G 104 -22.87 16.61 15.98
N TYR G 105 -23.43 17.15 17.05
CA TYR G 105 -23.82 16.30 18.17
C TYR G 105 -24.85 15.25 17.74
N THR G 106 -25.86 15.67 16.97
CA THR G 106 -26.95 14.78 16.65
C THR G 106 -26.52 13.61 15.75
N SER G 107 -25.55 13.81 14.85
CA SER G 107 -25.02 12.67 14.10
C SER G 107 -23.87 11.96 14.83
N GLY G 108 -23.35 12.59 15.86
CA GLY G 108 -22.22 12.06 16.61
C GLY G 108 -20.92 12.01 15.82
N THR G 109 -20.63 13.05 15.04
CA THR G 109 -19.30 13.18 14.42
C THR G 109 -18.51 14.30 15.09
N HIS G 110 -17.26 14.02 15.47
CA HIS G 110 -16.43 14.98 16.21
C HIS G 110 -15.01 14.71 15.72
N TYR G 111 -14.47 15.62 14.93
CA TYR G 111 -13.13 15.45 14.36
C TYR G 111 -12.35 16.74 14.19
N PHE G 112 -11.05 16.57 13.95
CA PHE G 112 -10.08 17.69 13.91
C PHE G 112 -9.55 17.96 12.50
N ASP G 113 -10.01 19.02 11.84
CA ASP G 113 -9.64 19.18 10.42
C ASP G 113 -8.43 20.06 10.13
N HIS G 114 -8.15 21.02 11.01
CA HIS G 114 -7.02 21.93 10.86
C HIS G 114 -6.29 21.97 12.19
N TRP G 115 -4.98 21.72 12.15
CA TRP G 115 -4.13 21.61 13.32
C TRP G 115 -3.10 22.72 13.29
N GLY G 116 -2.71 23.21 14.48
CA GLY G 116 -1.52 24.02 14.62
C GLY G 116 -0.27 23.16 14.55
N GLN G 117 0.89 23.79 14.63
CA GLN G 117 2.13 23.07 14.58
C GLN G 117 2.48 22.46 15.91
N GLY G 118 1.90 22.97 17.00
CA GLY G 118 2.11 22.39 18.31
C GLY G 118 3.34 22.95 19.01
N VAL G 119 3.30 22.98 20.33
CA VAL G 119 4.37 23.54 21.15
C VAL G 119 4.72 22.52 22.25
N LEU G 120 6.02 22.25 22.40
CA LEU G 120 6.50 21.38 23.47
C LEU G 120 6.44 22.09 24.83
N VAL G 121 5.86 21.45 25.84
CA VAL G 121 5.94 21.96 27.22
C VAL G 121 6.61 20.92 28.10
N THR G 122 7.74 21.26 28.71
CA THR G 122 8.37 20.32 29.66
C THR G 122 8.09 20.78 31.10
N VAL G 123 7.59 19.86 31.93
CA VAL G 123 7.39 20.11 33.37
C VAL G 123 8.59 19.54 34.15
N SER G 124 9.40 20.41 34.72
CA SER G 124 10.47 19.94 35.61
C SER G 124 10.80 20.94 36.72
N SER G 125 11.08 20.44 37.91
CA SER G 125 11.49 21.33 38.99
C SER G 125 12.99 21.65 38.85
N ALA G 126 13.70 20.80 38.12
CA ALA G 126 15.17 20.87 38.02
C ALA G 126 15.70 22.28 37.75
N SER G 127 16.77 22.61 38.47
CA SER G 127 17.73 23.60 37.98
C SER G 127 18.83 22.81 37.31
N THR G 128 19.70 23.52 36.61
CA THR G 128 20.93 22.98 36.12
C THR G 128 21.51 22.01 37.15
N LYS G 129 21.77 20.80 36.69
CA LYS G 129 22.33 19.74 37.51
C LYS G 129 23.32 18.91 36.70
N GLY G 130 24.54 18.76 37.22
CA GLY G 130 25.50 17.89 36.56
C GLY G 130 25.16 16.41 36.79
N PRO G 131 25.56 15.53 35.85
CA PRO G 131 25.29 14.12 35.95
C PRO G 131 26.21 13.39 36.93
N SER G 132 25.70 12.30 37.50
CA SER G 132 26.54 11.27 38.12
C SER G 132 26.85 10.26 37.07
N VAL G 133 28.08 9.78 37.03
CA VAL G 133 28.48 8.90 35.96
C VAL G 133 28.85 7.59 36.60
N PHE G 134 28.41 6.48 36.03
CA PHE G 134 28.79 5.19 36.59
C PHE G 134 29.20 4.19 35.51
N PRO G 135 30.08 3.24 35.86
CA PRO G 135 30.54 2.28 34.88
C PRO G 135 29.48 1.30 34.53
N LEU G 136 29.45 0.90 33.27
CA LEU G 136 28.59 -0.20 32.88
C LEU G 136 29.51 -1.36 32.52
N ALA G 137 29.37 -2.45 33.23
CA ALA G 137 30.19 -3.64 32.95
C ALA G 137 29.46 -4.93 33.29
N PRO G 138 29.67 -5.98 32.48
CA PRO G 138 29.08 -7.32 32.71
C PRO G 138 29.71 -8.10 33.88
N SER G 144 29.43 -15.58 28.75
CA SER G 144 30.57 -15.98 27.91
C SER G 144 30.80 -14.99 26.75
N GLU G 145 30.38 -15.34 25.53
CA GLU G 145 30.32 -14.41 24.38
C GLU G 145 31.61 -13.79 23.79
N SER G 146 31.68 -13.80 22.47
CA SER G 146 32.66 -13.00 21.73
C SER G 146 32.10 -11.59 21.73
N THR G 147 32.95 -10.59 21.70
CA THR G 147 32.50 -9.23 21.99
C THR G 147 32.00 -9.05 23.44
N ALA G 148 32.47 -7.99 24.06
CA ALA G 148 32.01 -7.55 25.36
C ALA G 148 31.54 -6.14 25.11
N ALA G 149 30.66 -5.65 25.95
CA ALA G 149 30.25 -4.27 25.84
C ALA G 149 30.56 -3.63 27.17
N LEU G 150 31.19 -2.47 27.13
CA LEU G 150 31.52 -1.73 28.33
C LEU G 150 30.94 -0.34 28.11
N GLY G 151 30.54 0.34 29.15
CA GLY G 151 29.95 1.67 28.93
C GLY G 151 29.96 2.53 30.16
N CYS G 152 29.36 3.72 30.04
CA CYS G 152 29.08 4.59 31.15
C CYS G 152 27.58 4.99 31.17
N LEU G 153 26.96 4.83 32.34
CA LEU G 153 25.67 5.42 32.64
C LEU G 153 25.87 6.87 33.01
N VAL G 154 25.13 7.79 32.38
CA VAL G 154 25.24 9.23 32.69
C VAL G 154 23.91 9.62 33.25
N LYS G 155 23.84 9.64 34.58
CA LYS G 155 22.57 9.65 35.27
C LYS G 155 22.16 11.03 35.80
N ASP G 156 20.92 11.43 35.59
CA ASP G 156 20.30 12.52 36.37
C ASP G 156 20.93 13.88 36.14
N TYR G 157 20.87 14.38 34.90
CA TYR G 157 21.37 15.72 34.60
C TYR G 157 20.28 16.61 34.02
N PHE G 158 20.53 17.91 34.03
CA PHE G 158 19.59 18.83 33.39
C PHE G 158 20.31 20.13 33.10
N PRO G 159 20.11 20.73 31.89
CA PRO G 159 19.35 20.18 30.76
C PRO G 159 20.24 19.42 29.80
N GLU G 160 19.72 19.12 28.63
CA GLU G 160 20.53 18.57 27.52
C GLU G 160 21.45 19.69 26.99
N PRO G 161 22.55 19.33 26.33
CA PRO G 161 22.94 17.96 26.07
C PRO G 161 24.13 17.56 26.94
N VAL G 162 24.63 16.37 26.71
CA VAL G 162 25.90 15.94 27.26
C VAL G 162 26.68 15.36 26.10
N THR G 163 28.00 15.48 26.13
CA THR G 163 28.81 14.67 25.22
C THR G 163 29.64 13.61 25.95
N VAL G 164 29.80 12.48 25.30
CA VAL G 164 30.64 11.42 25.81
C VAL G 164 31.69 11.06 24.75
N SER G 165 32.95 11.03 25.19
CA SER G 165 34.04 10.48 24.39
C SER G 165 34.65 9.29 25.12
N TRP G 166 35.51 8.55 24.43
CA TRP G 166 36.20 7.43 25.07
C TRP G 166 37.71 7.58 24.93
N ASN G 167 38.45 7.26 25.99
CA ASN G 167 39.92 7.44 26.06
C ASN G 167 40.33 8.76 25.43
N SER G 168 39.76 9.84 25.97
CA SER G 168 39.80 11.17 25.34
C SER G 168 39.21 11.01 23.94
N GLY G 169 39.87 11.37 22.87
CA GLY G 169 39.18 11.12 21.58
C GLY G 169 39.52 9.80 20.90
N SER G 170 40.42 9.02 21.50
CA SER G 170 41.14 7.95 20.75
C SER G 170 40.37 6.66 20.44
N LEU G 171 39.32 6.37 21.20
CA LEU G 171 38.46 5.23 20.94
C LEU G 171 37.13 5.70 20.36
N THR G 172 36.93 5.42 19.07
CA THR G 172 35.71 5.80 18.34
C THR G 172 35.10 4.57 17.71
N SER G 173 35.94 3.55 17.46
CA SER G 173 35.45 2.33 16.84
C SER G 173 34.54 1.57 17.82
N GLY G 174 33.34 1.19 17.36
CA GLY G 174 32.40 0.41 18.16
C GLY G 174 31.71 1.14 19.31
N VAL G 175 31.69 2.47 19.27
CA VAL G 175 31.03 3.28 20.29
C VAL G 175 29.61 3.61 19.79
N HIS G 176 28.64 3.45 20.69
CA HIS G 176 27.23 3.77 20.42
C HIS G 176 26.79 4.56 21.64
N THR G 177 26.46 5.84 21.44
CA THR G 177 25.86 6.64 22.50
C THR G 177 24.39 6.69 22.22
N PHE G 178 23.61 6.31 23.22
CA PHE G 178 22.16 6.18 23.06
C PHE G 178 21.49 7.49 23.36
N PRO G 179 20.42 7.80 22.59
CA PRO G 179 19.61 8.98 22.96
C PRO G 179 19.14 8.92 24.42
N ALA G 180 19.04 10.08 25.06
CA ALA G 180 18.68 10.16 26.47
C ALA G 180 17.23 9.81 26.80
N VAL G 181 17.01 9.29 28.00
CA VAL G 181 15.69 9.19 28.51
C VAL G 181 15.38 10.43 29.35
N LEU G 182 14.14 10.90 29.29
CA LEU G 182 13.68 11.94 30.23
C LEU G 182 12.84 11.31 31.32
N GLN G 183 13.29 11.35 32.57
CA GLN G 183 12.61 10.61 33.64
C GLN G 183 11.51 11.44 34.35
N SER G 184 10.53 10.76 34.94
CA SER G 184 9.40 11.42 35.63
C SER G 184 9.87 12.39 36.71
N SER G 185 11.11 12.19 37.18
CA SER G 185 11.84 13.13 38.05
C SER G 185 12.13 14.50 37.38
N GLY G 186 11.97 14.60 36.07
CA GLY G 186 12.37 15.79 35.30
C GLY G 186 13.85 15.90 34.91
N LEU G 187 14.59 14.79 35.07
CA LEU G 187 16.03 14.75 34.82
C LEU G 187 16.29 13.72 33.73
N TYR G 188 17.29 13.97 32.90
CA TYR G 188 17.70 13.04 31.87
C TYR G 188 18.73 12.01 32.37
N SER G 189 18.80 10.88 31.67
CA SER G 189 19.90 9.91 31.78
C SER G 189 20.16 9.40 30.37
N LEU G 190 21.42 9.07 30.05
CA LEU G 190 21.75 8.34 28.85
C LEU G 190 22.88 7.38 29.13
N SER G 191 23.23 6.51 28.19
CA SER G 191 24.39 5.61 28.29
C SER G 191 25.24 5.63 27.02
N SER G 192 26.54 5.42 27.16
CA SER G 192 27.38 5.24 26.02
C SER G 192 28.04 3.92 26.23
N VAL G 193 28.16 3.12 25.18
CA VAL G 193 28.68 1.77 25.28
C VAL G 193 29.69 1.53 24.15
N VAL G 194 30.80 0.89 24.47
CA VAL G 194 31.77 0.44 23.46
C VAL G 194 31.76 -1.10 23.39
N THR G 195 31.79 -1.60 22.16
CA THR G 195 31.72 -3.02 21.87
C THR G 195 33.06 -3.43 21.38
N VAL G 196 33.68 -4.36 22.06
CA VAL G 196 35.05 -4.73 21.73
C VAL G 196 35.11 -6.25 21.70
N PRO G 197 35.96 -6.82 20.83
CA PRO G 197 36.06 -8.29 20.87
C PRO G 197 36.55 -8.71 22.22
N SER G 198 35.99 -9.79 22.76
CA SER G 198 36.26 -10.25 24.12
C SER G 198 37.76 -10.52 24.40
N SER G 199 38.45 -11.05 23.39
CA SER G 199 39.83 -11.45 23.50
C SER G 199 40.81 -10.28 23.42
N SER G 200 40.29 -9.13 22.98
CA SER G 200 41.03 -7.86 22.90
C SER G 200 41.19 -7.18 24.25
N LEU G 201 40.40 -7.57 25.24
CA LEU G 201 40.30 -6.78 26.49
C LEU G 201 41.60 -6.57 27.25
N GLY G 202 42.45 -7.59 27.24
CA GLY G 202 43.65 -7.62 28.09
C GLY G 202 44.61 -6.46 27.91
N THR G 203 44.98 -5.88 29.05
CA THR G 203 45.89 -4.72 29.14
C THR G 203 45.31 -3.44 28.52
N GLN G 204 44.07 -3.51 28.05
CA GLN G 204 43.45 -2.30 27.51
C GLN G 204 42.78 -1.56 28.64
N THR G 205 42.67 -0.24 28.52
CA THR G 205 41.99 0.54 29.56
C THR G 205 40.89 1.35 28.88
N TYR G 206 39.73 1.45 29.55
CA TYR G 206 38.59 2.17 29.02
C TYR G 206 38.10 3.20 30.03
N VAL G 207 38.09 4.45 29.61
CA VAL G 207 37.68 5.59 30.41
C VAL G 207 36.73 6.38 29.55
N CYS G 208 35.55 6.67 30.08
CA CYS G 208 34.63 7.58 29.41
C CYS G 208 34.82 9.01 29.93
N ASN G 209 34.74 9.96 28.98
CA ASN G 209 34.90 11.38 29.24
C ASN G 209 33.57 12.10 29.02
N VAL G 210 32.95 12.51 30.12
CA VAL G 210 31.61 13.06 30.06
C VAL G 210 31.65 14.57 30.33
N ASN G 211 31.09 15.38 29.43
CA ASN G 211 31.06 16.84 29.58
C ASN G 211 29.62 17.34 29.58
N HIS G 212 29.26 18.14 30.58
CA HIS G 212 27.95 18.74 30.66
C HIS G 212 28.12 20.24 30.77
N LYS G 213 28.17 20.91 29.63
CA LYS G 213 28.45 22.34 29.63
C LYS G 213 27.49 23.21 30.45
N PRO G 214 26.16 22.95 30.39
CA PRO G 214 25.27 23.84 31.15
C PRO G 214 25.59 23.94 32.64
N SER G 215 26.13 22.88 33.22
CA SER G 215 26.57 22.88 34.62
C SER G 215 28.08 22.93 34.81
N ASN G 216 28.83 23.04 33.71
CA ASN G 216 30.27 23.19 33.83
C ASN G 216 30.91 21.92 34.42
N THR G 217 30.42 20.76 34.01
CA THR G 217 30.87 19.50 34.61
C THR G 217 31.66 18.64 33.63
N LYS G 218 32.75 18.08 34.11
CA LYS G 218 33.58 17.25 33.30
C LYS G 218 33.96 16.08 34.20
N VAL G 219 33.62 14.87 33.79
CA VAL G 219 33.84 13.73 34.66
C VAL G 219 34.37 12.57 33.86
N ASP G 220 35.41 11.92 34.35
CA ASP G 220 35.87 10.68 33.71
C ASP G 220 35.53 9.52 34.63
N LYS G 221 35.30 8.34 34.07
CA LYS G 221 35.13 7.10 34.85
C LYS G 221 35.89 6.02 34.17
N ARG G 222 36.53 5.17 34.96
CA ARG G 222 37.23 4.02 34.42
C ARG G 222 36.23 2.90 34.42
N VAL G 223 36.25 2.09 33.37
CA VAL G 223 35.34 0.95 33.28
C VAL G 223 36.13 -0.33 33.11
N GLU G 224 35.93 -1.31 33.99
CA GLU G 224 36.55 -2.65 33.87
C GLU G 224 35.68 -3.85 34.30
N GLN H 1 -10.88 4.05 32.00
CA GLN H 1 -10.17 3.84 30.69
C GLN H 1 -11.10 3.17 29.67
N SER H 2 -11.75 4.01 28.87
CA SER H 2 -12.36 3.52 27.67
C SER H 2 -11.24 3.72 26.63
N VAL H 3 -10.90 2.66 25.92
CA VAL H 3 -9.74 2.64 25.07
C VAL H 3 -10.19 2.25 23.65
N LEU H 4 -9.58 2.85 22.63
CA LEU H 4 -9.73 2.36 21.27
C LEU H 4 -8.45 1.58 20.95
N THR H 5 -8.58 0.27 20.84
CA THR H 5 -7.41 -0.59 20.75
C THR H 5 -6.92 -0.72 19.29
N GLN H 6 -5.65 -0.35 19.02
CA GLN H 6 -5.05 -0.53 17.67
C GLN H 6 -3.86 -1.49 17.77
N PRO H 7 -3.49 -2.12 16.65
CA PRO H 7 -2.18 -2.86 16.73
C PRO H 7 -0.97 -1.92 16.80
N PRO H 8 0.01 -2.22 17.69
CA PRO H 8 1.18 -1.34 17.73
C PRO H 8 1.97 -1.22 16.44
N SER H 9 2.02 -2.26 15.64
CA SER H 9 2.90 -2.27 14.47
C SER H 9 2.11 -3.06 13.41
N VAL H 10 2.23 -2.43 12.11
CA VAL H 10 1.77 -3.10 10.90
C VAL H 10 2.81 -2.75 9.85
N SER H 11 3.24 -3.75 9.06
CA SER H 11 4.28 -3.54 8.10
C SER H 11 4.07 -4.41 6.87
N ALA H 12 4.54 -3.93 5.73
CA ALA H 12 4.50 -4.68 4.47
C ALA H 12 5.37 -3.98 3.45
N ALA H 13 5.73 -4.68 2.37
CA ALA H 13 6.51 -4.13 1.27
C ALA H 13 5.74 -3.04 0.50
N PRO H 14 6.46 -2.08 -0.12
CA PRO H 14 5.84 -1.20 -1.12
C PRO H 14 4.93 -1.95 -2.10
N GLY H 15 3.77 -1.39 -2.42
CA GLY H 15 2.91 -2.11 -3.38
C GLY H 15 1.86 -3.05 -2.80
N GLN H 16 2.07 -3.50 -1.57
CA GLN H 16 1.10 -4.35 -0.83
C GLN H 16 -0.02 -3.55 -0.15
N LYS H 17 -1.02 -4.26 0.37
CA LYS H 17 -2.13 -3.68 1.04
C LYS H 17 -2.08 -4.07 2.52
N VAL H 18 -2.40 -3.11 3.37
CA VAL H 18 -2.47 -3.34 4.79
C VAL H 18 -3.82 -2.82 5.34
N THR H 19 -4.21 -3.33 6.51
CA THR H 19 -5.39 -2.84 7.19
C THR H 19 -5.00 -2.65 8.64
N ILE H 20 -5.56 -1.57 9.21
CA ILE H 20 -5.24 -1.18 10.56
C ILE H 20 -6.58 -1.19 11.35
N SER H 21 -6.69 -2.07 12.35
CA SER H 21 -7.94 -2.23 13.12
C SER H 21 -8.03 -1.18 14.25
N CYS H 22 -9.24 -0.92 14.67
CA CYS H 22 -9.50 0.10 15.73
C CYS H 22 -10.75 -0.35 16.48
N SER H 23 -10.54 -0.95 17.64
CA SER H 23 -11.65 -1.56 18.36
C SER H 23 -12.09 -0.70 19.54
N GLY H 24 -13.37 -0.33 19.57
CA GLY H 24 -13.91 0.61 20.56
C GLY H 24 -15.07 -0.08 21.23
N SER H 25 -16.06 0.69 21.67
CA SER H 25 -17.18 0.07 22.34
C SER H 25 -18.49 0.68 21.87
N SER H 26 -19.62 0.14 22.31
CA SER H 26 -20.87 0.65 21.84
C SER H 26 -21.07 2.14 22.19
N SER H 27 -20.48 2.60 23.28
CA SER H 27 -20.64 4.04 23.67
C SER H 27 -19.80 5.02 22.85
N ASN H 28 -18.90 4.49 22.01
CA ASN H 28 -18.09 5.35 21.16
C ASN H 28 -18.22 4.99 19.68
N ILE H 29 -17.41 4.06 19.19
CA ILE H 29 -17.54 3.65 17.80
C ILE H 29 -18.93 3.13 17.43
N GLY H 30 -19.61 2.44 18.34
CA GLY H 30 -20.90 1.86 18.02
C GLY H 30 -21.97 2.88 17.68
N ARG H 31 -21.82 4.09 18.21
CA ARG H 31 -22.79 5.18 17.93
C ARG H 31 -22.25 6.45 17.28
N SER H 32 -20.93 6.54 17.06
CA SER H 32 -20.33 7.75 16.50
C SER H 32 -19.60 7.51 15.20
N TYR H 33 -19.39 8.58 14.46
CA TYR H 33 -18.48 8.50 13.32
C TYR H 33 -17.02 8.47 13.77
N VAL H 34 -16.21 7.76 13.01
CA VAL H 34 -14.80 7.57 13.31
C VAL H 34 -13.94 8.43 12.39
N SER H 35 -12.90 9.02 12.92
CA SER H 35 -11.92 9.73 12.05
C SER H 35 -10.59 9.06 12.17
N TRP H 36 -9.72 9.26 11.18
CA TRP H 36 -8.35 8.77 11.25
C TRP H 36 -7.39 9.91 11.02
N TYR H 37 -6.21 9.79 11.65
CA TYR H 37 -5.13 10.77 11.67
C TYR H 37 -3.80 10.13 11.29
N GLN H 38 -3.09 10.85 10.43
CA GLN H 38 -1.77 10.47 10.00
C GLN H 38 -0.72 11.42 10.54
N GLN H 39 0.34 10.88 11.10
CA GLN H 39 1.43 11.68 11.66
C GLN H 39 2.76 11.11 11.19
N VAL H 40 3.37 11.81 10.23
CA VAL H 40 4.71 11.38 9.73
C VAL H 40 5.72 11.78 10.81
N PRO H 41 6.88 11.10 10.85
CA PRO H 41 7.80 11.17 12.01
C PRO H 41 8.12 12.53 12.64
N GLY H 42 8.39 13.57 11.89
CA GLY H 42 8.66 14.81 12.61
C GLY H 42 7.52 15.80 12.69
N ALA H 43 6.32 15.41 12.24
CA ALA H 43 5.26 16.41 11.97
C ALA H 43 4.08 16.40 12.98
N ALA H 44 3.20 17.41 12.89
CA ALA H 44 1.84 17.38 13.47
C ALA H 44 0.95 16.34 12.78
N PRO H 45 -0.06 15.80 13.51
CA PRO H 45 -1.09 14.96 12.94
C PRO H 45 -1.88 15.70 11.89
N LYS H 46 -2.25 15.00 10.83
CA LYS H 46 -3.21 15.54 9.87
C LYS H 46 -4.48 14.69 9.77
N LEU H 47 -5.62 15.33 9.48
CA LEU H 47 -6.84 14.55 9.22
C LEU H 47 -6.66 13.69 7.97
N LEU H 48 -6.89 12.39 8.11
CA LEU H 48 -6.78 11.44 7.01
C LEU H 48 -8.16 10.99 6.51
N ILE H 49 -9.03 10.65 7.46
CA ILE H 49 -10.39 10.20 7.20
C ILE H 49 -11.34 10.89 8.15
N TYR H 50 -12.54 11.23 7.70
CA TYR H 50 -13.56 11.75 8.59
C TYR H 50 -14.95 11.15 8.22
N ASP H 51 -15.89 11.21 9.17
CA ASP H 51 -17.24 10.65 9.00
C ASP H 51 -17.10 9.20 8.49
N THR H 52 -16.21 8.47 9.14
CA THR H 52 -15.92 7.05 8.94
C THR H 52 -15.24 6.59 7.64
N ASN H 53 -15.63 7.22 6.55
CA ASN H 53 -15.13 6.80 5.25
C ASN H 53 -14.88 7.90 4.21
N LYS H 54 -14.91 9.17 4.62
CA LYS H 54 -14.67 10.27 3.72
C LYS H 54 -13.25 10.75 3.79
N ARG H 55 -12.71 11.16 2.65
CA ARG H 55 -11.36 11.68 2.52
C ARG H 55 -11.42 13.21 2.32
N PRO H 56 -10.62 13.94 3.12
CA PRO H 56 -10.34 15.34 2.82
C PRO H 56 -9.67 15.50 1.44
N SER H 57 -9.75 16.71 0.89
CA SER H 57 -8.97 17.05 -0.30
C SER H 57 -7.53 16.68 -0.14
N GLY H 58 -7.00 16.09 -1.19
CA GLY H 58 -5.58 15.86 -1.24
C GLY H 58 -5.15 14.61 -0.49
N VAL H 59 -6.13 13.86 0.07
CA VAL H 59 -5.87 12.48 0.54
C VAL H 59 -6.20 11.48 -0.54
N SER H 60 -5.18 10.69 -0.87
CA SER H 60 -5.24 9.60 -1.84
C SER H 60 -6.37 8.58 -1.69
N ASP H 61 -6.96 8.24 -2.85
CA ASP H 61 -7.70 7.01 -3.16
C ASP H 61 -7.30 5.78 -2.41
N ARG H 62 -6.01 5.63 -2.16
CA ARG H 62 -5.52 4.35 -1.65
C ARG H 62 -5.87 4.18 -0.15
N PHE H 63 -6.25 5.27 0.50
CA PHE H 63 -6.74 5.19 1.89
C PHE H 63 -8.28 5.05 1.96
N SER H 64 -8.78 4.04 2.64
CA SER H 64 -10.23 4.00 2.90
C SER H 64 -10.54 3.55 4.35
N GLY H 65 -11.63 4.07 4.90
CA GLY H 65 -12.03 3.65 6.25
C GLY H 65 -13.40 2.99 6.19
N SER H 66 -13.73 2.29 7.25
CA SER H 66 -15.00 1.57 7.34
C SER H 66 -15.23 1.32 8.81
N LYS H 67 -16.44 0.91 9.17
CA LYS H 67 -16.69 0.40 10.51
C LYS H 67 -17.82 -0.59 10.49
N SER H 68 -17.85 -1.42 11.53
CA SER H 68 -18.99 -2.30 11.78
C SER H 68 -19.12 -2.55 13.28
N GLY H 69 -20.34 -2.35 13.76
CA GLY H 69 -20.61 -2.37 15.17
C GLY H 69 -19.68 -1.37 15.80
N SER H 70 -18.86 -1.85 16.74
CA SER H 70 -17.95 -1.01 17.55
C SER H 70 -16.48 -1.04 17.14
N SER H 71 -16.21 -1.55 15.94
CA SER H 71 -14.90 -1.65 15.42
C SER H 71 -14.80 -0.94 14.08
N ALA H 72 -13.65 -0.34 13.83
CA ALA H 72 -13.36 0.45 12.61
C ALA H 72 -12.06 -0.03 12.00
N SER H 73 -11.81 0.32 10.74
CA SER H 73 -10.66 -0.16 10.05
C SER H 73 -10.21 0.81 9.01
N LEU H 74 -8.89 1.01 8.95
CA LEU H 74 -8.25 1.77 7.86
C LEU H 74 -7.49 0.82 6.93
N ALA H 75 -7.80 0.91 5.64
CA ALA H 75 -7.14 0.11 4.63
C ALA H 75 -6.31 1.03 3.74
N ILE H 76 -5.07 0.62 3.49
CA ILE H 76 -4.15 1.30 2.62
C ILE H 76 -3.73 0.29 1.52
N THR H 77 -4.07 0.60 0.28
CA THR H 77 -3.67 -0.26 -0.84
C THR H 77 -2.44 0.37 -1.48
N GLY H 78 -1.67 -0.42 -2.23
CA GLY H 78 -0.56 0.15 -3.03
C GLY H 78 0.46 0.87 -2.18
N LEU H 79 0.79 0.31 -1.00
CA LEU H 79 1.70 0.99 -0.05
C LEU H 79 2.90 1.63 -0.76
N GLN H 80 3.15 2.88 -0.36
CA GLN H 80 4.26 3.71 -0.81
C GLN H 80 5.10 4.12 0.39
N THR H 81 6.37 4.41 0.15
CA THR H 81 7.27 4.75 1.28
C THR H 81 6.80 5.97 2.09
N GLY H 82 6.21 6.97 1.41
CA GLY H 82 5.63 8.14 2.09
C GLY H 82 4.44 7.79 2.97
N ASP H 83 3.93 6.56 2.92
CA ASP H 83 2.86 6.20 3.84
C ASP H 83 3.37 5.86 5.24
N GLU H 84 4.69 5.69 5.42
CA GLU H 84 5.21 5.30 6.70
C GLU H 84 4.93 6.45 7.69
N ALA H 85 4.32 6.12 8.83
CA ALA H 85 3.72 7.13 9.78
C ALA H 85 3.02 6.43 10.90
N ASP H 86 2.68 7.19 11.94
CA ASP H 86 1.79 6.65 12.94
C ASP H 86 0.37 6.98 12.52
N TYR H 87 -0.53 6.03 12.70
CA TYR H 87 -1.97 6.28 12.38
C TYR H 87 -2.78 6.18 13.67
N TYR H 88 -3.64 7.17 13.88
CA TYR H 88 -4.59 7.15 15.00
C TYR H 88 -6.04 7.16 14.54
N CYS H 89 -6.85 6.29 15.11
CA CYS H 89 -8.30 6.42 14.94
C CYS H 89 -8.85 7.31 16.05
N GLY H 90 -10.07 7.78 15.92
CA GLY H 90 -10.69 8.66 16.98
C GLY H 90 -12.20 8.59 16.80
N ALA H 91 -12.93 8.59 17.93
CA ALA H 91 -14.43 8.64 17.93
C ALA H 91 -14.89 9.36 19.21
N TRP H 92 -16.05 10.02 19.14
CA TRP H 92 -16.67 10.66 20.29
C TRP H 92 -17.25 9.54 21.15
N ASP H 93 -17.09 9.65 22.45
CA ASP H 93 -17.76 8.75 23.35
C ASP H 93 -18.89 9.55 24.00
N GLY H 94 -20.13 9.10 23.75
CA GLY H 94 -21.36 9.79 24.10
C GLY H 94 -21.76 9.52 25.54
N SER H 95 -21.12 8.55 26.16
CA SER H 95 -21.38 8.29 27.56
C SER H 95 -20.40 9.04 28.43
N LEU H 96 -19.17 9.25 27.92
CA LEU H 96 -18.12 9.95 28.70
C LEU H 96 -17.94 11.40 28.26
N ASN H 97 -18.53 11.78 27.12
CA ASN H 97 -18.44 13.11 26.52
C ASN H 97 -16.98 13.51 26.29
N VAL H 98 -16.27 12.66 25.54
CA VAL H 98 -14.86 12.83 25.37
C VAL H 98 -14.53 12.28 23.98
N HIS H 99 -13.60 12.92 23.29
CA HIS H 99 -13.05 12.33 22.05
C HIS H 99 -11.97 11.33 22.51
N ILE H 100 -12.06 10.07 22.10
CA ILE H 100 -11.04 9.10 22.49
C ILE H 100 -10.23 8.77 21.22
N PHE H 101 -8.92 9.08 21.24
CA PHE H 101 -7.97 8.64 20.19
C PHE H 101 -7.59 7.20 20.49
N GLY H 102 -7.36 6.42 19.44
CA GLY H 102 -6.87 5.06 19.58
C GLY H 102 -5.44 5.07 20.06
N SER H 103 -4.94 3.89 20.45
CA SER H 103 -3.63 3.74 20.98
C SER H 103 -2.54 3.93 19.91
N GLY H 104 -2.92 3.97 18.63
CA GLY H 104 -1.93 4.29 17.64
C GLY H 104 -1.23 3.11 17.00
N THR H 105 -1.00 3.24 15.70
CA THR H 105 -0.32 2.16 14.93
C THR H 105 0.80 2.76 14.14
N LYS H 106 2.04 2.24 14.33
CA LYS H 106 3.11 2.61 13.43
C LYS H 106 3.07 1.68 12.18
N LEU H 107 2.93 2.30 11.04
CA LEU H 107 2.98 1.61 9.75
C LEU H 107 4.42 1.72 9.20
N THR H 108 5.09 0.58 8.99
CA THR H 108 6.40 0.56 8.41
C THR H 108 6.33 -0.02 7.04
N VAL H 109 6.91 0.69 6.07
CA VAL H 109 6.98 0.19 4.70
C VAL H 109 8.37 -0.44 4.55
N LEU H 110 8.41 -1.77 4.53
CA LEU H 110 9.66 -2.52 4.49
C LEU H 110 10.36 -2.39 3.12
N GLY H 111 11.61 -2.01 2.84
CA GLY H 111 12.72 -1.54 3.57
C GLY H 111 13.90 -2.47 3.26
N GLN H 112 13.90 -3.52 4.04
CA GLN H 112 15.03 -4.41 4.20
C GLN H 112 14.39 -5.46 5.08
N PRO H 113 15.12 -6.55 5.34
CA PRO H 113 14.56 -7.68 6.05
C PRO H 113 14.33 -7.29 7.48
N LYS H 114 13.35 -7.93 8.09
CA LYS H 114 13.06 -7.66 9.50
C LYS H 114 14.31 -8.05 10.30
N ALA H 115 14.56 -7.31 11.37
CA ALA H 115 15.75 -7.56 12.20
C ALA H 115 15.40 -7.58 13.68
N SER H 116 15.74 -8.67 14.35
CA SER H 116 15.41 -8.76 15.80
C SER H 116 16.38 -7.96 16.67
N PRO H 117 15.93 -7.41 17.84
CA PRO H 117 16.82 -6.56 18.61
C PRO H 117 17.98 -7.33 19.26
N LEU H 118 19.09 -6.65 19.35
CA LEU H 118 20.22 -7.06 20.20
C LEU H 118 20.09 -6.34 21.51
N VAL H 119 20.21 -7.08 22.62
CA VAL H 119 19.95 -6.51 23.93
C VAL H 119 21.13 -6.73 24.82
N THR H 120 21.53 -5.69 25.55
CA THR H 120 22.59 -5.78 26.55
C THR H 120 22.01 -5.20 27.83
N LEU H 121 22.11 -5.98 28.91
CA LEU H 121 21.59 -5.54 30.21
C LEU H 121 22.75 -5.45 31.17
N PHE H 122 22.88 -4.29 31.84
CA PHE H 122 23.95 -4.08 32.77
C PHE H 122 23.40 -4.05 34.20
N PRO H 123 24.15 -4.64 35.15
CA PRO H 123 23.74 -4.60 36.56
C PRO H 123 24.17 -3.24 37.10
N PRO H 124 23.71 -2.89 38.32
CA PRO H 124 24.17 -1.58 38.78
C PRO H 124 25.68 -1.63 39.13
N SER H 125 26.40 -0.51 39.11
CA SER H 125 27.82 -0.52 39.60
C SER H 125 27.97 -0.61 41.14
N SER H 126 29.05 -1.26 41.63
CA SER H 126 29.27 -1.19 43.07
C SER H 126 29.34 0.30 43.52
N GLU H 127 29.86 1.22 42.71
CA GLU H 127 29.89 2.62 43.14
C GLU H 127 28.50 3.15 43.45
N GLU H 128 27.57 3.07 42.48
CA GLU H 128 26.19 3.45 42.72
C GLU H 128 25.55 2.79 43.98
N LEU H 129 25.75 1.47 44.12
CA LEU H 129 25.25 0.70 45.24
C LEU H 129 25.62 1.29 46.62
N GLN H 130 26.81 1.91 46.71
CA GLN H 130 27.26 2.60 47.92
C GLN H 130 26.37 3.77 48.30
N ALA H 131 25.65 4.36 47.32
CA ALA H 131 24.60 5.38 47.60
C ALA H 131 23.21 4.81 47.94
N ASN H 132 23.11 3.49 48.13
CA ASN H 132 21.80 2.85 48.25
C ASN H 132 20.96 3.09 47.02
N LYS H 133 21.62 3.13 45.86
CA LYS H 133 20.90 3.19 44.61
C LYS H 133 21.40 2.14 43.61
N ALA H 134 20.48 1.71 42.77
CA ALA H 134 20.77 0.68 41.78
C ALA H 134 19.94 0.90 40.54
N THR H 135 20.62 1.28 39.47
CA THR H 135 20.04 1.53 38.16
C THR H 135 20.48 0.42 37.18
N LEU H 136 19.51 -0.34 36.69
CA LEU H 136 19.76 -1.35 35.68
C LEU H 136 19.49 -0.72 34.30
N VAL H 137 20.37 -1.03 33.34
CA VAL H 137 20.40 -0.31 32.06
C VAL H 137 20.25 -1.36 30.97
N CYS H 138 19.19 -1.21 30.17
CA CYS H 138 18.90 -2.20 29.16
C CYS H 138 19.00 -1.52 27.80
N LEU H 139 19.92 -1.96 26.98
CA LEU H 139 20.21 -1.25 25.73
C LEU H 139 19.83 -2.14 24.59
N ILE H 140 19.20 -1.55 23.60
CA ILE H 140 18.50 -2.32 22.57
C ILE H 140 18.83 -1.69 21.23
N SER H 141 19.31 -2.49 20.29
CA SER H 141 19.77 -1.89 19.05
C SER H 141 19.53 -2.84 17.88
N ASP H 142 19.66 -2.28 16.67
CA ASP H 142 19.57 -3.06 15.47
C ASP H 142 18.24 -3.78 15.24
N PHE H 143 17.13 -3.16 15.61
CA PHE H 143 15.80 -3.81 15.35
C PHE H 143 15.03 -3.11 14.23
N TYR H 144 14.26 -3.88 13.48
CA TYR H 144 13.48 -3.37 12.36
C TYR H 144 12.30 -4.30 12.08
N PRO H 145 11.07 -3.77 12.05
CA PRO H 145 10.62 -2.37 12.17
C PRO H 145 10.93 -1.78 13.52
N GLY H 146 10.84 -0.44 13.64
CA GLY H 146 11.15 0.27 14.86
C GLY H 146 10.09 0.28 15.97
N VAL H 147 9.58 -0.88 16.32
CA VAL H 147 8.59 -0.99 17.40
C VAL H 147 8.98 -2.10 18.37
N VAL H 148 9.13 -1.80 19.66
CA VAL H 148 9.33 -2.88 20.63
C VAL H 148 8.46 -2.63 21.84
N LYS H 149 8.13 -3.70 22.56
CA LYS H 149 7.62 -3.52 23.93
C LYS H 149 8.71 -3.93 24.90
N VAL H 150 8.92 -3.10 25.92
CA VAL H 150 9.93 -3.42 26.95
C VAL H 150 9.27 -3.71 28.30
N ALA H 151 9.53 -4.87 28.87
CA ALA H 151 8.98 -5.23 30.18
C ALA H 151 10.09 -5.74 31.09
N TRP H 152 10.04 -5.38 32.38
CA TRP H 152 11.03 -5.84 33.36
C TRP H 152 10.37 -6.84 34.30
N LYS H 153 11.16 -7.84 34.75
CA LYS H 153 10.67 -8.88 35.65
C LYS H 153 11.62 -9.00 36.82
N ALA H 154 11.07 -9.46 37.94
CA ALA H 154 11.89 -9.67 39.12
C ALA H 154 11.37 -10.96 39.66
N ASP H 155 12.23 -11.98 39.69
CA ASP H 155 11.86 -13.36 40.10
C ASP H 155 10.53 -13.79 39.45
N GLY H 156 10.41 -13.61 38.14
CA GLY H 156 9.14 -13.92 37.46
C GLY H 156 8.18 -12.74 37.33
N ASN H 157 8.01 -12.02 38.43
CA ASN H 157 6.99 -10.99 38.56
C ASN H 157 7.20 -9.73 37.73
N SER H 158 6.09 -9.15 37.24
CA SER H 158 6.16 -7.87 36.57
C SER H 158 6.68 -6.77 37.47
N VAL H 159 7.50 -5.88 36.90
CA VAL H 159 7.96 -4.71 37.59
C VAL H 159 7.23 -3.54 36.99
N ASN H 160 6.54 -2.79 37.85
CA ASN H 160 5.58 -1.79 37.41
C ASN H 160 5.84 -0.44 38.03
N THR H 161 7.03 -0.27 38.59
CA THR H 161 7.44 1.02 39.14
C THR H 161 8.91 1.20 38.85
N GLY H 162 9.31 2.45 38.59
CA GLY H 162 10.73 2.83 38.40
C GLY H 162 11.28 2.58 36.98
N VAL H 163 10.38 2.25 36.05
CA VAL H 163 10.79 1.99 34.65
C VAL H 163 10.69 3.22 33.78
N GLU H 164 11.79 3.58 33.10
CA GLU H 164 11.73 4.60 32.09
C GLU H 164 12.32 4.06 30.78
N THR H 165 11.51 4.09 29.72
CA THR H 165 11.95 3.58 28.41
C THR H 165 11.87 4.62 27.28
N THR H 166 12.91 4.71 26.46
CA THR H 166 12.89 5.66 25.35
C THR H 166 12.00 5.17 24.19
N THR H 167 11.56 6.14 23.41
CA THR H 167 10.98 5.83 22.14
C THR H 167 12.09 5.42 21.17
N PRO H 168 11.80 4.53 20.22
CA PRO H 168 12.87 4.11 19.31
C PRO H 168 13.43 5.25 18.42
N SER H 169 14.74 5.28 18.22
CA SER H 169 15.35 6.27 17.31
C SER H 169 15.98 5.56 16.16
N LYS H 170 15.87 6.15 14.97
CA LYS H 170 16.43 5.48 13.80
C LYS H 170 17.95 5.63 13.83
N GLN H 171 18.66 4.51 13.66
CA GLN H 171 20.09 4.55 13.46
C GLN H 171 20.46 4.93 12.02
N SER H 172 21.76 5.06 11.75
CA SER H 172 22.26 5.47 10.44
C SER H 172 22.03 4.33 9.43
N ASN H 173 21.97 3.09 9.94
CA ASN H 173 21.70 1.91 9.10
C ASN H 173 20.21 1.60 8.89
N ASN H 174 19.35 2.59 9.16
CA ASN H 174 17.89 2.43 9.10
C ASN H 174 17.21 1.46 10.08
N LYS H 175 18.00 0.73 10.88
CA LYS H 175 17.47 -0.03 11.99
C LYS H 175 17.33 0.95 13.16
N TYR H 176 16.85 0.44 14.31
CA TYR H 176 16.49 1.32 15.44
C TYR H 176 17.17 0.86 16.72
N ALA H 177 17.30 1.81 17.65
CA ALA H 177 17.84 1.64 18.97
C ALA H 177 16.88 2.23 19.99
N ALA H 178 16.93 1.69 21.21
CA ALA H 178 16.09 2.18 22.30
C ALA H 178 16.82 1.82 23.57
N SER H 179 16.41 2.41 24.68
CA SER H 179 16.97 2.04 25.97
C SER H 179 15.88 2.09 27.04
N SER H 180 16.07 1.33 28.09
CA SER H 180 15.17 1.29 29.22
C SER H 180 16.00 1.27 30.50
N TYR H 181 15.62 2.11 31.46
CA TYR H 181 16.26 2.26 32.77
C TYR H 181 15.31 1.83 33.88
N LEU H 182 15.72 0.84 34.68
CA LEU H 182 14.96 0.52 35.90
C LEU H 182 15.67 1.02 37.15
N SER H 183 15.03 1.98 37.82
CA SER H 183 15.66 2.67 38.95
C SER H 183 15.17 2.09 40.30
N LEU H 184 16.10 1.55 41.07
CA LEU H 184 15.81 0.85 42.33
C LEU H 184 16.70 1.43 43.42
N THR H 185 16.39 1.05 44.67
CA THR H 185 17.33 1.23 45.78
C THR H 185 18.26 0.00 45.76
N SER H 186 19.38 0.04 46.47
CA SER H 186 20.18 -1.16 46.68
C SER H 186 19.41 -2.30 47.39
N ASP H 187 18.66 -1.98 48.43
CA ASP H 187 17.84 -2.96 49.15
C ASP H 187 16.92 -3.75 48.22
N GLN H 188 16.27 -3.02 47.29
CA GLN H 188 15.43 -3.68 46.27
C GLN H 188 16.21 -4.62 45.37
N TRP H 189 17.28 -4.10 44.73
CA TRP H 189 18.25 -4.88 43.93
C TRP H 189 18.65 -6.19 44.61
N LYS H 190 19.11 -6.09 45.88
CA LYS H 190 19.57 -7.27 46.64
C LYS H 190 18.45 -8.23 47.12
N SER H 191 17.21 -7.78 47.11
CA SER H 191 16.14 -8.65 47.61
C SER H 191 15.56 -9.64 46.60
N HIS H 192 15.99 -9.59 45.34
CA HIS H 192 15.57 -10.58 44.35
C HIS H 192 16.73 -11.45 43.86
N LYS H 193 16.40 -12.65 43.39
CA LYS H 193 17.45 -13.52 42.85
C LYS H 193 18.00 -12.92 41.56
N SER H 194 17.14 -12.25 40.79
CA SER H 194 17.58 -11.71 39.51
C SER H 194 16.49 -10.84 38.95
N TYR H 195 16.85 -9.95 38.03
CA TYR H 195 15.91 -9.10 37.29
C TYR H 195 16.19 -9.33 35.81
N SER H 196 15.16 -9.22 34.99
CA SER H 196 15.32 -9.39 33.54
C SER H 196 14.72 -8.20 32.83
N CYS H 197 15.33 -7.87 31.69
CA CYS H 197 14.79 -6.95 30.71
C CYS H 197 14.33 -7.81 29.52
N GLN H 198 13.05 -7.71 29.19
CA GLN H 198 12.48 -8.49 28.11
C GLN H 198 12.02 -7.55 27.00
N VAL H 199 12.55 -7.74 25.81
CA VAL H 199 12.27 -6.82 24.73
C VAL H 199 11.50 -7.64 23.73
N THR H 200 10.21 -7.31 23.53
CA THR H 200 9.44 -8.06 22.55
C THR H 200 9.33 -7.35 21.19
N HIS H 201 9.60 -8.09 20.11
CA HIS H 201 9.62 -7.47 18.78
C HIS H 201 9.05 -8.47 17.81
N GLU H 202 8.01 -8.06 17.09
CA GLU H 202 7.33 -8.98 16.24
C GLU H 202 6.92 -10.35 16.92
N GLY H 203 6.43 -10.32 18.16
CA GLY H 203 5.99 -11.50 18.86
C GLY H 203 7.09 -12.30 19.55
N SER H 204 8.36 -12.05 19.20
CA SER H 204 9.48 -12.74 19.87
C SER H 204 10.21 -11.90 20.86
N THR H 205 10.40 -12.47 22.03
CA THR H 205 11.05 -11.80 23.13
C THR H 205 12.53 -12.11 23.26
N VAL H 206 13.35 -11.06 23.25
CA VAL H 206 14.79 -11.20 23.63
C VAL H 206 14.93 -10.81 25.11
N GLU H 207 15.48 -11.70 25.93
CA GLU H 207 15.57 -11.46 27.40
C GLU H 207 17.02 -11.60 27.89
N LYS H 208 17.49 -10.60 28.65
CA LYS H 208 18.77 -10.66 29.33
C LYS H 208 18.47 -10.59 30.84
N THR H 209 19.29 -11.27 31.63
CA THR H 209 19.05 -11.38 33.08
C THR H 209 20.34 -11.03 33.79
N VAL H 210 20.26 -10.32 34.93
CA VAL H 210 21.40 -10.02 35.80
C VAL H 210 21.06 -10.35 37.26
N ALA H 211 22.08 -10.67 38.07
CA ALA H 211 21.86 -11.10 39.46
C ALA H 211 22.89 -10.45 40.36
N PRO H 212 22.50 -10.15 41.62
CA PRO H 212 23.39 -9.46 42.56
C PRO H 212 24.65 -10.27 42.79
S SO4 I . -3.75 -7.63 -37.07
O1 SO4 I . -3.58 -6.55 -38.03
O2 SO4 I . -5.18 -7.95 -37.15
O3 SO4 I . -2.96 -8.84 -37.34
O4 SO4 I . -3.46 -7.12 -35.74
CL CL J . -40.94 21.09 -8.90
CL CL K . -24.40 22.02 -34.27
CL CL L . -17.98 -11.21 -1.96
CL CL M . 24.20 25.70 -30.78
CL CL N . 21.28 30.81 -33.46
CL CL O . 24.16 -5.38 4.81
CL CL P . -11.10 -11.98 -9.51
C1 GOL Q . -25.55 28.85 27.94
O1 GOL Q . -26.35 29.16 29.07
C2 GOL Q . -25.32 27.35 27.81
O2 GOL Q . -26.00 27.12 26.64
C3 GOL Q . -23.80 26.97 27.75
O3 GOL Q . -23.38 26.51 26.47
S SO4 R . -22.76 32.96 17.98
O1 SO4 R . -23.94 33.45 17.29
O2 SO4 R . -22.72 31.52 17.76
O3 SO4 R . -21.54 33.55 17.46
O4 SO4 R . -22.81 33.19 19.42
CL CL S . 6.41 -2.76 41.59
CL CL T . -14.01 4.14 -0.96
#